data_1ADZ
#
_entry.id   1ADZ
#
_cell.length_a   1.000
_cell.length_b   1.000
_cell.length_c   1.000
_cell.angle_alpha   90.00
_cell.angle_beta   90.00
_cell.angle_gamma   90.00
#
_symmetry.space_group_name_H-M   'P 1'
#
_entity_poly.entity_id   1
_entity_poly.type   'polypeptide(L)'
_entity_poly.pdbx_seq_one_letter_code
;DYKDDDDKLKPDFCFLEEDPGICRGYITRYFYNNQTKQCERFKYGGCLGNMNNFETLEECKNICEDGPNGF
;
_entity_poly.pdbx_strand_id   A
#
# COMPACT_ATOMS: atom_id res chain seq x y z
N ASP A 1 -1.47 -2.14 4.93
CA ASP A 1 -1.93 -1.58 3.67
C ASP A 1 -3.45 -1.44 3.71
N TYR A 2 -3.94 -0.19 3.72
CA TYR A 2 -5.37 0.02 3.75
C TYR A 2 -5.93 -0.50 5.08
N LYS A 3 -7.20 -0.93 5.09
CA LYS A 3 -7.84 -1.43 6.29
C LYS A 3 -8.43 -2.82 6.01
N ASP A 4 -9.02 -3.45 7.04
CA ASP A 4 -9.61 -4.76 6.90
C ASP A 4 -10.88 -4.66 6.04
N ASP A 5 -10.69 -4.53 4.71
CA ASP A 5 -11.80 -4.42 3.79
C ASP A 5 -12.62 -5.70 3.84
N ASP A 6 -13.71 -5.76 3.05
CA ASP A 6 -14.59 -6.92 3.01
C ASP A 6 -15.56 -6.86 4.18
N ASP A 7 -15.02 -6.83 5.42
CA ASP A 7 -15.84 -6.77 6.61
C ASP A 7 -16.44 -5.37 6.75
N LYS A 8 -17.25 -4.96 5.76
CA LYS A 8 -17.88 -3.66 5.77
C LYS A 8 -16.93 -2.65 6.41
N LEU A 9 -15.65 -2.68 6.00
CA LEU A 9 -14.64 -1.76 6.52
C LEU A 9 -14.91 -1.52 8.00
N LYS A 10 -14.48 -2.46 8.87
CA LYS A 10 -14.67 -2.35 10.29
C LYS A 10 -13.31 -2.10 10.97
N PRO A 11 -13.33 -1.37 12.11
CA PRO A 11 -12.13 -1.04 12.86
C PRO A 11 -11.58 -2.27 13.57
N ASP A 12 -10.45 -2.80 13.06
CA ASP A 12 -9.82 -3.98 13.64
C ASP A 12 -9.36 -3.65 15.06
N PHE A 13 -9.02 -2.38 15.30
CA PHE A 13 -8.57 -1.93 16.62
C PHE A 13 -9.63 -2.26 17.66
N CYS A 14 -10.90 -2.35 17.22
CA CYS A 14 -12.01 -2.66 18.11
C CYS A 14 -11.84 -4.08 18.65
N PHE A 15 -11.37 -5.00 17.78
CA PHE A 15 -11.16 -6.39 18.16
C PHE A 15 -9.86 -6.51 18.95
N LEU A 16 -9.12 -5.38 19.06
CA LEU A 16 -7.86 -5.37 19.78
C LEU A 16 -8.14 -5.44 21.29
N GLU A 17 -7.39 -6.30 22.00
CA GLU A 17 -7.56 -6.47 23.43
C GLU A 17 -7.61 -5.09 24.09
N GLU A 18 -8.18 -5.03 25.31
CA GLU A 18 -8.30 -3.79 26.05
C GLU A 18 -6.92 -3.34 26.50
N ASP A 19 -6.67 -2.02 26.47
CA ASP A 19 -5.39 -1.46 26.88
C ASP A 19 -5.63 -0.16 27.64
N PRO A 20 -5.48 -0.20 28.97
CA PRO A 20 -5.66 0.94 29.85
C PRO A 20 -4.46 1.90 29.77
N GLY A 21 -3.24 1.34 29.81
CA GLY A 21 -2.03 2.14 29.75
C GLY A 21 -1.11 1.76 30.91
N ILE A 22 -0.28 2.73 31.36
CA ILE A 22 0.65 2.49 32.45
C ILE A 22 0.06 3.10 33.74
N CYS A 23 -0.22 4.41 33.71
CA CYS A 23 -0.78 5.11 34.86
C CYS A 23 -2.11 4.47 35.24
N ARG A 24 -2.13 3.74 36.37
CA ARG A 24 -3.33 3.09 36.84
C ARG A 24 -4.32 4.13 37.36
N GLY A 25 -4.75 5.04 36.46
CA GLY A 25 -5.69 6.09 36.81
C GLY A 25 -7.11 5.51 36.88
N TYR A 26 -7.45 4.64 35.90
CA TYR A 26 -8.78 4.06 35.90
C TYR A 26 -9.82 5.17 35.70
N ILE A 27 -10.69 5.02 34.68
CA ILE A 27 -11.71 6.01 34.39
C ILE A 27 -12.96 5.30 33.85
N THR A 28 -13.09 4.00 34.16
CA THR A 28 -14.23 3.21 33.71
C THR A 28 -14.47 3.49 32.21
N ARG A 29 -13.63 2.89 31.35
CA ARG A 29 -13.76 3.06 29.92
C ARG A 29 -14.44 1.83 29.31
N TYR A 30 -14.61 1.83 27.98
CA TYR A 30 -15.25 0.70 27.34
C TYR A 30 -14.40 0.23 26.16
N PHE A 31 -14.54 -1.05 25.77
CA PHE A 31 -13.78 -1.61 24.66
C PHE A 31 -14.54 -2.80 24.08
N TYR A 32 -14.38 -3.02 22.76
CA TYR A 32 -15.08 -4.14 22.14
C TYR A 32 -14.32 -5.43 22.41
N ASN A 33 -14.76 -6.21 23.40
CA ASN A 33 -14.11 -7.46 23.76
C ASN A 33 -14.69 -8.60 22.91
N ASN A 34 -13.80 -9.34 22.23
CA ASN A 34 -14.22 -10.44 21.38
C ASN A 34 -14.77 -11.58 22.26
N GLN A 35 -14.32 -11.62 23.53
CA GLN A 35 -14.76 -12.64 24.46
C GLN A 35 -16.29 -12.69 24.48
N THR A 36 -16.93 -11.51 24.37
CA THR A 36 -18.38 -11.42 24.37
C THR A 36 -18.85 -10.69 23.11
N LYS A 37 -17.98 -10.66 22.09
CA LYS A 37 -18.31 -10.00 20.83
C LYS A 37 -19.20 -8.79 21.11
N GLN A 38 -18.74 -7.89 21.99
CA GLN A 38 -19.49 -6.70 22.34
C GLN A 38 -18.59 -5.75 23.14
N CYS A 39 -19.14 -4.58 23.53
CA CYS A 39 -18.39 -3.59 24.28
C CYS A 39 -18.47 -3.93 25.78
N GLU A 40 -17.30 -4.12 26.41
CA GLU A 40 -17.24 -4.44 27.82
C GLU A 40 -16.59 -3.29 28.58
N ARG A 41 -17.05 -3.05 29.82
CA ARG A 41 -16.52 -1.98 30.65
C ARG A 41 -15.17 -2.41 31.23
N PHE A 42 -14.08 -1.72 30.82
CA PHE A 42 -12.75 -2.03 31.31
C PHE A 42 -12.12 -0.76 31.88
N LYS A 43 -11.21 -0.95 32.86
CA LYS A 43 -10.53 0.18 33.50
C LYS A 43 -9.63 0.87 32.47
N TYR A 44 -9.30 2.15 32.72
CA TYR A 44 -8.46 2.87 31.78
C TYR A 44 -7.36 3.60 32.55
N GLY A 45 -6.09 3.37 32.18
CA GLY A 45 -4.96 4.00 32.83
C GLY A 45 -4.89 5.47 32.42
N GLY A 46 -4.58 5.72 31.13
CA GLY A 46 -4.47 7.07 30.62
C GLY A 46 -3.21 7.19 29.75
N CYS A 47 -2.19 7.90 30.27
CA CYS A 47 -0.94 8.09 29.54
C CYS A 47 -0.92 7.17 28.32
N LEU A 48 -0.27 5.99 28.47
CA LEU A 48 -0.17 5.03 27.38
C LEU A 48 -1.58 4.57 26.99
N GLY A 49 -1.76 3.25 26.85
CA GLY A 49 -3.05 2.68 26.49
C GLY A 49 -3.00 2.21 25.04
N ASN A 50 -4.17 2.20 24.36
CA ASN A 50 -4.26 1.78 22.98
C ASN A 50 -5.43 2.49 22.30
N MET A 51 -5.98 1.88 21.24
CA MET A 51 -7.10 2.46 20.51
C MET A 51 -8.41 2.01 21.17
N ASN A 52 -8.60 0.68 21.28
CA ASN A 52 -9.81 0.13 21.88
C ASN A 52 -9.91 0.61 23.32
N ASN A 53 -10.32 1.88 23.51
CA ASN A 53 -10.46 2.46 24.84
C ASN A 53 -11.51 3.58 24.79
N PHE A 54 -12.77 3.22 24.53
CA PHE A 54 -13.86 4.18 24.45
C PHE A 54 -14.20 4.66 25.87
N GLU A 55 -15.05 5.70 25.97
CA GLU A 55 -15.45 6.25 27.25
C GLU A 55 -16.90 5.83 27.54
N THR A 56 -17.73 5.75 26.50
CA THR A 56 -19.12 5.36 26.65
C THR A 56 -19.39 4.10 25.83
N LEU A 57 -20.28 3.22 26.33
CA LEU A 57 -20.62 1.98 25.64
C LEU A 57 -21.14 2.31 24.24
N GLU A 58 -22.14 3.22 24.17
CA GLU A 58 -22.73 3.62 22.90
C GLU A 58 -21.62 4.07 21.96
N GLU A 59 -20.58 4.72 22.51
CA GLU A 59 -19.47 5.20 21.72
C GLU A 59 -18.68 4.01 21.16
N CYS A 60 -18.39 3.03 22.02
CA CYS A 60 -17.65 1.84 21.62
C CYS A 60 -18.51 1.02 20.66
N LYS A 61 -19.84 1.14 20.78
CA LYS A 61 -20.77 0.42 19.92
C LYS A 61 -20.85 1.11 18.56
N ASN A 62 -21.10 2.43 18.58
CA ASN A 62 -21.20 3.20 17.35
C ASN A 62 -19.95 2.98 16.50
N ILE A 63 -18.78 2.98 17.16
CA ILE A 63 -17.51 2.76 16.46
C ILE A 63 -17.35 1.28 16.14
N CYS A 64 -17.45 0.43 17.17
CA CYS A 64 -17.31 -1.02 16.99
C CYS A 64 -18.62 -1.58 16.44
N GLU A 65 -19.59 -1.84 17.35
CA GLU A 65 -20.88 -2.38 16.96
C GLU A 65 -21.32 -1.76 15.63
N ASP A 66 -20.87 -0.52 15.37
CA ASP A 66 -21.21 0.18 14.14
C ASP A 66 -22.66 -0.14 13.76
N GLY A 67 -23.62 0.45 14.50
CA GLY A 67 -25.03 0.23 14.24
C GLY A 67 -25.40 0.83 12.88
N PRO A 68 -25.36 2.17 12.78
CA PRO A 68 -25.67 2.89 11.56
C PRO A 68 -24.55 2.75 10.53
N ASN A 69 -24.32 1.51 10.06
CA ASN A 69 -23.29 1.24 9.08
C ASN A 69 -22.02 2.01 9.45
N GLY A 70 -21.91 3.27 8.98
CA GLY A 70 -20.76 4.11 9.26
C GLY A 70 -20.70 4.39 10.76
N PHE A 71 -20.61 5.69 11.12
CA PHE A 71 -20.55 6.09 12.52
C PHE A 71 -19.91 7.48 12.61
N ASP A 1 -1.47 -2.14 4.93
CA ASP A 1 -1.93 -1.58 3.67
C ASP A 1 -2.93 -0.46 3.96
N TYR A 2 -3.82 -0.69 4.94
CA TYR A 2 -4.81 0.34 5.26
C TYR A 2 -4.18 1.37 6.17
N LYS A 3 -3.15 2.09 5.68
CA LYS A 3 -2.46 3.09 6.46
C LYS A 3 -1.37 3.76 5.60
N ASP A 4 -0.63 2.93 4.84
CA ASP A 4 0.43 3.44 3.98
C ASP A 4 0.18 2.96 2.55
N ASP A 5 0.58 3.79 1.57
CA ASP A 5 0.40 3.46 0.17
C ASP A 5 -0.93 4.03 -0.33
N ASP A 6 -1.89 4.22 0.59
CA ASP A 6 -3.18 4.77 0.25
C ASP A 6 -3.00 6.14 -0.40
N ASP A 7 -2.63 7.15 0.41
CA ASP A 7 -2.43 8.50 -0.09
C ASP A 7 -1.87 9.37 1.03
N LYS A 8 -1.15 10.45 0.66
CA LYS A 8 -0.57 11.36 1.63
C LYS A 8 -1.27 12.71 1.54
N LEU A 9 -2.55 12.70 1.12
CA LEU A 9 -3.33 13.92 0.99
C LEU A 9 -2.40 15.07 0.56
N LYS A 10 -1.42 14.75 -0.31
CA LYS A 10 -0.48 15.75 -0.79
C LYS A 10 -0.34 15.62 -2.30
N PRO A 11 0.09 16.70 -2.97
CA PRO A 11 0.28 16.73 -4.41
C PRO A 11 1.55 16.00 -4.82
N ASP A 12 1.39 14.76 -5.35
CA ASP A 12 2.52 13.95 -5.77
C ASP A 12 3.27 14.69 -6.88
N PHE A 13 2.54 15.45 -7.72
CA PHE A 13 3.13 16.20 -8.81
C PHE A 13 4.26 17.08 -8.27
N CYS A 14 4.11 17.53 -7.00
CA CYS A 14 5.11 18.37 -6.37
C CYS A 14 6.42 17.59 -6.23
N PHE A 15 6.32 16.30 -5.89
CA PHE A 15 7.49 15.44 -5.72
C PHE A 15 8.02 15.04 -7.10
N LEU A 16 7.33 15.48 -8.16
CA LEU A 16 7.73 15.16 -9.53
C LEU A 16 8.86 16.09 -9.95
N GLU A 17 9.80 15.56 -10.75
CA GLU A 17 10.94 16.33 -11.22
C GLU A 17 10.44 17.64 -11.85
N GLU A 18 11.38 18.53 -12.20
CA GLU A 18 11.03 19.81 -12.81
C GLU A 18 10.80 19.61 -14.31
N ASP A 19 9.84 20.37 -14.88
CA ASP A 19 9.53 20.28 -16.28
C ASP A 19 9.25 21.68 -16.84
N PRO A 20 10.25 22.26 -17.53
CA PRO A 20 10.14 23.58 -18.12
C PRO A 20 9.25 23.58 -19.35
N GLY A 21 9.83 23.28 -20.52
CA GLY A 21 9.09 23.23 -21.77
C GLY A 21 10.05 22.94 -22.92
N ILE A 22 9.63 22.08 -23.86
CA ILE A 22 10.44 21.73 -25.01
C ILE A 22 11.04 22.99 -25.62
N CYS A 23 10.35 24.13 -25.43
CA CYS A 23 10.81 25.40 -25.97
C CYS A 23 11.96 25.92 -25.10
N ARG A 24 11.73 27.06 -24.42
CA ARG A 24 12.73 27.65 -23.56
C ARG A 24 12.08 28.74 -22.69
N GLY A 25 11.85 29.92 -23.27
CA GLY A 25 11.23 31.02 -22.56
C GLY A 25 12.06 31.34 -21.31
N TYR A 26 11.77 30.62 -20.21
CA TYR A 26 12.50 30.88 -18.98
C TYR A 26 11.90 32.08 -18.26
N ILE A 27 11.30 31.83 -17.08
CA ILE A 27 10.67 32.90 -16.31
C ILE A 27 11.03 32.73 -14.83
N THR A 28 12.11 31.97 -14.55
CA THR A 28 12.54 31.72 -13.20
C THR A 28 11.38 31.16 -12.38
N ARG A 29 10.95 29.93 -12.71
CA ARG A 29 9.85 29.28 -12.02
C ARG A 29 10.41 28.44 -10.86
N TYR A 30 9.51 27.94 -10.00
CA TYR A 30 9.97 27.14 -8.88
C TYR A 30 9.30 25.77 -8.93
N PHE A 31 9.93 24.75 -8.32
CA PHE A 31 9.39 23.40 -8.30
C PHE A 31 9.90 22.67 -7.06
N TYR A 32 9.03 21.85 -6.43
CA TYR A 32 9.44 21.13 -5.25
C TYR A 32 10.33 19.95 -5.66
N ASN A 33 11.64 20.05 -5.38
CA ASN A 33 12.58 19.00 -5.73
C ASN A 33 12.74 18.05 -4.54
N ASN A 34 12.38 16.77 -4.74
CA ASN A 34 12.49 15.77 -3.68
C ASN A 34 13.96 15.56 -3.34
N GLN A 35 14.85 15.80 -4.32
CA GLN A 35 16.28 15.64 -4.12
C GLN A 35 16.69 16.35 -2.82
N THR A 36 16.15 17.55 -2.60
CA THR A 36 16.46 18.33 -1.41
C THR A 36 15.22 18.38 -0.51
N LYS A 37 14.08 17.90 -1.03
CA LYS A 37 12.84 17.90 -0.27
C LYS A 37 12.42 19.34 0.03
N GLN A 38 12.42 20.20 -1.02
CA GLN A 38 12.05 21.58 -0.87
C GLN A 38 11.88 22.22 -2.25
N CYS A 39 11.41 23.47 -2.30
CA CYS A 39 11.21 24.18 -3.55
C CYS A 39 12.56 24.65 -4.10
N GLU A 40 12.85 24.32 -5.36
CA GLU A 40 14.09 24.70 -5.99
C GLU A 40 13.79 25.52 -7.26
N ARG A 41 14.53 26.63 -7.44
CA ARG A 41 14.35 27.50 -8.59
C ARG A 41 14.75 26.74 -9.86
N PHE A 42 14.02 27.00 -10.97
CA PHE A 42 14.30 26.34 -12.24
C PHE A 42 13.64 27.14 -13.36
N LYS A 43 14.24 27.10 -14.57
CA LYS A 43 13.72 27.80 -15.72
C LYS A 43 12.33 27.25 -16.06
N TYR A 44 11.83 27.59 -17.26
CA TYR A 44 10.51 27.10 -17.64
C TYR A 44 10.38 27.16 -19.17
N GLY A 45 9.50 28.04 -19.67
CA GLY A 45 9.27 28.17 -21.11
C GLY A 45 7.79 28.42 -21.37
N GLY A 46 6.95 27.39 -21.14
CA GLY A 46 5.52 27.49 -21.34
C GLY A 46 5.06 26.38 -22.28
N CYS A 47 5.23 26.59 -23.60
CA CYS A 47 4.84 25.62 -24.61
C CYS A 47 4.47 24.30 -23.90
N LEU A 48 5.48 23.62 -23.34
CA LEU A 48 5.27 22.36 -22.64
C LEU A 48 5.74 22.50 -21.19
N GLY A 49 5.92 21.35 -20.51
CA GLY A 49 6.38 21.34 -19.13
C GLY A 49 5.57 20.30 -18.35
N ASN A 50 5.32 20.58 -17.06
CA ASN A 50 4.57 19.67 -16.20
C ASN A 50 3.74 20.48 -15.21
N MET A 51 3.37 19.84 -14.08
CA MET A 51 2.59 20.50 -13.05
C MET A 51 3.52 21.17 -12.04
N ASN A 52 4.58 20.44 -11.62
CA ASN A 52 5.54 20.96 -10.67
C ASN A 52 6.31 22.13 -11.31
N ASN A 53 5.58 23.22 -11.60
CA ASN A 53 6.19 24.40 -12.21
C ASN A 53 5.51 25.66 -11.65
N PHE A 54 5.91 26.07 -10.45
CA PHE A 54 5.34 27.25 -9.82
C PHE A 54 6.07 28.50 -10.33
N GLU A 55 5.74 29.66 -9.75
CA GLU A 55 6.35 30.92 -10.15
C GLU A 55 7.14 31.50 -8.97
N THR A 56 6.64 31.28 -7.74
CA THR A 56 7.29 31.77 -6.54
C THR A 56 7.65 30.59 -5.64
N LEU A 57 8.64 30.79 -4.75
CA LEU A 57 9.08 29.75 -3.84
C LEU A 57 8.00 29.51 -2.79
N GLU A 58 7.48 30.61 -2.19
CA GLU A 58 6.45 30.51 -1.17
C GLU A 58 5.22 29.82 -1.77
N GLU A 59 4.95 30.08 -3.06
CA GLU A 59 3.81 29.48 -3.74
C GLU A 59 4.05 27.98 -3.92
N CYS A 60 5.25 27.63 -4.41
CA CYS A 60 5.61 26.23 -4.63
C CYS A 60 5.59 25.49 -3.28
N LYS A 61 5.90 26.21 -2.20
CA LYS A 61 5.92 25.63 -0.87
C LYS A 61 4.49 25.54 -0.32
N ASN A 62 3.71 26.64 -0.49
CA ASN A 62 2.34 26.69 -0.04
C ASN A 62 1.57 25.50 -0.60
N ILE A 63 1.81 25.19 -1.88
CA ILE A 63 1.14 24.09 -2.55
C ILE A 63 1.77 22.77 -2.10
N CYS A 64 3.12 22.68 -2.20
CA CYS A 64 3.84 21.48 -1.82
C CYS A 64 4.08 21.51 -0.30
N GLU A 65 5.14 22.23 0.13
CA GLU A 65 5.47 22.34 1.53
C GLU A 65 4.19 22.37 2.36
N ASP A 66 3.12 22.96 1.80
CA ASP A 66 1.84 23.05 2.48
C ASP A 66 1.74 24.40 3.20
N GLY A 67 0.58 24.68 3.79
CA GLY A 67 0.35 25.93 4.51
C GLY A 67 -1.14 26.10 4.79
N PRO A 68 -1.54 27.31 5.20
CA PRO A 68 -2.93 27.64 5.50
C PRO A 68 -3.74 27.82 4.22
N ASN A 69 -3.73 26.79 3.35
CA ASN A 69 -4.47 26.85 2.10
C ASN A 69 -5.83 26.17 2.28
N GLY A 70 -5.89 25.22 3.22
CA GLY A 70 -7.12 24.49 3.50
C GLY A 70 -6.96 23.04 3.08
N PHE A 71 -5.78 22.45 3.39
CA PHE A 71 -5.50 21.06 3.05
C PHE A 71 -6.52 20.16 3.75
N ASP A 1 -1.47 -2.14 4.93
CA ASP A 1 -1.93 -1.58 3.67
C ASP A 1 -0.76 -1.51 2.69
N TYR A 2 0.20 -2.45 2.84
CA TYR A 2 1.35 -2.43 1.94
C TYR A 2 0.86 -2.60 0.50
N LYS A 3 0.78 -1.48 -0.25
CA LYS A 3 0.32 -1.51 -1.63
C LYS A 3 1.51 -1.76 -2.56
N ASP A 4 2.71 -1.32 -2.12
CA ASP A 4 3.92 -1.48 -2.91
C ASP A 4 5.14 -1.44 -1.98
N ASP A 5 6.30 -1.90 -2.47
CA ASP A 5 7.52 -1.90 -1.70
C ASP A 5 8.13 -0.50 -1.70
N ASP A 6 7.74 0.32 -0.70
CA ASP A 6 8.24 1.68 -0.58
C ASP A 6 8.97 1.83 0.75
N ASP A 7 10.07 2.61 0.75
CA ASP A 7 10.86 2.84 1.94
C ASP A 7 9.93 3.25 3.09
N LYS A 8 10.09 2.59 4.26
CA LYS A 8 9.27 2.88 5.42
C LYS A 8 9.27 4.39 5.67
N LEU A 9 10.41 5.05 5.39
CA LEU A 9 10.54 6.48 5.59
C LEU A 9 11.37 7.07 4.45
N LYS A 10 12.53 7.67 4.78
CA LYS A 10 13.39 8.28 3.79
C LYS A 10 14.84 7.86 4.08
N PRO A 11 15.70 7.92 3.04
CA PRO A 11 17.10 7.56 3.14
C PRO A 11 17.89 8.64 3.87
N ASP A 12 18.27 8.36 5.13
CA ASP A 12 19.02 9.30 5.94
C ASP A 12 20.38 9.56 5.29
N PHE A 13 20.88 8.57 4.54
CA PHE A 13 22.17 8.68 3.87
C PHE A 13 22.13 9.90 2.94
N CYS A 14 20.93 10.27 2.46
CA CYS A 14 20.76 11.41 1.57
C CYS A 14 21.17 12.69 2.31
N PHE A 15 20.85 12.76 3.61
CA PHE A 15 21.17 13.93 4.42
C PHE A 15 22.55 13.72 5.05
N LEU A 16 23.32 12.74 4.54
CA LEU A 16 24.65 12.45 5.05
C LEU A 16 25.66 13.37 4.38
N GLU A 17 26.47 14.08 5.19
CA GLU A 17 27.48 14.98 4.67
C GLU A 17 28.15 14.35 3.44
N GLU A 18 28.34 15.15 2.38
CA GLU A 18 28.95 14.68 1.16
C GLU A 18 30.36 14.16 1.47
N ASP A 19 30.68 12.95 0.97
CA ASP A 19 31.98 12.35 1.20
C ASP A 19 32.57 11.91 -0.15
N PRO A 20 33.44 12.75 -0.73
CA PRO A 20 34.09 12.47 -2.00
C PRO A 20 35.12 11.36 -1.87
N GLY A 21 35.68 11.19 -0.66
CA GLY A 21 36.67 10.16 -0.39
C GLY A 21 38.07 10.75 -0.57
N ILE A 22 39.04 10.25 0.23
CA ILE A 22 40.41 10.73 0.16
C ILE A 22 40.73 11.16 -1.27
N CYS A 23 41.00 10.17 -2.15
CA CYS A 23 41.31 10.45 -3.54
C CYS A 23 40.52 11.67 -4.01
N ARG A 24 41.08 12.41 -4.99
CA ARG A 24 40.42 13.60 -5.52
C ARG A 24 39.89 13.29 -6.92
N GLY A 25 39.36 12.07 -7.11
CA GLY A 25 38.82 11.65 -8.39
C GLY A 25 37.46 12.34 -8.62
N TYR A 26 37.47 13.68 -8.65
CA TYR A 26 36.22 14.39 -8.87
C TYR A 26 35.47 13.77 -10.04
N ILE A 27 34.13 13.89 -10.05
CA ILE A 27 33.31 13.34 -11.12
C ILE A 27 32.02 14.14 -11.24
N THR A 28 32.05 15.40 -10.77
CA THR A 28 30.89 16.28 -10.83
C THR A 28 29.64 15.47 -10.49
N ARG A 29 29.61 14.83 -9.31
CA ARG A 29 28.48 14.04 -8.88
C ARG A 29 27.48 14.94 -8.14
N TYR A 30 26.40 14.33 -7.62
CA TYR A 30 25.41 15.12 -6.91
C TYR A 30 25.11 14.47 -5.56
N PHE A 31 24.71 15.28 -4.57
CA PHE A 31 24.41 14.77 -3.23
C PHE A 31 23.35 15.66 -2.59
N TYR A 32 22.44 15.05 -1.82
CA TYR A 32 21.40 15.82 -1.18
C TYR A 32 21.97 16.52 0.06
N ASN A 33 22.04 17.86 0.03
CA ASN A 33 22.58 18.64 1.13
C ASN A 33 21.43 19.28 1.90
N ASN A 34 21.33 18.95 3.20
CA ASN A 34 20.28 19.48 4.06
C ASN A 34 20.45 21.00 4.17
N GLN A 35 21.70 21.48 4.04
CA GLN A 35 21.98 22.90 4.12
C GLN A 35 21.02 23.67 3.22
N THR A 36 20.82 23.16 1.99
CA THR A 36 19.92 23.79 1.04
C THR A 36 18.73 22.87 0.78
N LYS A 37 18.46 21.95 1.71
CA LYS A 37 17.36 21.01 1.58
C LYS A 37 17.14 20.68 0.10
N GLN A 38 18.22 20.27 -0.59
CA GLN A 38 18.15 19.93 -2.00
C GLN A 38 19.45 19.26 -2.42
N CYS A 39 19.52 18.82 -3.70
CA CYS A 39 20.71 18.18 -4.23
C CYS A 39 21.72 19.23 -4.65
N GLU A 40 22.99 19.06 -4.22
CA GLU A 40 24.05 19.99 -4.55
C GLU A 40 25.11 19.27 -5.38
N ARG A 41 25.57 19.93 -6.46
CA ARG A 41 26.59 19.36 -7.34
C ARG A 41 27.93 19.32 -6.60
N PHE A 42 28.46 18.10 -6.36
CA PHE A 42 29.72 17.92 -5.68
C PHE A 42 30.55 16.86 -6.39
N LYS A 43 31.88 16.99 -6.34
CA LYS A 43 32.78 16.05 -6.98
C LYS A 43 32.91 14.80 -6.12
N TYR A 44 32.90 13.62 -6.75
CA TYR A 44 33.00 12.39 -5.98
C TYR A 44 34.41 11.82 -6.14
N GLY A 45 35.26 11.97 -5.10
CA GLY A 45 36.63 11.47 -5.14
C GLY A 45 36.64 10.10 -5.81
N GLY A 46 35.84 9.16 -5.28
CA GLY A 46 35.77 7.81 -5.82
C GLY A 46 36.02 6.80 -4.70
N CYS A 47 36.94 7.14 -3.78
CA CYS A 47 37.28 6.27 -2.67
C CYS A 47 36.00 5.86 -1.94
N LEU A 48 36.15 5.12 -0.84
CA LEU A 48 35.01 4.66 -0.05
C LEU A 48 34.06 5.85 0.18
N GLY A 49 34.59 7.08 0.07
CA GLY A 49 33.80 8.28 0.27
C GLY A 49 32.70 8.00 1.30
N ASN A 50 31.46 7.78 0.82
CA ASN A 50 30.34 7.51 1.70
C ASN A 50 29.12 7.14 0.85
N MET A 51 27.91 7.30 1.41
CA MET A 51 26.68 6.98 0.71
C MET A 51 26.32 8.13 -0.23
N ASN A 52 25.63 9.16 0.31
CA ASN A 52 25.23 10.31 -0.47
C ASN A 52 26.25 10.55 -1.58
N ASN A 53 25.93 10.07 -2.80
CA ASN A 53 26.81 10.23 -3.94
C ASN A 53 26.09 9.78 -5.22
N PHE A 54 25.39 10.71 -5.88
CA PHE A 54 24.67 10.41 -7.10
C PHE A 54 25.46 10.91 -8.30
N GLU A 55 24.88 10.77 -9.51
CA GLU A 55 25.53 11.21 -10.73
C GLU A 55 24.72 12.35 -11.36
N THR A 56 23.38 12.26 -11.25
CA THR A 56 22.50 13.28 -11.80
C THR A 56 21.73 13.94 -10.65
N LEU A 57 21.42 15.24 -10.81
CA LEU A 57 20.68 15.98 -9.80
C LEU A 57 19.29 15.35 -9.62
N GLU A 58 18.57 15.14 -10.74
CA GLU A 58 17.25 14.54 -10.70
C GLU A 58 17.33 13.17 -10.02
N GLU A 59 18.44 12.45 -10.26
CA GLU A 59 18.64 11.13 -9.67
C GLU A 59 18.78 11.27 -8.15
N CYS A 60 19.63 12.21 -7.71
CA CYS A 60 19.86 12.44 -6.29
C CYS A 60 18.54 12.85 -5.63
N LYS A 61 17.67 13.54 -6.39
CA LYS A 61 16.38 13.98 -5.88
C LYS A 61 15.41 12.81 -5.89
N ASN A 62 15.44 12.01 -6.97
CA ASN A 62 14.56 10.86 -7.11
C ASN A 62 14.71 9.96 -5.88
N ILE A 63 15.96 9.62 -5.53
CA ILE A 63 16.23 8.77 -4.38
C ILE A 63 16.02 9.58 -3.10
N CYS A 64 16.53 10.82 -3.08
CA CYS A 64 16.39 11.69 -1.93
C CYS A 64 15.05 12.41 -1.99
N GLU A 65 15.03 13.60 -2.60
CA GLU A 65 13.80 14.38 -2.72
C GLU A 65 12.60 13.43 -2.81
N ASP A 66 12.79 12.29 -3.50
CA ASP A 66 11.73 11.31 -3.65
C ASP A 66 10.99 11.57 -4.97
N GLY A 67 10.23 10.56 -5.44
CA GLY A 67 9.47 10.68 -6.67
C GLY A 67 8.37 9.63 -6.69
N PRO A 68 7.64 9.54 -7.82
CA PRO A 68 6.54 8.61 -8.00
C PRO A 68 7.07 7.18 -8.24
N ASN A 69 8.18 7.08 -8.99
CA ASN A 69 8.78 5.80 -9.30
C ASN A 69 9.04 5.04 -7.99
N GLY A 70 9.78 5.67 -7.08
CA GLY A 70 10.10 5.06 -5.80
C GLY A 70 8.97 5.35 -4.80
N PHE A 71 8.41 6.58 -4.85
CA PHE A 71 7.34 6.97 -3.95
C PHE A 71 6.17 7.50 -4.79
N ASP A 1 -1.47 -2.14 4.93
CA ASP A 1 -1.93 -1.58 3.67
C ASP A 1 -2.70 -2.64 2.89
N TYR A 2 -3.51 -2.20 1.91
CA TYR A 2 -4.28 -3.16 1.13
C TYR A 2 -4.54 -2.59 -0.26
N LYS A 3 -5.44 -1.59 -0.35
CA LYS A 3 -5.79 -0.97 -1.62
C LYS A 3 -6.54 -1.99 -2.49
N ASP A 4 -5.82 -2.64 -3.42
CA ASP A 4 -6.42 -3.63 -4.30
C ASP A 4 -5.34 -4.61 -4.76
N ASP A 5 -4.34 -4.85 -3.89
CA ASP A 5 -3.25 -5.76 -4.20
C ASP A 5 -2.17 -5.02 -4.96
N ASP A 6 -2.21 -3.68 -4.92
CA ASP A 6 -1.23 -2.85 -5.60
C ASP A 6 0.06 -2.82 -4.79
N ASP A 7 0.89 -1.79 -5.00
CA ASP A 7 2.15 -1.65 -4.29
C ASP A 7 1.90 -1.76 -2.79
N LYS A 8 2.78 -2.50 -2.08
CA LYS A 8 2.65 -2.69 -0.65
C LYS A 8 3.85 -3.48 -0.13
N LEU A 9 4.17 -4.59 -0.80
CA LEU A 9 5.30 -5.43 -0.41
C LEU A 9 6.60 -4.69 -0.68
N LYS A 10 6.51 -3.53 -1.37
CA LYS A 10 7.68 -2.73 -1.68
C LYS A 10 8.57 -2.62 -0.44
N PRO A 11 9.89 -2.53 -0.66
CA PRO A 11 10.87 -2.41 0.41
C PRO A 11 10.77 -1.05 1.11
N ASP A 12 10.19 -1.03 2.32
CA ASP A 12 10.03 0.19 3.08
C ASP A 12 11.41 0.78 3.38
N PHE A 13 12.43 -0.10 3.50
CA PHE A 13 13.78 0.33 3.79
C PHE A 13 14.23 1.35 2.74
N CYS A 14 13.66 1.24 1.53
CA CYS A 14 13.99 2.14 0.43
C CYS A 14 13.58 3.57 0.81
N PHE A 15 12.42 3.70 1.46
CA PHE A 15 11.91 5.00 1.88
C PHE A 15 12.63 5.43 3.17
N LEU A 16 13.53 4.57 3.67
CA LEU A 16 14.28 4.87 4.88
C LEU A 16 15.36 5.91 4.57
N GLU A 17 15.37 7.02 5.33
CA GLU A 17 16.34 8.08 5.14
C GLU A 17 17.73 7.46 4.98
N GLU A 18 18.59 8.11 4.17
CA GLU A 18 19.94 7.63 3.94
C GLU A 18 20.74 7.72 5.25
N ASP A 19 21.69 6.78 5.43
CA ASP A 19 22.51 6.75 6.63
C ASP A 19 23.89 6.22 6.28
N PRO A 20 24.90 7.11 6.28
CA PRO A 20 26.28 6.77 5.97
C PRO A 20 26.97 6.13 7.17
N GLY A 21 26.52 6.50 8.39
CA GLY A 21 27.10 5.98 9.61
C GLY A 21 28.25 6.89 10.06
N ILE A 22 29.35 6.27 10.55
CA ILE A 22 30.51 7.03 11.01
C ILE A 22 31.65 6.84 10.02
N CYS A 23 32.39 5.72 10.16
CA CYS A 23 33.51 5.42 9.29
C CYS A 23 33.32 6.14 7.95
N ARG A 24 34.24 7.05 7.62
CA ARG A 24 34.17 7.81 6.38
C ARG A 24 33.73 6.88 5.24
N GLY A 25 34.61 5.93 4.87
CA GLY A 25 34.31 4.98 3.81
C GLY A 25 33.29 5.60 2.84
N TYR A 26 33.63 6.78 2.29
CA TYR A 26 32.70 7.42 1.38
C TYR A 26 32.68 6.66 0.06
N ILE A 27 31.47 6.37 -0.46
CA ILE A 27 31.32 5.64 -1.71
C ILE A 27 30.05 6.12 -2.43
N THR A 28 30.18 6.38 -3.75
CA THR A 28 29.05 6.84 -4.54
C THR A 28 27.92 5.81 -4.47
N ARG A 29 27.15 5.84 -3.37
CA ARG A 29 26.05 4.92 -3.18
C ARG A 29 24.73 5.64 -3.46
N TYR A 30 23.68 4.86 -3.79
CA TYR A 30 22.40 5.49 -4.08
C TYR A 30 21.38 5.05 -3.03
N PHE A 31 20.28 5.81 -2.91
CA PHE A 31 19.23 5.50 -1.93
C PHE A 31 17.91 6.11 -2.39
N TYR A 32 16.80 5.38 -2.21
CA TYR A 32 15.51 5.90 -2.62
C TYR A 32 15.07 6.98 -1.63
N ASN A 33 15.25 8.27 -2.01
CA ASN A 33 14.87 9.37 -1.15
C ASN A 33 13.41 9.76 -1.43
N ASN A 34 12.59 9.79 -0.37
CA ASN A 34 11.18 10.14 -0.49
C ASN A 34 11.05 11.61 -0.89
N GLN A 35 12.10 12.41 -0.60
CA GLN A 35 12.11 13.82 -0.93
C GLN A 35 11.73 14.00 -2.40
N THR A 36 12.32 13.17 -3.28
CA THR A 36 12.04 13.23 -4.70
C THR A 36 11.44 11.90 -5.17
N LYS A 37 10.88 11.13 -4.23
CA LYS A 37 10.29 9.84 -4.53
C LYS A 37 11.09 9.16 -5.64
N GLN A 38 12.43 9.10 -5.47
CA GLN A 38 13.31 8.48 -6.45
C GLN A 38 14.60 8.07 -5.77
N CYS A 39 15.62 7.71 -6.57
CA CYS A 39 16.91 7.30 -6.06
C CYS A 39 17.90 8.46 -6.17
N GLU A 40 18.39 8.94 -5.02
CA GLU A 40 19.34 10.04 -4.99
C GLU A 40 20.72 9.51 -4.59
N ARG A 41 21.79 10.17 -5.10
CA ARG A 41 23.16 9.77 -4.81
C ARG A 41 23.53 10.28 -3.42
N PHE A 42 24.33 9.49 -2.68
CA PHE A 42 24.77 9.86 -1.35
C PHE A 42 25.98 9.00 -0.95
N LYS A 43 26.75 9.47 0.05
CA LYS A 43 27.92 8.75 0.51
C LYS A 43 27.47 7.57 1.37
N TYR A 44 28.43 6.97 2.11
CA TYR A 44 28.07 5.83 2.94
C TYR A 44 29.05 5.73 4.11
N GLY A 45 30.06 4.85 3.99
CA GLY A 45 31.05 4.66 5.05
C GLY A 45 31.26 3.17 5.27
N GLY A 46 30.19 2.45 5.65
CA GLY A 46 30.26 1.02 5.89
C GLY A 46 30.53 0.77 7.37
N CYS A 47 29.52 1.04 8.23
CA CYS A 47 29.65 0.86 9.66
C CYS A 47 28.27 1.03 10.32
N LEU A 48 27.47 -0.04 10.31
CA LEU A 48 26.14 0.00 10.90
C LEU A 48 25.22 0.86 10.03
N GLY A 49 25.62 2.12 9.79
CA GLY A 49 24.83 3.04 8.98
C GLY A 49 23.36 2.62 9.02
N ASN A 50 22.85 2.12 7.88
CA ASN A 50 21.47 1.69 7.79
C ASN A 50 21.25 0.98 6.45
N MET A 51 20.00 0.99 5.96
CA MET A 51 19.65 0.35 4.70
C MET A 51 19.70 1.38 3.58
N ASN A 52 18.73 1.31 2.65
CA ASN A 52 18.66 2.24 1.54
C ASN A 52 20.06 2.75 1.21
N ASN A 53 20.99 1.82 0.90
CA ASN A 53 22.35 2.17 0.58
C ASN A 53 22.81 1.35 -0.63
N PHE A 54 22.25 1.66 -1.81
CA PHE A 54 22.60 0.97 -3.04
C PHE A 54 23.93 1.50 -3.57
N GLU A 55 24.47 0.86 -4.62
CA GLU A 55 25.73 1.26 -5.21
C GLU A 55 25.46 1.97 -6.55
N THR A 56 24.46 1.47 -7.29
CA THR A 56 24.10 2.04 -8.58
C THR A 56 22.64 2.50 -8.54
N LEU A 57 22.28 3.46 -9.43
CA LEU A 57 20.94 3.97 -9.49
C LEU A 57 19.98 2.86 -9.93
N GLU A 58 20.30 2.20 -11.06
CA GLU A 58 19.47 1.12 -11.58
C GLU A 58 19.27 0.07 -10.47
N GLU A 59 20.25 -0.05 -9.56
CA GLU A 59 20.17 -1.01 -8.47
C GLU A 59 19.14 -0.52 -7.45
N CYS A 60 19.23 0.76 -7.07
CA CYS A 60 18.30 1.35 -6.11
C CYS A 60 16.91 1.43 -6.73
N LYS A 61 16.86 1.54 -8.07
CA LYS A 61 15.60 1.64 -8.79
C LYS A 61 14.98 0.24 -8.92
N ASN A 62 15.77 -0.71 -9.44
CA ASN A 62 15.30 -2.08 -9.62
C ASN A 62 14.76 -2.60 -8.29
N ILE A 63 15.46 -2.29 -7.19
CA ILE A 63 15.04 -2.73 -5.86
C ILE A 63 13.88 -1.86 -5.38
N CYS A 64 14.08 -0.53 -5.41
CA CYS A 64 13.06 0.42 -4.98
C CYS A 64 12.06 0.63 -6.12
N GLU A 65 12.42 1.54 -7.05
CA GLU A 65 11.56 1.85 -8.19
C GLU A 65 10.85 0.57 -8.64
N ASP A 66 11.52 -0.58 -8.48
CA ASP A 66 10.95 -1.86 -8.87
C ASP A 66 10.36 -1.74 -10.27
N GLY A 67 11.22 -1.50 -11.28
CA GLY A 67 10.79 -1.37 -12.66
C GLY A 67 9.65 -2.35 -12.92
N PRO A 68 8.76 -1.99 -13.86
CA PRO A 68 7.61 -2.80 -14.24
C PRO A 68 8.05 -4.04 -15.03
N ASN A 69 7.18 -5.06 -15.07
CA ASN A 69 7.48 -6.28 -15.79
C ASN A 69 8.93 -6.68 -15.53
N GLY A 70 9.16 -7.52 -14.51
CA GLY A 70 10.49 -7.97 -14.16
C GLY A 70 10.68 -7.88 -12.63
N PHE A 71 10.35 -6.71 -12.06
CA PHE A 71 10.49 -6.51 -10.63
C PHE A 71 9.45 -5.46 -10.18
N ASP A 1 -1.47 -2.14 4.93
CA ASP A 1 -1.93 -1.58 3.67
C ASP A 1 -0.88 -0.59 3.15
N TYR A 2 0.34 -1.10 2.88
CA TYR A 2 1.38 -0.21 2.39
C TYR A 2 0.83 0.61 1.23
N LYS A 3 1.51 1.73 0.90
CA LYS A 3 1.08 2.60 -0.17
C LYS A 3 2.21 2.74 -1.19
N ASP A 4 1.96 2.31 -2.44
CA ASP A 4 2.94 2.39 -3.50
C ASP A 4 2.52 1.48 -4.65
N ASP A 5 2.71 0.16 -4.49
CA ASP A 5 2.36 -0.81 -5.51
C ASP A 5 3.05 -2.14 -5.21
N ASP A 6 2.75 -3.17 -6.03
CA ASP A 6 3.35 -4.48 -5.86
C ASP A 6 4.80 -4.32 -5.41
N ASP A 7 5.28 -5.27 -4.58
CA ASP A 7 6.65 -5.24 -4.09
C ASP A 7 6.92 -6.50 -3.25
N LYS A 8 6.52 -6.46 -1.96
CA LYS A 8 6.71 -7.58 -1.07
C LYS A 8 6.34 -7.16 0.35
N LEU A 9 5.12 -7.53 0.79
CA LEU A 9 4.64 -7.20 2.12
C LEU A 9 5.40 -8.04 3.15
N LYS A 10 6.22 -8.99 2.68
CA LYS A 10 6.99 -9.85 3.55
C LYS A 10 6.15 -11.06 3.93
N PRO A 11 6.82 -12.22 4.11
CA PRO A 11 6.17 -13.47 4.47
C PRO A 11 5.56 -13.39 5.87
N ASP A 12 4.24 -13.17 5.94
CA ASP A 12 3.53 -13.07 7.21
C ASP A 12 3.73 -14.37 7.99
N PHE A 13 3.87 -15.49 7.28
CA PHE A 13 4.06 -16.78 7.91
C PHE A 13 5.26 -16.72 8.85
N CYS A 14 6.30 -15.94 8.45
CA CYS A 14 7.49 -15.79 9.25
C CYS A 14 7.12 -15.29 10.64
N PHE A 15 6.13 -14.38 10.72
CA PHE A 15 5.67 -13.83 11.98
C PHE A 15 4.68 -14.80 12.63
N LEU A 16 4.13 -15.74 11.82
CA LEU A 16 3.19 -16.72 12.32
C LEU A 16 3.82 -17.50 13.46
N GLU A 17 3.14 -17.52 14.62
CA GLU A 17 3.64 -18.23 15.79
C GLU A 17 4.35 -19.51 15.34
N GLU A 18 5.32 -19.97 16.14
CA GLU A 18 6.07 -21.18 15.83
C GLU A 18 5.19 -22.41 16.13
N ASP A 19 4.87 -23.18 15.08
CA ASP A 19 4.05 -24.37 15.22
C ASP A 19 4.90 -25.61 14.93
N PRO A 20 5.34 -26.30 16.00
CA PRO A 20 6.15 -27.49 15.90
C PRO A 20 5.29 -28.72 15.59
N GLY A 21 4.87 -28.86 14.32
CA GLY A 21 4.05 -29.97 13.89
C GLY A 21 2.92 -30.18 14.89
N ILE A 22 2.13 -31.25 14.69
CA ILE A 22 1.01 -31.56 15.57
C ILE A 22 1.36 -32.80 16.40
N CYS A 23 2.33 -33.59 15.93
CA CYS A 23 2.73 -34.80 16.62
C CYS A 23 4.03 -34.53 17.39
N ARG A 24 5.18 -34.73 16.72
CA ARG A 24 6.48 -34.51 17.34
C ARG A 24 7.57 -34.61 16.28
N GLY A 25 8.84 -34.51 16.71
CA GLY A 25 9.97 -34.59 15.80
C GLY A 25 10.83 -33.33 15.94
N TYR A 26 11.41 -33.14 17.14
CA TYR A 26 12.23 -31.95 17.34
C TYR A 26 13.50 -32.07 16.48
N ILE A 27 13.77 -31.04 15.66
CA ILE A 27 14.94 -31.04 14.79
C ILE A 27 15.71 -29.74 14.98
N THR A 28 15.46 -29.06 16.12
CA THR A 28 16.13 -27.81 16.43
C THR A 28 16.06 -26.88 15.21
N ARG A 29 14.83 -26.57 14.76
CA ARG A 29 14.62 -25.70 13.62
C ARG A 29 14.63 -24.25 14.07
N TYR A 30 14.47 -23.31 13.12
CA TYR A 30 14.47 -21.91 13.50
C TYR A 30 13.20 -21.24 12.96
N PHE A 31 12.82 -20.09 13.55
CA PHE A 31 11.64 -19.37 13.13
C PHE A 31 11.82 -17.87 13.43
N TYR A 32 11.10 -17.02 12.68
CA TYR A 32 11.23 -15.59 12.93
C TYR A 32 10.26 -15.18 14.03
N ASN A 33 10.76 -15.08 15.27
CA ASN A 33 9.94 -14.70 16.41
C ASN A 33 9.82 -13.18 16.47
N ASN A 34 8.58 -12.67 16.50
CA ASN A 34 8.33 -11.23 16.55
C ASN A 34 8.74 -10.71 17.92
N GLN A 35 8.72 -11.59 18.94
CA GLN A 35 9.08 -11.22 20.29
C GLN A 35 10.46 -10.55 20.28
N THR A 36 11.36 -11.04 19.41
CA THR A 36 12.70 -10.49 19.30
C THR A 36 12.94 -10.03 17.86
N LYS A 37 11.85 -9.82 17.11
CA LYS A 37 11.95 -9.38 15.72
C LYS A 37 13.21 -9.98 15.09
N GLN A 38 13.36 -11.32 15.19
CA GLN A 38 14.50 -12.02 14.63
C GLN A 38 14.19 -13.51 14.54
N CYS A 39 15.22 -14.32 14.27
CA CYS A 39 15.07 -15.76 14.16
C CYS A 39 15.46 -16.42 15.48
N GLU A 40 14.51 -17.15 16.09
CA GLU A 40 14.76 -17.83 17.36
C GLU A 40 14.75 -19.34 17.12
N ARG A 41 15.63 -20.07 17.84
CA ARG A 41 15.73 -21.50 17.71
C ARG A 41 14.50 -22.16 18.35
N PHE A 42 14.08 -23.31 17.78
CA PHE A 42 12.91 -24.03 18.29
C PHE A 42 12.80 -25.36 17.56
N LYS A 43 12.09 -26.33 18.19
CA LYS A 43 11.89 -27.65 17.60
C LYS A 43 10.74 -27.59 16.60
N TYR A 44 10.70 -28.57 15.68
CA TYR A 44 9.63 -28.58 14.70
C TYR A 44 8.67 -29.73 14.99
N GLY A 45 8.92 -30.90 14.38
CA GLY A 45 8.09 -32.07 14.58
C GLY A 45 7.71 -32.66 13.21
N GLY A 46 7.01 -31.86 12.38
CA GLY A 46 6.59 -32.30 11.06
C GLY A 46 5.42 -33.28 11.19
N CYS A 47 4.19 -32.78 10.98
CA CYS A 47 3.00 -33.61 11.07
C CYS A 47 1.79 -32.80 10.60
N LEU A 48 1.72 -31.52 11.00
CA LEU A 48 0.63 -30.65 10.61
C LEU A 48 0.95 -29.21 11.02
N GLY A 49 2.24 -28.83 10.90
CA GLY A 49 2.68 -27.48 11.26
C GLY A 49 2.38 -26.53 10.10
N ASN A 50 3.10 -25.41 10.05
CA ASN A 50 2.92 -24.42 9.00
C ASN A 50 4.28 -23.99 8.45
N MET A 51 4.28 -23.04 7.51
CA MET A 51 5.52 -22.54 6.91
C MET A 51 6.53 -22.24 8.02
N ASN A 52 6.26 -21.18 8.80
CA ASN A 52 7.14 -20.79 9.89
C ASN A 52 7.85 -22.03 10.44
N ASN A 53 9.10 -22.26 9.97
CA ASN A 53 9.88 -23.40 10.41
C ASN A 53 11.07 -23.59 9.47
N PHE A 54 12.22 -22.98 9.82
CA PHE A 54 13.42 -23.08 9.01
C PHE A 54 14.36 -24.09 9.64
N GLU A 55 15.45 -24.43 8.92
CA GLU A 55 16.44 -25.39 9.41
C GLU A 55 17.64 -24.63 9.97
N THR A 56 18.13 -23.63 9.22
CA THR A 56 19.27 -22.83 9.64
C THR A 56 18.79 -21.41 9.96
N LEU A 57 19.46 -20.77 10.95
CA LEU A 57 19.10 -19.42 11.35
C LEU A 57 19.19 -18.49 10.14
N GLU A 58 20.34 -18.53 9.43
CA GLU A 58 20.56 -17.70 8.25
C GLU A 58 19.38 -17.88 7.30
N GLU A 59 19.01 -19.14 7.02
CA GLU A 59 17.92 -19.44 6.11
C GLU A 59 16.67 -18.68 6.57
N CYS A 60 16.35 -18.78 7.88
CA CYS A 60 15.19 -18.11 8.44
C CYS A 60 15.34 -16.59 8.25
N LYS A 61 16.59 -16.12 8.19
CA LYS A 61 16.87 -14.71 8.02
C LYS A 61 16.72 -14.33 6.54
N ASN A 62 17.37 -15.10 5.66
CA ASN A 62 17.31 -14.85 4.23
C ASN A 62 15.85 -14.74 3.80
N ILE A 63 15.01 -15.69 4.26
CA ILE A 63 13.59 -15.69 3.93
C ILE A 63 12.89 -14.56 4.69
N CYS A 64 13.06 -14.53 6.02
CA CYS A 64 12.45 -13.51 6.85
C CYS A 64 13.31 -12.24 6.80
N GLU A 65 14.32 -12.17 7.68
CA GLU A 65 15.21 -11.01 7.74
C GLU A 65 15.33 -10.41 6.33
N ASP A 66 15.33 -11.27 5.30
CA ASP A 66 15.45 -10.81 3.93
C ASP A 66 16.68 -9.92 3.78
N GLY A 67 16.77 -9.19 2.66
CA GLY A 67 17.89 -8.30 2.41
C GLY A 67 17.38 -6.87 2.27
N PRO A 68 18.31 -5.90 2.25
CA PRO A 68 17.99 -4.48 2.12
C PRO A 68 17.50 -4.16 0.71
N ASN A 69 16.26 -3.63 0.61
CA ASN A 69 15.68 -3.28 -0.68
C ASN A 69 15.70 -4.51 -1.59
N GLY A 70 14.97 -5.57 -1.20
CA GLY A 70 14.92 -6.79 -1.98
C GLY A 70 16.02 -7.74 -1.53
N PHE A 71 17.01 -7.99 -2.40
CA PHE A 71 18.12 -8.87 -2.10
C PHE A 71 18.93 -9.13 -3.37
N ASP A 1 -1.47 -2.14 4.93
CA ASP A 1 -1.93 -1.58 3.67
C ASP A 1 -1.92 -0.06 3.78
N TYR A 2 -2.06 0.47 5.01
CA TYR A 2 -2.07 1.91 5.18
C TYR A 2 -1.09 2.30 6.29
N LYS A 3 -0.29 3.35 6.04
CA LYS A 3 0.69 3.81 7.02
C LYS A 3 1.76 2.73 7.22
N ASP A 4 3.04 3.15 7.28
CA ASP A 4 4.14 2.22 7.47
C ASP A 4 5.45 2.99 7.48
N ASP A 5 6.58 2.28 7.42
CA ASP A 5 7.90 2.89 7.43
C ASP A 5 8.73 2.33 6.28
N ASP A 6 9.67 3.14 5.76
CA ASP A 6 10.53 2.72 4.67
C ASP A 6 9.76 2.85 3.35
N ASP A 7 9.89 4.01 2.69
CA ASP A 7 9.22 4.26 1.42
C ASP A 7 7.79 4.76 1.70
N LYS A 8 7.03 5.02 0.63
CA LYS A 8 5.65 5.50 0.76
C LYS A 8 5.67 6.91 1.32
N LEU A 9 6.07 7.05 2.60
CA LEU A 9 6.13 8.35 3.26
C LEU A 9 7.37 9.11 2.77
N LYS A 10 7.92 9.97 3.64
CA LYS A 10 9.10 10.75 3.31
C LYS A 10 8.75 11.74 2.19
N PRO A 11 9.32 12.95 2.26
CA PRO A 11 9.09 14.00 1.29
C PRO A 11 9.58 13.59 -0.10
N ASP A 12 8.64 13.28 -1.01
CA ASP A 12 8.97 12.87 -2.36
C ASP A 12 9.73 14.01 -3.07
N PHE A 13 9.43 15.26 -2.68
CA PHE A 13 10.07 16.42 -3.28
C PHE A 13 11.58 16.30 -3.12
N CYS A 14 12.02 15.59 -2.06
CA CYS A 14 13.43 15.40 -1.80
C CYS A 14 14.05 14.57 -2.92
N PHE A 15 13.29 13.58 -3.41
CA PHE A 15 13.75 12.71 -4.49
C PHE A 15 13.48 13.38 -5.84
N LEU A 16 13.00 14.64 -5.80
CA LEU A 16 12.68 15.38 -7.01
C LEU A 16 13.96 16.04 -7.54
N GLU A 17 14.26 15.85 -8.83
CA GLU A 17 15.43 16.43 -9.45
C GLU A 17 15.57 17.88 -9.01
N GLU A 18 16.80 18.43 -9.07
CA GLU A 18 17.06 19.80 -8.68
C GLU A 18 16.44 20.74 -9.71
N ASP A 19 15.91 21.89 -9.24
CA ASP A 19 15.29 22.87 -10.11
C ASP A 19 15.71 24.28 -9.67
N PRO A 20 16.73 24.84 -10.33
CA PRO A 20 17.25 26.16 -10.04
C PRO A 20 16.24 27.24 -10.42
N GLY A 21 15.22 26.86 -11.21
CA GLY A 21 14.19 27.80 -11.64
C GLY A 21 14.73 28.65 -12.79
N ILE A 22 13.87 28.93 -13.78
CA ILE A 22 14.26 29.73 -14.93
C ILE A 22 15.39 30.68 -14.52
N CYS A 23 15.03 31.89 -14.05
CA CYS A 23 16.01 32.87 -13.63
C CYS A 23 17.26 32.17 -13.13
N ARG A 24 18.44 32.74 -13.42
CA ARG A 24 19.71 32.17 -13.00
C ARG A 24 20.44 33.16 -12.09
N GLY A 25 20.21 33.05 -10.77
CA GLY A 25 20.84 33.92 -9.81
C GLY A 25 21.99 33.19 -9.12
N TYR A 26 21.85 31.85 -8.97
CA TYR A 26 22.91 31.10 -8.33
C TYR A 26 23.04 31.55 -6.88
N ILE A 27 23.02 30.58 -5.94
CA ILE A 27 23.12 30.88 -4.51
C ILE A 27 23.71 29.68 -3.78
N THR A 28 24.40 28.80 -4.53
CA THR A 28 25.00 27.61 -3.96
C THR A 28 24.04 26.98 -2.95
N ARG A 29 22.94 26.39 -3.47
CA ARG A 29 21.95 25.75 -2.64
C ARG A 29 22.20 24.25 -2.61
N TYR A 30 21.36 23.50 -1.86
CA TYR A 30 21.55 22.07 -1.79
C TYR A 30 20.23 21.36 -2.11
N PHE A 31 20.31 20.11 -2.57
CA PHE A 31 19.12 19.34 -2.93
C PHE A 31 19.43 17.84 -2.83
N TYR A 32 18.48 17.07 -2.30
CA TYR A 32 18.71 15.64 -2.16
C TYR A 32 18.59 14.98 -3.53
N ASN A 33 19.71 14.52 -4.09
CA ASN A 33 19.72 13.89 -5.40
C ASN A 33 19.73 12.37 -5.22
N ASN A 34 18.71 11.70 -5.79
CA ASN A 34 18.58 10.26 -5.69
C ASN A 34 19.71 9.60 -6.49
N GLN A 35 20.23 10.31 -7.50
CA GLN A 35 21.31 9.81 -8.33
C GLN A 35 22.44 9.30 -7.44
N THR A 36 22.72 10.02 -6.34
CA THR A 36 23.76 9.64 -5.41
C THR A 36 23.14 9.21 -4.08
N LYS A 37 21.81 9.41 -3.96
CA LYS A 37 21.09 9.04 -2.75
C LYS A 37 21.62 9.88 -1.57
N GLN A 38 21.70 11.20 -1.77
CA GLN A 38 22.18 12.11 -0.74
C GLN A 38 21.88 13.55 -1.15
N CYS A 39 22.62 14.52 -0.58
CA CYS A 39 22.42 15.92 -0.88
C CYS A 39 23.54 16.40 -1.80
N GLU A 40 23.17 17.08 -2.90
CA GLU A 40 24.15 17.59 -3.85
C GLU A 40 24.10 19.12 -3.85
N ARG A 41 25.27 19.77 -3.91
CA ARG A 41 25.36 21.21 -3.92
C ARG A 41 25.02 21.73 -5.32
N PHE A 42 23.86 22.40 -5.45
CA PHE A 42 23.42 22.94 -6.74
C PHE A 42 23.06 24.42 -6.55
N LYS A 43 23.42 25.25 -7.55
CA LYS A 43 23.14 26.67 -7.51
C LYS A 43 21.64 26.89 -7.73
N TYR A 44 21.05 27.85 -6.99
CA TYR A 44 19.63 28.10 -7.15
C TYR A 44 19.44 29.26 -8.14
N GLY A 45 18.70 29.02 -9.24
CA GLY A 45 18.46 30.03 -10.24
C GLY A 45 17.65 31.18 -9.63
N GLY A 46 16.47 30.85 -9.07
CA GLY A 46 15.61 31.84 -8.45
C GLY A 46 14.17 31.64 -8.94
N CYS A 47 13.68 32.59 -9.76
CA CYS A 47 12.33 32.52 -10.28
C CYS A 47 11.73 31.15 -9.95
N LEU A 48 10.69 31.14 -9.09
CA LEU A 48 10.03 29.92 -8.70
C LEU A 48 11.08 28.81 -8.53
N GLY A 49 11.02 27.79 -9.42
CA GLY A 49 11.95 26.68 -9.37
C GLY A 49 11.20 25.40 -9.02
N ASN A 50 11.45 24.86 -7.81
CA ASN A 50 10.80 23.64 -7.36
C ASN A 50 10.88 23.57 -5.83
N MET A 51 10.79 22.34 -5.29
CA MET A 51 10.86 22.12 -3.85
C MET A 51 12.31 21.84 -3.46
N ASN A 52 12.81 20.63 -3.81
CA ASN A 52 14.16 20.24 -3.48
C ASN A 52 15.11 21.40 -3.79
N ASN A 53 15.32 22.28 -2.80
CA ASN A 53 16.20 23.43 -2.96
C ASN A 53 16.54 24.01 -1.57
N PHE A 54 17.37 23.29 -0.81
CA PHE A 54 17.77 23.73 0.51
C PHE A 54 18.90 24.76 0.39
N GLU A 55 19.47 25.16 1.54
CA GLU A 55 20.55 26.13 1.57
C GLU A 55 21.81 25.47 2.14
N THR A 56 21.62 24.61 3.15
CA THR A 56 22.74 23.92 3.78
C THR A 56 22.59 22.41 3.55
N LEU A 57 23.73 21.71 3.41
CA LEU A 57 23.73 20.27 3.19
C LEU A 57 23.03 19.59 4.37
N GLU A 58 23.43 19.94 5.60
CA GLU A 58 22.84 19.36 6.80
C GLU A 58 21.33 19.60 6.79
N GLU A 59 20.91 20.77 6.29
CA GLU A 59 19.50 21.12 6.22
C GLU A 59 18.79 20.17 5.25
N CYS A 60 19.34 20.05 4.02
CA CYS A 60 18.76 19.18 3.01
C CYS A 60 18.68 17.75 3.55
N LYS A 61 19.64 17.38 4.41
CA LYS A 61 19.67 16.05 5.01
C LYS A 61 18.68 15.99 6.18
N ASN A 62 18.59 17.09 6.94
CA ASN A 62 17.69 17.16 8.08
C ASN A 62 16.27 16.85 7.63
N ILE A 63 15.82 17.49 6.53
CA ILE A 63 14.49 17.28 6.00
C ILE A 63 14.46 15.95 5.23
N CYS A 64 15.39 15.80 4.28
CA CYS A 64 15.48 14.58 3.47
C CYS A 64 16.06 13.45 4.32
N GLU A 65 17.40 13.29 4.26
CA GLU A 65 18.08 12.24 5.01
C GLU A 65 17.29 11.96 6.30
N ASP A 66 16.75 13.02 6.92
CA ASP A 66 15.99 12.89 8.16
C ASP A 66 16.77 12.03 9.14
N GLY A 67 18.12 12.02 9.01
CA GLY A 67 18.97 11.24 9.88
C GLY A 67 18.40 11.26 11.30
N PRO A 68 18.72 12.31 12.07
CA PRO A 68 18.26 12.48 13.44
C PRO A 68 16.80 12.91 13.48
N ASN A 69 16.09 12.58 14.57
CA ASN A 69 14.69 12.92 14.73
C ASN A 69 14.53 14.44 14.65
N GLY A 70 14.12 14.95 13.48
CA GLY A 70 13.93 16.38 13.27
C GLY A 70 12.97 16.60 12.10
N PHE A 71 13.49 16.51 10.87
CA PHE A 71 12.68 16.70 9.67
C PHE A 71 12.17 18.15 9.63
N ASP A 1 -1.47 -2.14 4.93
CA ASP A 1 -1.93 -1.58 3.67
C ASP A 1 -0.96 -0.47 3.24
N TYR A 2 -0.86 0.59 4.05
CA TYR A 2 0.04 1.68 3.70
C TYR A 2 1.23 1.69 4.66
N LYS A 3 2.45 1.57 4.12
CA LYS A 3 3.65 1.56 4.93
C LYS A 3 3.84 2.94 5.57
N ASP A 4 2.97 3.27 6.54
CA ASP A 4 3.05 4.55 7.23
C ASP A 4 1.98 4.60 8.32
N ASP A 5 2.38 4.98 9.54
CA ASP A 5 1.46 5.07 10.66
C ASP A 5 0.77 6.43 10.65
N ASP A 6 1.50 7.47 10.18
CA ASP A 6 0.96 8.82 10.11
C ASP A 6 0.18 8.98 8.81
N ASP A 7 -1.15 8.81 8.88
CA ASP A 7 -2.01 8.94 7.71
C ASP A 7 -3.00 10.09 7.94
N LYS A 8 -3.99 9.86 8.81
CA LYS A 8 -4.99 10.87 9.11
C LYS A 8 -5.28 11.69 7.86
N LEU A 9 -4.67 12.89 7.78
CA LEU A 9 -4.86 13.76 6.63
C LEU A 9 -4.23 15.12 6.93
N LYS A 10 -3.92 15.90 5.87
CA LYS A 10 -3.32 17.21 6.02
C LYS A 10 -3.21 17.88 4.66
N PRO A 11 -3.04 19.21 4.64
CA PRO A 11 -2.92 20.00 3.42
C PRO A 11 -1.57 19.72 2.74
N ASP A 12 -1.60 18.93 1.66
CA ASP A 12 -0.39 18.60 0.91
C ASP A 12 0.23 19.88 0.36
N PHE A 13 -0.62 20.88 0.05
CA PHE A 13 -0.16 22.15 -0.49
C PHE A 13 0.88 22.74 0.46
N CYS A 14 0.77 22.43 1.76
CA CYS A 14 1.70 22.95 2.75
C CYS A 14 3.10 22.39 2.46
N PHE A 15 3.17 21.12 2.04
CA PHE A 15 4.43 20.46 1.73
C PHE A 15 4.83 20.80 0.29
N LEU A 16 4.08 21.72 -0.34
CA LEU A 16 4.36 22.12 -1.71
C LEU A 16 5.50 23.13 -1.72
N GLU A 17 6.56 22.85 -2.50
CA GLU A 17 7.71 23.74 -2.60
C GLU A 17 7.23 25.19 -2.68
N GLU A 18 7.94 26.10 -2.00
CA GLU A 18 7.58 27.51 -2.00
C GLU A 18 7.76 28.07 -3.41
N ASP A 19 6.87 29.02 -3.79
CA ASP A 19 6.91 29.63 -5.11
C ASP A 19 6.54 31.11 -4.99
N PRO A 20 7.53 32.00 -5.11
CA PRO A 20 7.33 33.44 -5.02
C PRO A 20 6.78 33.99 -6.33
N GLY A 21 6.77 33.16 -7.39
CA GLY A 21 6.28 33.57 -8.69
C GLY A 21 7.32 34.43 -9.39
N ILE A 22 7.00 34.90 -10.62
CA ILE A 22 7.91 35.73 -11.38
C ILE A 22 7.68 37.20 -11.03
N CYS A 23 6.40 37.57 -10.84
CA CYS A 23 6.05 38.93 -10.50
C CYS A 23 6.65 39.30 -9.14
N ARG A 24 7.79 40.03 -9.16
CA ARG A 24 8.45 40.44 -7.93
C ARG A 24 7.43 41.01 -6.96
N GLY A 25 7.86 41.31 -5.73
CA GLY A 25 6.99 41.87 -4.71
C GLY A 25 7.65 41.70 -3.33
N TYR A 26 7.77 40.44 -2.88
CA TYR A 26 8.37 40.21 -1.58
C TYR A 26 7.48 40.81 -0.49
N ILE A 27 6.97 39.96 0.42
CA ILE A 27 6.10 40.42 1.48
C ILE A 27 6.38 39.61 2.75
N THR A 28 7.59 39.02 2.82
CA THR A 28 7.98 38.21 3.96
C THR A 28 6.85 37.25 4.33
N ARG A 29 6.60 36.25 3.46
CA ARG A 29 5.56 35.27 3.70
C ARG A 29 6.16 34.01 4.32
N TYR A 30 5.31 33.07 4.74
CA TYR A 30 5.82 31.86 5.34
C TYR A 30 5.29 30.65 4.57
N PHE A 31 5.94 29.48 4.74
CA PHE A 31 5.53 28.26 4.05
C PHE A 31 6.05 27.04 4.82
N TYR A 32 5.29 25.95 4.79
CA TYR A 32 5.72 24.76 5.51
C TYR A 32 6.78 24.04 4.68
N ASN A 33 8.08 24.29 4.97
CA ASN A 33 9.16 23.67 4.25
C ASN A 33 9.47 22.30 4.85
N ASN A 34 9.43 21.25 4.02
CA ASN A 34 9.69 19.89 4.47
C ASN A 34 11.18 19.76 4.84
N GLN A 35 12.02 20.63 4.26
CA GLN A 35 13.45 20.62 4.53
C GLN A 35 13.68 20.71 6.04
N THR A 36 12.80 21.43 6.73
CA THR A 36 12.90 21.60 8.17
C THR A 36 11.59 21.18 8.84
N LYS A 37 10.77 20.40 8.10
CA LYS A 37 9.48 19.94 8.62
C LYS A 37 8.89 21.01 9.52
N GLN A 38 8.76 22.24 8.99
CA GLN A 38 8.20 23.35 9.75
C GLN A 38 7.99 24.55 8.82
N CYS A 39 7.44 25.65 9.36
CA CYS A 39 7.19 26.84 8.59
C CYS A 39 8.47 27.67 8.48
N GLU A 40 8.80 28.13 7.27
CA GLU A 40 10.00 28.93 7.04
C GLU A 40 9.61 30.26 6.38
N ARG A 41 10.34 31.33 6.74
CA ARG A 41 10.07 32.65 6.18
C ARG A 41 10.67 32.74 4.78
N PHE A 42 9.81 32.93 3.77
CA PHE A 42 10.25 33.04 2.39
C PHE A 42 9.54 34.22 1.71
N LYS A 43 10.15 34.75 0.65
CA LYS A 43 9.58 35.88 -0.08
C LYS A 43 8.42 35.38 -0.94
N TYR A 44 7.65 36.33 -1.50
CA TYR A 44 6.51 35.92 -2.32
C TYR A 44 6.60 36.64 -3.67
N GLY A 45 5.75 37.66 -3.87
CA GLY A 45 5.72 38.41 -5.13
C GLY A 45 4.27 38.71 -5.51
N GLY A 46 3.53 37.67 -5.92
CA GLY A 46 2.14 37.82 -6.31
C GLY A 46 1.95 37.25 -7.72
N CYS A 47 1.31 38.04 -8.60
CA CYS A 47 1.07 37.61 -9.97
C CYS A 47 1.79 36.29 -10.23
N LEU A 48 1.02 35.21 -10.41
CA LEU A 48 1.58 33.89 -10.66
C LEU A 48 2.48 33.50 -9.49
N GLY A 49 2.31 32.26 -8.98
CA GLY A 49 3.10 31.77 -7.87
C GLY A 49 2.73 30.31 -7.59
N ASN A 50 2.21 30.04 -6.38
CA ASN A 50 1.82 28.71 -5.99
C ASN A 50 1.06 28.77 -4.66
N MET A 51 1.07 27.64 -3.92
CA MET A 51 0.39 27.57 -2.63
C MET A 51 1.41 27.76 -1.51
N ASN A 52 1.28 26.96 -0.43
CA ASN A 52 2.19 27.05 0.70
C ASN A 52 2.74 28.48 0.80
N ASN A 53 1.84 29.47 0.80
CA ASN A 53 2.23 30.87 0.90
C ASN A 53 1.41 31.56 1.98
N PHE A 54 1.90 31.52 3.23
CA PHE A 54 1.22 32.13 4.35
C PHE A 54 1.79 33.53 4.59
N GLU A 55 1.10 34.34 5.42
CA GLU A 55 1.54 35.68 5.73
C GLU A 55 2.23 35.69 7.09
N THR A 56 1.81 34.77 7.98
CA THR A 56 2.39 34.67 9.32
C THR A 56 2.82 33.23 9.58
N LEU A 57 3.82 33.04 10.44
CA LEU A 57 4.32 31.71 10.78
C LEU A 57 3.22 30.93 11.48
N GLU A 58 2.59 31.55 12.50
CA GLU A 58 1.53 30.91 13.25
C GLU A 58 0.47 30.38 12.28
N GLU A 59 -0.01 31.25 11.38
CA GLU A 59 -1.02 30.88 10.40
C GLU A 59 -0.54 29.65 9.62
N CYS A 60 0.71 29.71 9.13
CA CYS A 60 1.29 28.60 8.37
C CYS A 60 1.35 27.37 9.26
N LYS A 61 1.44 27.56 10.58
CA LYS A 61 1.50 26.46 11.53
C LYS A 61 0.09 25.93 11.78
N ASN A 62 -0.84 26.83 12.14
CA ASN A 62 -2.21 26.44 12.40
C ASN A 62 -2.76 25.65 11.20
N ILE A 63 -2.44 26.11 9.99
CA ILE A 63 -2.90 25.45 8.77
C ILE A 63 -2.09 24.17 8.56
N CYS A 64 -0.75 24.30 8.57
CA CYS A 64 0.14 23.16 8.39
C CYS A 64 0.34 22.45 9.73
N GLU A 65 1.27 22.96 10.55
CA GLU A 65 1.56 22.38 11.85
C GLU A 65 0.27 21.84 12.46
N ASP A 66 -0.86 22.51 12.18
CA ASP A 66 -2.15 22.10 12.69
C ASP A 66 -2.02 21.77 14.18
N GLY A 67 -3.11 21.24 14.77
CA GLY A 67 -3.11 20.88 16.18
C GLY A 67 -2.43 19.50 16.36
N PRO A 68 -3.12 18.43 15.92
CA PRO A 68 -2.61 17.08 16.01
C PRO A 68 -1.21 16.97 15.42
N ASN A 69 -1.12 16.73 14.10
CA ASN A 69 0.15 16.61 13.42
C ASN A 69 0.91 17.94 13.53
N GLY A 70 1.46 18.22 14.73
CA GLY A 70 2.21 19.44 14.96
C GLY A 70 1.65 20.15 16.20
N PHE A 71 1.82 21.47 16.26
CA PHE A 71 1.33 22.27 17.37
C PHE A 71 1.81 21.63 18.68
N ASP A 1 -1.47 -2.14 4.93
CA ASP A 1 -1.93 -1.58 3.67
C ASP A 1 -3.36 -1.08 3.83
N TYR A 2 -3.74 -0.73 5.08
CA TYR A 2 -5.10 -0.25 5.30
C TYR A 2 -6.09 -1.38 5.00
N LYS A 3 -6.34 -1.63 3.70
CA LYS A 3 -7.28 -2.67 3.29
C LYS A 3 -7.38 -2.68 1.77
N ASP A 4 -8.35 -3.44 1.23
CA ASP A 4 -8.55 -3.53 -0.21
C ASP A 4 -8.28 -2.17 -0.84
N ASP A 5 -7.82 -2.18 -2.12
CA ASP A 5 -7.53 -0.96 -2.83
C ASP A 5 -8.33 -0.93 -4.14
N ASP A 6 -9.63 -0.63 -4.03
CA ASP A 6 -10.51 -0.56 -5.19
C ASP A 6 -10.35 -1.85 -6.00
N ASP A 7 -9.36 -1.89 -6.91
CA ASP A 7 -9.11 -3.05 -7.74
C ASP A 7 -10.42 -3.48 -8.40
N LYS A 8 -11.20 -4.32 -7.71
CA LYS A 8 -12.47 -4.81 -8.23
C LYS A 8 -12.20 -5.84 -9.34
N LEU A 9 -12.78 -7.04 -9.19
CA LEU A 9 -12.61 -8.10 -10.18
C LEU A 9 -11.13 -8.49 -10.24
N LYS A 10 -10.41 -8.30 -9.12
CA LYS A 10 -8.99 -8.63 -9.05
C LYS A 10 -8.73 -9.45 -7.79
N PRO A 11 -7.87 -10.49 -7.92
CA PRO A 11 -7.50 -11.36 -6.82
C PRO A 11 -6.68 -10.61 -5.77
N ASP A 12 -7.30 -10.30 -4.62
CA ASP A 12 -6.63 -9.60 -3.54
C ASP A 12 -5.47 -10.45 -3.02
N PHE A 13 -5.62 -11.78 -3.10
CA PHE A 13 -4.60 -12.70 -2.64
C PHE A 13 -3.27 -12.38 -3.33
N CYS A 14 -3.36 -11.76 -4.52
CA CYS A 14 -2.17 -11.40 -5.28
C CYS A 14 -1.38 -10.34 -4.51
N PHE A 15 -2.11 -9.37 -3.91
CA PHE A 15 -1.47 -8.32 -3.15
C PHE A 15 -1.16 -8.81 -1.73
N LEU A 16 -1.42 -10.11 -1.48
CA LEU A 16 -1.18 -10.72 -0.19
C LEU A 16 0.31 -11.03 -0.06
N GLU A 17 0.96 -10.46 0.97
CA GLU A 17 2.38 -10.68 1.22
C GLU A 17 2.71 -12.15 0.95
N GLU A 18 3.97 -12.41 0.55
CA GLU A 18 4.41 -13.77 0.27
C GLU A 18 4.40 -14.59 1.56
N ASP A 19 3.95 -15.85 1.46
CA ASP A 19 3.88 -16.73 2.61
C ASP A 19 4.47 -18.09 2.23
N PRO A 20 5.75 -18.32 2.59
CA PRO A 20 6.45 -19.56 2.31
C PRO A 20 5.96 -20.69 3.22
N GLY A 21 5.29 -20.31 4.32
CA GLY A 21 4.77 -21.29 5.27
C GLY A 21 5.54 -21.17 6.59
N ILE A 22 5.74 -22.31 7.27
CA ILE A 22 6.45 -22.32 8.54
C ILE A 22 7.80 -23.04 8.36
N CYS A 23 7.79 -24.11 7.55
CA CYS A 23 9.00 -24.89 7.29
C CYS A 23 10.05 -23.98 6.64
N ARG A 24 10.49 -24.36 5.43
CA ARG A 24 11.49 -23.59 4.70
C ARG A 24 11.54 -24.07 3.25
N GLY A 25 11.75 -25.39 3.06
CA GLY A 25 11.82 -25.98 1.73
C GLY A 25 11.58 -24.88 0.69
N TYR A 26 12.68 -24.34 0.13
CA TYR A 26 12.52 -23.30 -0.88
C TYR A 26 12.33 -23.94 -2.25
N ILE A 27 11.63 -23.25 -3.16
CA ILE A 27 11.37 -23.75 -4.50
C ILE A 27 11.43 -22.60 -5.50
N THR A 28 12.09 -21.49 -5.11
CA THR A 28 12.23 -20.33 -5.97
C THR A 28 10.90 -20.08 -6.69
N ARG A 29 9.83 -19.81 -5.92
CA ARG A 29 8.52 -19.56 -6.48
C ARG A 29 8.37 -18.06 -6.75
N TYR A 30 7.18 -17.65 -7.23
CA TYR A 30 6.96 -16.24 -7.51
C TYR A 30 5.67 -15.78 -6.85
N PHE A 31 5.57 -14.47 -6.56
CA PHE A 31 4.39 -13.91 -5.91
C PHE A 31 4.25 -12.44 -6.30
N TYR A 32 3.00 -11.95 -6.34
CA TYR A 32 2.80 -10.56 -6.71
C TYR A 32 2.98 -9.67 -5.48
N ASN A 33 4.10 -8.92 -5.44
CA ASN A 33 4.40 -8.05 -4.32
C ASN A 33 3.94 -6.62 -4.65
N ASN A 34 3.19 -6.00 -3.72
CA ASN A 34 2.70 -4.65 -3.92
C ASN A 34 3.88 -3.67 -3.88
N GLN A 35 4.92 -4.02 -3.10
CA GLN A 35 6.10 -3.18 -2.97
C GLN A 35 6.64 -2.86 -4.37
N THR A 36 6.44 -3.79 -5.33
CA THR A 36 6.90 -3.60 -6.69
C THR A 36 5.72 -3.75 -7.65
N LYS A 37 4.49 -3.62 -7.12
CA LYS A 37 3.29 -3.74 -7.92
C LYS A 37 3.55 -4.69 -9.10
N GLN A 38 4.25 -5.80 -8.81
CA GLN A 38 4.56 -6.80 -9.82
C GLN A 38 4.79 -8.15 -9.17
N CYS A 39 5.50 -9.06 -9.86
CA CYS A 39 5.80 -10.38 -9.34
C CYS A 39 7.26 -10.45 -8.91
N GLU A 40 7.51 -10.88 -7.65
CA GLU A 40 8.86 -10.99 -7.13
C GLU A 40 9.18 -12.46 -6.87
N ARG A 41 10.45 -12.85 -7.09
CA ARG A 41 10.89 -14.21 -6.88
C ARG A 41 11.09 -14.46 -5.38
N PHE A 42 10.26 -15.34 -4.80
CA PHE A 42 10.36 -15.67 -3.39
C PHE A 42 10.44 -17.19 -3.22
N LYS A 43 10.64 -17.64 -1.96
CA LYS A 43 10.73 -19.06 -1.67
C LYS A 43 9.39 -19.56 -1.14
N TYR A 44 9.13 -20.87 -1.29
CA TYR A 44 7.87 -21.41 -0.82
C TYR A 44 8.15 -22.61 0.09
N GLY A 45 8.13 -22.40 1.41
CA GLY A 45 8.39 -23.47 2.37
C GLY A 45 7.35 -24.58 2.19
N GLY A 46 6.23 -24.24 1.51
CA GLY A 46 5.18 -25.21 1.27
C GLY A 46 4.91 -26.01 2.54
N CYS A 47 4.05 -25.47 3.42
CA CYS A 47 3.71 -26.13 4.68
C CYS A 47 2.51 -25.42 5.31
N LEU A 48 2.53 -24.08 5.30
CA LEU A 48 1.45 -23.29 5.88
C LEU A 48 1.48 -21.88 5.29
N GLY A 49 1.96 -21.77 4.03
CA GLY A 49 2.04 -20.48 3.36
C GLY A 49 0.62 -19.96 3.11
N ASN A 50 0.40 -19.35 1.93
CA ASN A 50 -0.89 -18.81 1.57
C ASN A 50 -1.10 -18.95 0.06
N MET A 51 -2.02 -18.14 -0.50
CA MET A 51 -2.32 -18.19 -1.92
C MET A 51 -1.09 -17.69 -2.70
N ASN A 52 -0.95 -16.35 -2.82
CA ASN A 52 0.16 -15.75 -3.54
C ASN A 52 1.38 -16.67 -3.43
N ASN A 53 1.59 -17.50 -4.47
CA ASN A 53 2.71 -18.43 -4.50
C ASN A 53 2.73 -19.16 -5.84
N PHE A 54 3.05 -18.41 -6.92
CA PHE A 54 3.11 -18.99 -8.25
C PHE A 54 4.45 -19.68 -8.46
N GLU A 55 4.55 -20.53 -9.49
CA GLU A 55 5.79 -21.25 -9.79
C GLU A 55 6.56 -20.49 -10.87
N THR A 56 5.84 -19.70 -11.69
CA THR A 56 6.47 -18.92 -12.74
C THR A 56 6.04 -17.46 -12.63
N LEU A 57 6.95 -16.53 -12.95
CA LEU A 57 6.67 -15.11 -12.88
C LEU A 57 5.46 -14.79 -13.76
N GLU A 58 5.52 -15.22 -15.05
CA GLU A 58 4.44 -14.98 -15.99
C GLU A 58 3.13 -15.46 -15.38
N GLU A 59 3.12 -16.71 -14.88
CA GLU A 59 1.93 -17.29 -14.28
C GLU A 59 1.40 -16.35 -13.19
N CYS A 60 2.32 -15.78 -12.39
CA CYS A 60 1.95 -14.87 -11.32
C CYS A 60 1.38 -13.59 -11.93
N LYS A 61 1.85 -13.24 -13.14
CA LYS A 61 1.40 -12.04 -13.83
C LYS A 61 0.02 -12.30 -14.46
N ASN A 62 -0.09 -13.41 -15.22
CA ASN A 62 -1.33 -13.77 -15.86
C ASN A 62 -2.47 -13.74 -14.84
N ILE A 63 -2.25 -14.41 -13.69
CA ILE A 63 -3.25 -14.46 -12.64
C ILE A 63 -3.38 -13.09 -11.98
N CYS A 64 -2.24 -12.54 -11.51
CA CYS A 64 -2.23 -11.23 -10.88
C CYS A 64 -2.30 -10.14 -11.94
N GLU A 65 -1.12 -9.74 -12.48
CA GLU A 65 -1.05 -8.72 -13.51
C GLU A 65 -2.32 -8.77 -14.36
N ASP A 66 -2.82 -9.99 -14.62
CA ASP A 66 -4.03 -10.17 -15.41
C ASP A 66 -3.93 -9.31 -16.68
N GLY A 67 -3.49 -9.94 -17.79
CA GLY A 67 -3.35 -9.24 -19.06
C GLY A 67 -4.60 -9.48 -19.91
N PRO A 68 -4.41 -9.57 -21.24
CA PRO A 68 -5.49 -9.81 -22.18
C PRO A 68 -5.93 -11.27 -22.17
N ASN A 69 -4.96 -12.20 -22.11
CA ASN A 69 -5.25 -13.62 -22.08
C ASN A 69 -6.34 -13.89 -21.03
N GLY A 70 -6.79 -15.15 -20.95
CA GLY A 70 -7.82 -15.55 -20.01
C GLY A 70 -7.62 -14.77 -18.70
N PHE A 71 -6.65 -15.20 -17.88
CA PHE A 71 -6.36 -14.56 -16.61
C PHE A 71 -5.35 -15.40 -15.83
N ASP A 1 -1.47 -2.14 4.93
CA ASP A 1 -1.93 -1.58 3.67
C ASP A 1 -0.78 -1.60 2.66
N TYR A 2 -1.04 -1.09 1.44
CA TYR A 2 0.01 -1.09 0.44
C TYR A 2 -0.52 -0.45 -0.85
N LYS A 3 0.30 0.37 -1.51
CA LYS A 3 -0.10 1.04 -2.74
C LYS A 3 0.44 0.26 -3.94
N ASP A 4 -0.45 -0.07 -4.89
CA ASP A 4 -0.08 -0.81 -6.09
C ASP A 4 0.79 0.08 -6.98
N ASP A 5 0.14 0.92 -7.80
CA ASP A 5 0.84 1.82 -8.69
C ASP A 5 1.94 1.05 -9.43
N ASP A 6 1.73 -0.27 -9.59
CA ASP A 6 2.70 -1.12 -10.27
C ASP A 6 3.96 -1.23 -9.42
N ASP A 7 4.65 -0.10 -9.21
CA ASP A 7 5.87 -0.07 -8.41
C ASP A 7 6.75 -1.26 -8.80
N LYS A 8 7.79 -1.52 -8.00
CA LYS A 8 8.72 -2.62 -8.26
C LYS A 8 8.90 -3.44 -6.98
N LEU A 9 10.00 -3.17 -6.26
CA LEU A 9 10.31 -3.88 -5.02
C LEU A 9 11.31 -3.07 -4.21
N LYS A 10 12.37 -3.74 -3.72
CA LYS A 10 13.39 -3.08 -2.92
C LYS A 10 14.77 -3.39 -3.53
N PRO A 11 15.66 -2.38 -3.54
CA PRO A 11 17.00 -2.50 -4.08
C PRO A 11 17.84 -3.48 -3.26
N ASP A 12 18.06 -4.69 -3.80
CA ASP A 12 18.84 -5.71 -3.12
C ASP A 12 20.26 -5.20 -2.89
N PHE A 13 20.73 -4.30 -3.78
CA PHE A 13 22.07 -3.74 -3.66
C PHE A 13 22.21 -3.06 -2.31
N CYS A 14 21.09 -2.56 -1.75
CA CYS A 14 21.10 -1.89 -0.45
C CYS A 14 21.50 -2.88 0.63
N PHE A 15 21.05 -4.15 0.48
CA PHE A 15 21.37 -5.19 1.45
C PHE A 15 22.70 -5.85 1.07
N LEU A 16 23.42 -5.23 0.12
CA LEU A 16 24.70 -5.74 -0.34
C LEU A 16 25.82 -5.17 0.54
N GLU A 17 26.81 -6.01 0.87
CA GLU A 17 27.93 -5.58 1.69
C GLU A 17 28.55 -4.31 1.10
N GLU A 18 29.10 -3.44 1.96
CA GLU A 18 29.72 -2.21 1.53
C GLU A 18 30.94 -2.53 0.65
N ASP A 19 31.16 -1.70 -0.38
CA ASP A 19 32.28 -1.89 -1.30
C ASP A 19 32.95 -0.54 -1.56
N PRO A 20 34.14 -0.33 -0.99
CA PRO A 20 34.91 0.90 -1.15
C PRO A 20 35.66 0.90 -2.47
N GLY A 21 35.50 -0.18 -3.27
CA GLY A 21 36.16 -0.29 -4.55
C GLY A 21 37.67 -0.17 -4.36
N ILE A 22 38.41 -1.25 -4.66
CA ILE A 22 39.86 -1.26 -4.51
C ILE A 22 40.40 0.15 -4.76
N CYS A 23 40.46 0.96 -3.69
CA CYS A 23 40.95 2.33 -3.78
C CYS A 23 41.28 2.84 -2.38
N ARG A 24 41.28 4.17 -2.22
CA ARG A 24 41.58 4.80 -0.94
C ARG A 24 40.80 6.10 -0.80
N GLY A 25 40.74 6.88 -1.90
CA GLY A 25 40.02 8.15 -1.91
C GLY A 25 38.80 8.04 -1.00
N TYR A 26 38.97 8.37 0.29
CA TYR A 26 37.84 8.29 1.20
C TYR A 26 36.98 9.54 1.06
N ILE A 27 35.65 9.38 1.22
CA ILE A 27 34.73 10.50 1.09
C ILE A 27 33.56 10.30 2.07
N THR A 28 33.81 9.52 3.13
CA THR A 28 32.79 9.27 4.14
C THR A 28 31.45 8.97 3.45
N ARG A 29 31.30 7.74 2.93
CA ARG A 29 30.08 7.35 2.25
C ARG A 29 29.23 6.50 3.19
N TYR A 30 27.95 6.30 2.83
CA TYR A 30 27.08 5.51 3.69
C TYR A 30 26.57 4.30 2.91
N PHE A 31 26.03 3.29 3.62
CA PHE A 31 25.52 2.09 2.99
C PHE A 31 24.54 1.40 3.94
N TYR A 32 23.48 0.77 3.38
CA TYR A 32 22.52 0.11 4.22
C TYR A 32 23.10 -1.22 4.71
N ASN A 33 23.73 -1.21 5.90
CA ASN A 33 24.33 -2.41 6.46
C ASN A 33 23.25 -3.26 7.11
N ASN A 34 23.09 -4.51 6.61
CA ASN A 34 22.09 -5.42 7.13
C ASN A 34 22.46 -5.80 8.57
N GLN A 35 23.76 -5.76 8.89
CA GLN A 35 24.24 -6.10 10.23
C GLN A 35 23.34 -5.41 11.26
N THR A 36 23.04 -4.12 11.05
CA THR A 36 22.21 -3.36 11.97
C THR A 36 20.86 -3.06 11.29
N LYS A 37 20.77 -3.36 9.98
CA LYS A 37 19.55 -3.12 9.22
C LYS A 37 19.32 -1.62 9.10
N GLN A 38 20.39 -0.85 8.83
CA GLN A 38 20.30 0.59 8.70
C GLN A 38 21.50 1.10 7.91
N CYS A 39 21.54 2.42 7.64
CA CYS A 39 22.62 3.02 6.90
C CYS A 39 23.80 3.29 7.85
N GLU A 40 24.96 2.68 7.55
CA GLU A 40 26.15 2.85 8.37
C GLU A 40 27.22 3.61 7.57
N ARG A 41 28.03 4.42 8.27
CA ARG A 41 29.07 5.19 7.63
C ARG A 41 30.27 4.28 7.34
N PHE A 42 30.74 4.30 6.08
CA PHE A 42 31.87 3.49 5.66
C PHE A 42 32.70 4.26 4.64
N LYS A 43 33.98 3.86 4.49
CA LYS A 43 34.88 4.51 3.55
C LYS A 43 34.52 4.09 2.13
N TYR A 44 34.98 4.87 1.13
CA TYR A 44 34.66 4.53 -0.25
C TYR A 44 35.96 4.30 -1.02
N GLY A 45 36.33 5.25 -1.90
CA GLY A 45 37.53 5.14 -2.70
C GLY A 45 37.25 5.62 -4.12
N GLY A 46 36.40 4.88 -4.85
CA GLY A 46 36.04 5.24 -6.21
C GLY A 46 36.27 4.04 -7.13
N CYS A 47 37.54 3.59 -7.22
CA CYS A 47 37.90 2.45 -8.05
C CYS A 47 36.68 1.53 -8.21
N LEU A 48 35.92 1.73 -9.30
CA LEU A 48 34.74 0.92 -9.57
C LEU A 48 34.39 0.12 -8.31
N GLY A 49 33.41 0.61 -7.53
CA GLY A 49 32.97 -0.05 -6.31
C GLY A 49 31.64 -0.74 -6.57
N ASN A 50 30.79 -0.83 -5.52
CA ASN A 50 29.49 -1.46 -5.63
C ASN A 50 28.41 -0.39 -5.76
N MET A 51 27.17 -0.73 -5.42
CA MET A 51 26.05 0.20 -5.50
C MET A 51 25.77 0.77 -4.11
N ASN A 52 25.76 -0.10 -3.08
CA ASN A 52 25.51 0.31 -1.72
C ASN A 52 26.63 1.23 -1.25
N ASN A 53 26.76 2.40 -1.89
CA ASN A 53 27.79 3.37 -1.53
C ASN A 53 27.23 4.78 -1.68
N PHE A 54 26.32 5.16 -0.77
CA PHE A 54 25.71 6.49 -0.80
C PHE A 54 26.69 7.51 -0.24
N GLU A 55 26.36 8.81 -0.35
CA GLU A 55 27.21 9.87 0.14
C GLU A 55 26.64 10.41 1.46
N THR A 56 25.31 10.54 1.53
CA THR A 56 24.65 11.03 2.73
C THR A 56 23.78 9.92 3.33
N LEU A 57 23.56 9.97 4.65
CA LEU A 57 22.76 8.98 5.34
C LEU A 57 21.31 9.06 4.83
N GLU A 58 20.73 10.27 4.86
CA GLU A 58 19.37 10.48 4.42
C GLU A 58 19.21 9.92 3.01
N GLU A 59 20.27 10.02 2.19
CA GLU A 59 20.25 9.52 0.83
C GLU A 59 20.16 7.99 0.85
N CYS A 60 21.06 7.34 1.62
CA CYS A 60 21.07 5.89 1.72
C CYS A 60 19.76 5.41 2.35
N LYS A 61 19.12 6.27 3.16
CA LYS A 61 17.87 5.94 3.80
C LYS A 61 16.72 6.10 2.79
N ASN A 62 16.66 7.26 2.13
CA ASN A 62 15.62 7.54 1.14
C ASN A 62 15.60 6.41 0.11
N ILE A 63 16.79 5.93 -0.30
CA ILE A 63 16.91 4.86 -1.28
C ILE A 63 16.61 3.53 -0.59
N CYS A 64 17.33 3.24 0.50
CA CYS A 64 17.15 2.00 1.23
C CYS A 64 15.96 2.15 2.19
N GLU A 65 16.21 2.72 3.39
CA GLU A 65 15.17 2.91 4.38
C GLU A 65 13.85 3.23 3.67
N ASP A 66 13.94 3.92 2.51
CA ASP A 66 12.76 4.29 1.74
C ASP A 66 11.74 4.95 2.67
N GLY A 67 11.70 6.29 2.64
CA GLY A 67 10.78 7.05 3.48
C GLY A 67 9.36 6.86 2.94
N PRO A 68 9.08 7.46 1.76
CA PRO A 68 7.78 7.39 1.12
C PRO A 68 7.55 6.02 0.48
N ASN A 69 7.17 5.02 1.29
CA ASN A 69 6.94 3.67 0.80
C ASN A 69 7.99 3.33 -0.26
N GLY A 70 7.71 2.28 -1.05
CA GLY A 70 8.62 1.85 -2.10
C GLY A 70 9.33 3.08 -2.69
N PHE A 71 8.60 4.20 -2.78
CA PHE A 71 9.15 5.43 -3.33
C PHE A 71 9.49 5.22 -4.81
N ASP A 1 -1.47 -2.14 4.93
CA ASP A 1 -1.93 -1.58 3.67
C ASP A 1 -0.75 -1.53 2.69
N TYR A 2 0.32 -0.83 3.07
CA TYR A 2 1.47 -0.74 2.18
C TYR A 2 1.17 0.28 1.07
N LYS A 3 0.30 1.26 1.37
CA LYS A 3 -0.06 2.29 0.40
C LYS A 3 0.90 3.46 0.50
N ASP A 4 2.21 3.16 0.56
CA ASP A 4 3.23 4.19 0.66
C ASP A 4 4.60 3.57 0.39
N ASP A 5 5.21 2.97 1.43
CA ASP A 5 6.52 2.34 1.30
C ASP A 5 6.74 1.40 2.50
N ASP A 6 6.76 1.96 3.71
CA ASP A 6 6.97 1.19 4.92
C ASP A 6 8.23 0.33 4.77
N ASP A 7 8.59 -0.41 5.83
CA ASP A 7 9.76 -1.27 5.80
C ASP A 7 10.96 -0.47 5.29
N LYS A 8 12.11 -1.15 5.13
CA LYS A 8 13.32 -0.51 4.64
C LYS A 8 14.11 0.06 5.83
N LEU A 9 13.94 -0.56 7.01
CA LEU A 9 14.62 -0.12 8.22
C LEU A 9 14.64 1.41 8.27
N LYS A 10 13.62 1.99 8.91
CA LYS A 10 13.51 3.44 9.04
C LYS A 10 13.72 3.85 10.50
N PRO A 11 14.29 5.04 10.71
CA PRO A 11 14.55 5.58 12.04
C PRO A 11 13.25 5.98 12.75
N ASP A 12 12.83 5.16 13.73
CA ASP A 12 11.60 5.43 14.47
C ASP A 12 11.75 6.75 15.22
N PHE A 13 12.99 7.08 15.64
CA PHE A 13 13.26 8.30 16.37
C PHE A 13 12.76 9.50 15.55
N CYS A 14 12.70 9.33 14.22
CA CYS A 14 12.24 10.39 13.34
C CYS A 14 10.75 10.65 13.60
N PHE A 15 9.98 9.58 13.82
CA PHE A 15 8.56 9.69 14.08
C PHE A 15 8.33 10.16 15.52
N LEU A 16 9.45 10.33 16.27
CA LEU A 16 9.38 10.77 17.66
C LEU A 16 9.00 12.26 17.70
N GLU A 17 7.96 12.58 18.47
CA GLU A 17 7.51 13.96 18.60
C GLU A 17 8.71 14.88 18.87
N GLU A 18 8.66 16.10 18.34
CA GLU A 18 9.74 17.06 18.52
C GLU A 18 9.99 17.26 20.01
N ASP A 19 11.28 17.28 20.40
CA ASP A 19 11.66 17.46 21.80
C ASP A 19 12.81 18.47 21.88
N PRO A 20 12.49 19.72 22.27
CA PRO A 20 13.47 20.78 22.40
C PRO A 20 14.23 20.68 23.73
N GLY A 21 13.96 19.60 24.48
CA GLY A 21 14.60 19.38 25.77
C GLY A 21 13.77 20.02 26.88
N ILE A 22 14.30 21.09 27.49
CA ILE A 22 13.60 21.78 28.57
C ILE A 22 13.87 23.28 28.45
N CYS A 23 15.09 23.70 28.82
CA CYS A 23 15.48 25.11 28.77
C CYS A 23 15.21 25.64 27.37
N ARG A 24 15.59 26.92 27.13
CA ARG A 24 15.39 27.55 25.84
C ARG A 24 16.62 27.28 24.96
N GLY A 25 16.90 28.21 24.02
CA GLY A 25 18.03 28.07 23.12
C GLY A 25 17.53 27.72 21.72
N TYR A 26 16.29 28.12 21.40
CA TYR A 26 15.75 27.82 20.09
C TYR A 26 16.83 28.07 19.03
N ILE A 27 16.82 27.27 17.95
CA ILE A 27 17.80 27.40 16.88
C ILE A 27 17.12 27.10 15.54
N THR A 28 15.79 27.20 15.50
CA THR A 28 15.03 26.94 14.29
C THR A 28 15.51 25.63 13.66
N ARG A 29 15.46 24.53 14.43
CA ARG A 29 15.89 23.22 13.96
C ARG A 29 14.73 22.56 13.20
N TYR A 30 14.95 21.32 12.74
CA TYR A 30 13.90 20.63 12.01
C TYR A 30 13.70 19.24 12.61
N PHE A 31 12.49 18.68 12.45
CA PHE A 31 12.18 17.36 12.98
C PHE A 31 11.09 16.71 12.12
N TYR A 32 11.11 15.36 12.03
CA TYR A 32 10.11 14.69 11.23
C TYR A 32 8.82 14.56 12.03
N ASN A 33 7.82 15.41 11.73
CA ASN A 33 6.55 15.38 12.43
C ASN A 33 5.55 14.54 11.65
N ASN A 34 4.90 13.56 12.33
CA ASN A 34 3.93 12.69 11.70
C ASN A 34 2.67 13.49 11.36
N GLN A 35 2.45 14.60 12.10
CA GLN A 35 1.29 15.45 11.88
C GLN A 35 1.20 15.79 10.40
N THR A 36 2.36 16.01 9.75
CA THR A 36 2.40 16.35 8.34
C THR A 36 3.29 15.35 7.61
N LYS A 37 3.48 14.15 8.20
CA LYS A 37 4.29 13.11 7.61
C LYS A 37 5.44 13.76 6.83
N GLN A 38 6.19 14.66 7.50
CA GLN A 38 7.31 15.35 6.87
C GLN A 38 8.14 16.05 7.94
N CYS A 39 9.16 16.81 7.52
CA CYS A 39 10.02 17.53 8.44
C CYS A 39 9.44 18.91 8.70
N GLU A 40 9.19 19.23 9.98
CA GLU A 40 8.63 20.52 10.36
C GLU A 40 9.70 21.34 11.08
N ARG A 41 9.68 22.67 10.85
CA ARG A 41 10.65 23.56 11.47
C ARG A 41 10.28 23.76 12.94
N PHE A 42 11.14 23.27 13.85
CA PHE A 42 10.91 23.40 15.28
C PHE A 42 12.18 23.91 15.96
N LYS A 43 12.03 24.59 17.11
CA LYS A 43 13.16 25.12 17.85
C LYS A 43 13.72 24.03 18.76
N TYR A 44 15.04 24.06 18.99
CA TYR A 44 15.64 23.05 19.85
C TYR A 44 15.76 23.60 21.27
N GLY A 45 16.95 24.10 21.64
CA GLY A 45 17.19 24.63 22.97
C GLY A 45 18.54 24.13 23.49
N GLY A 46 18.61 22.81 23.78
CA GLY A 46 19.83 22.21 24.29
C GLY A 46 19.60 21.73 25.72
N CYS A 47 18.77 20.68 25.89
CA CYS A 47 18.47 20.14 27.20
C CYS A 47 17.77 18.79 27.04
N LEU A 48 18.52 17.78 26.55
CA LEU A 48 17.98 16.45 26.35
C LEU A 48 16.70 16.54 25.53
N GLY A 49 16.82 17.01 24.27
CA GLY A 49 15.67 17.14 23.38
C GLY A 49 15.53 15.88 22.53
N ASN A 50 15.12 14.77 23.18
CA ASN A 50 14.95 13.50 22.50
C ASN A 50 15.95 13.41 21.34
N MET A 51 15.59 12.65 20.29
CA MET A 51 16.45 12.48 19.13
C MET A 51 16.01 13.44 18.03
N ASN A 52 14.82 13.17 17.45
CA ASN A 52 14.28 14.01 16.38
C ASN A 52 14.72 15.45 16.61
N ASN A 53 15.82 15.87 15.95
CA ASN A 53 16.33 17.22 16.09
C ASN A 53 17.41 17.45 15.03
N PHE A 54 17.02 18.03 13.89
CA PHE A 54 17.94 18.31 12.80
C PHE A 54 18.16 19.82 12.70
N GLU A 55 19.09 20.23 11.82
CA GLU A 55 19.40 21.64 11.62
C GLU A 55 18.78 22.11 10.31
N THR A 56 18.94 21.31 9.24
CA THR A 56 18.40 21.65 7.93
C THR A 56 17.29 20.66 7.58
N LEU A 57 16.28 21.13 6.84
CA LEU A 57 15.17 20.30 6.43
C LEU A 57 15.69 19.10 5.64
N GLU A 58 16.52 19.38 4.61
CA GLU A 58 17.09 18.33 3.78
C GLU A 58 17.80 17.31 4.67
N GLU A 59 18.39 17.79 5.78
CA GLU A 59 19.09 16.91 6.70
C GLU A 59 18.09 15.99 7.40
N CYS A 60 16.99 16.57 7.91
CA CYS A 60 15.96 15.80 8.59
C CYS A 60 15.30 14.85 7.59
N LYS A 61 15.27 15.25 6.31
CA LYS A 61 14.68 14.43 5.26
C LYS A 61 15.64 13.31 4.88
N ASN A 62 16.92 13.66 4.69
CA ASN A 62 17.94 12.69 4.33
C ASN A 62 17.93 11.54 5.34
N ILE A 63 17.90 11.88 6.64
CA ILE A 63 17.88 10.89 7.70
C ILE A 63 16.47 10.30 7.82
N CYS A 64 15.47 11.17 8.00
CA CYS A 64 14.09 10.75 8.13
C CYS A 64 13.55 10.33 6.76
N GLU A 65 13.01 11.29 6.00
CA GLU A 65 12.47 11.02 4.68
C GLU A 65 13.28 9.90 4.03
N ASP A 66 14.60 9.88 4.27
CA ASP A 66 15.47 8.87 3.72
C ASP A 66 15.18 8.72 2.22
N GLY A 67 14.96 9.86 1.53
CA GLY A 67 14.67 9.85 0.11
C GLY A 67 15.63 8.90 -0.60
N PRO A 68 15.33 8.56 -1.87
CA PRO A 68 16.14 7.66 -2.67
C PRO A 68 17.42 8.35 -3.15
N ASN A 69 18.42 7.55 -3.55
CA ASN A 69 19.69 8.07 -4.02
C ASN A 69 20.23 9.07 -3.01
N GLY A 70 20.83 8.56 -1.91
CA GLY A 70 21.38 9.40 -0.88
C GLY A 70 22.07 8.52 0.17
N PHE A 71 21.90 8.86 1.47
CA PHE A 71 22.50 8.11 2.55
C PHE A 71 22.39 6.61 2.25
N ASP A 1 -1.47 -2.14 4.93
CA ASP A 1 -1.93 -1.58 3.67
C ASP A 1 -2.64 -2.66 2.86
N TYR A 2 -3.88 -2.38 2.44
CA TYR A 2 -4.60 -3.37 1.66
C TYR A 2 -5.02 -4.53 2.57
N LYS A 3 -4.05 -5.32 3.03
CA LYS A 3 -4.32 -6.46 3.90
C LYS A 3 -4.93 -7.60 3.07
N ASP A 4 -6.09 -7.32 2.45
CA ASP A 4 -6.78 -8.32 1.63
C ASP A 4 -5.73 -9.15 0.89
N ASP A 5 -5.66 -10.46 1.23
CA ASP A 5 -4.72 -11.37 0.60
C ASP A 5 -3.32 -11.09 1.13
N ASP A 6 -2.82 -9.86 0.91
CA ASP A 6 -1.50 -9.46 1.37
C ASP A 6 -1.47 -9.45 2.89
N ASP A 7 -0.98 -10.55 3.50
CA ASP A 7 -0.90 -10.67 4.94
C ASP A 7 0.38 -11.42 5.31
N LYS A 8 1.40 -11.33 4.45
CA LYS A 8 2.67 -11.99 4.69
C LYS A 8 3.63 -11.69 3.53
N LEU A 9 4.17 -10.46 3.50
CA LEU A 9 5.09 -10.05 2.46
C LEU A 9 6.53 -10.26 2.94
N LYS A 10 7.27 -9.17 3.13
CA LYS A 10 8.65 -9.23 3.58
C LYS A 10 8.76 -8.59 4.96
N PRO A 11 9.84 -8.92 5.70
CA PRO A 11 10.10 -8.40 7.03
C PRO A 11 10.57 -6.94 6.97
N ASP A 12 9.70 -6.01 7.40
CA ASP A 12 10.02 -4.59 7.38
C ASP A 12 11.18 -4.34 8.35
N PHE A 13 11.26 -5.15 9.41
CA PHE A 13 12.33 -5.01 10.40
C PHE A 13 13.68 -5.12 9.72
N CYS A 14 13.73 -5.86 8.59
CA CYS A 14 14.96 -6.03 7.84
C CYS A 14 15.40 -4.69 7.27
N PHE A 15 14.43 -3.86 6.85
CA PHE A 15 14.73 -2.55 6.29
C PHE A 15 14.83 -1.53 7.41
N LEU A 16 14.80 -2.01 8.68
CA LEU A 16 14.90 -1.14 9.83
C LEU A 16 16.37 -0.89 10.15
N GLU A 17 16.72 0.38 10.43
CA GLU A 17 18.09 0.75 10.74
C GLU A 17 18.67 -0.26 11.74
N GLU A 18 20.00 -0.23 11.93
CA GLU A 18 20.67 -1.12 12.85
C GLU A 18 20.68 -0.51 14.25
N ASP A 19 20.38 -1.33 15.27
CA ASP A 19 20.35 -0.87 16.65
C ASP A 19 21.15 -1.83 17.53
N PRO A 20 22.36 -1.41 17.96
CA PRO A 20 23.23 -2.20 18.80
C PRO A 20 22.82 -2.12 20.26
N GLY A 21 21.58 -1.64 20.51
CA GLY A 21 21.06 -1.51 21.87
C GLY A 21 22.03 -0.67 22.70
N ILE A 22 22.08 -0.92 24.02
CA ILE A 22 22.95 -0.18 24.91
C ILE A 22 24.13 -1.07 25.32
N CYS A 23 23.87 -2.05 26.21
CA CYS A 23 24.90 -2.97 26.66
C CYS A 23 25.89 -3.22 25.53
N ARG A 24 27.17 -2.87 25.77
CA ARG A 24 28.21 -3.06 24.77
C ARG A 24 28.33 -4.55 24.44
N GLY A 25 29.54 -5.11 24.65
CA GLY A 25 29.78 -6.52 24.38
C GLY A 25 29.43 -6.83 22.92
N TYR A 26 30.11 -6.15 21.99
CA TYR A 26 29.82 -6.40 20.58
C TYR A 26 29.78 -7.90 20.33
N ILE A 27 28.90 -8.35 19.42
CA ILE A 27 28.77 -9.76 19.10
C ILE A 27 28.93 -9.95 17.58
N THR A 28 29.49 -8.94 16.90
CA THR A 28 29.70 -9.00 15.47
C THR A 28 28.48 -9.64 14.80
N ARG A 29 27.34 -8.93 14.82
CA ARG A 29 26.11 -9.44 14.22
C ARG A 29 25.94 -8.83 12.83
N TYR A 30 24.85 -9.21 12.14
CA TYR A 30 24.64 -8.69 10.80
C TYR A 30 23.23 -8.08 10.72
N PHE A 31 23.04 -7.13 9.78
CA PHE A 31 21.75 -6.47 9.62
C PHE A 31 21.60 -6.02 8.16
N TYR A 32 20.37 -6.11 7.63
CA TYR A 32 20.16 -5.69 6.26
C TYR A 32 20.11 -4.17 6.18
N ASN A 33 21.09 -3.55 5.50
CA ASN A 33 21.16 -2.11 5.38
C ASN A 33 20.69 -1.70 3.98
N ASN A 34 19.60 -0.91 3.92
CA ASN A 34 19.04 -0.46 2.66
C ASN A 34 20.10 0.35 1.90
N GLN A 35 20.92 1.10 2.65
CA GLN A 35 21.97 1.92 2.05
C GLN A 35 22.71 1.09 1.00
N THR A 36 23.12 -0.13 1.36
CA THR A 36 23.82 -1.01 0.45
C THR A 36 22.90 -2.16 0.03
N LYS A 37 21.58 -1.94 0.12
CA LYS A 37 20.61 -2.95 -0.24
C LYS A 37 21.23 -4.34 -0.05
N GLN A 38 21.75 -4.61 1.15
CA GLN A 38 22.36 -5.89 1.47
C GLN A 38 22.65 -5.96 2.97
N CYS A 39 23.12 -7.13 3.43
CA CYS A 39 23.44 -7.34 4.83
C CYS A 39 24.79 -6.69 5.15
N GLU A 40 24.86 -5.92 6.25
CA GLU A 40 26.08 -5.26 6.65
C GLU A 40 26.49 -5.76 8.04
N ARG A 41 27.79 -6.09 8.19
CA ARG A 41 28.30 -6.58 9.46
C ARG A 41 28.36 -5.44 10.47
N PHE A 42 27.61 -5.58 11.59
CA PHE A 42 27.57 -4.56 12.61
C PHE A 42 27.58 -5.23 13.99
N LYS A 43 28.24 -4.58 14.97
CA LYS A 43 28.33 -5.12 16.32
C LYS A 43 27.02 -4.86 17.06
N TYR A 44 26.31 -5.95 17.43
CA TYR A 44 25.05 -5.77 18.12
C TYR A 44 25.32 -5.19 19.52
N GLY A 45 26.25 -5.80 20.27
CA GLY A 45 26.58 -5.36 21.60
C GLY A 45 25.34 -5.43 22.49
N GLY A 46 24.33 -4.59 22.18
CA GLY A 46 23.09 -4.55 22.95
C GLY A 46 22.64 -5.98 23.23
N CYS A 47 21.75 -6.15 24.21
CA CYS A 47 21.24 -7.46 24.59
C CYS A 47 19.78 -7.57 24.15
N LEU A 48 19.15 -6.42 23.86
CA LEU A 48 17.76 -6.38 23.45
C LEU A 48 17.49 -5.08 22.68
N GLY A 49 18.00 -4.99 21.44
CA GLY A 49 17.81 -3.82 20.62
C GLY A 49 16.61 -4.02 19.70
N ASN A 50 16.83 -3.87 18.38
CA ASN A 50 15.78 -4.04 17.40
C ASN A 50 15.74 -5.50 16.94
N MET A 51 15.05 -5.77 15.82
CA MET A 51 14.94 -7.11 15.27
C MET A 51 16.04 -7.33 14.24
N ASN A 52 16.32 -6.30 13.43
CA ASN A 52 17.36 -6.38 12.40
C ASN A 52 18.71 -6.60 13.06
N ASN A 53 18.92 -7.78 13.64
CA ASN A 53 20.18 -8.12 14.31
C ASN A 53 20.46 -9.61 14.14
N PHE A 54 21.00 -10.00 12.98
CA PHE A 54 21.31 -11.39 12.71
C PHE A 54 22.70 -11.72 13.24
N GLU A 55 23.09 -13.00 13.18
CA GLU A 55 24.40 -13.44 13.66
C GLU A 55 25.27 -13.80 12.46
N THR A 56 24.65 -14.13 11.32
CA THR A 56 25.36 -14.49 10.12
C THR A 56 24.84 -13.66 8.94
N LEU A 57 25.74 -13.33 7.99
CA LEU A 57 25.37 -12.54 6.83
C LEU A 57 24.33 -13.30 6.00
N GLU A 58 24.64 -14.56 5.67
CA GLU A 58 23.74 -15.40 4.89
C GLU A 58 22.38 -15.44 5.57
N GLU A 59 22.37 -15.64 6.90
CA GLU A 59 21.14 -15.70 7.66
C GLU A 59 20.35 -14.39 7.47
N CYS A 60 21.03 -13.25 7.67
CA CYS A 60 20.41 -11.95 7.52
C CYS A 60 19.81 -11.83 6.12
N LYS A 61 20.44 -12.51 5.14
CA LYS A 61 19.98 -12.48 3.76
C LYS A 61 18.79 -13.44 3.61
N ASN A 62 18.94 -14.67 4.13
CA ASN A 62 17.89 -15.67 4.05
C ASN A 62 16.58 -15.06 4.57
N ILE A 63 16.65 -14.34 5.70
CA ILE A 63 15.48 -13.72 6.29
C ILE A 63 15.13 -12.44 5.51
N CYS A 64 16.14 -11.58 5.30
CA CYS A 64 15.94 -10.34 4.57
C CYS A 64 15.96 -10.63 3.06
N GLU A 65 17.17 -10.63 2.47
CA GLU A 65 17.34 -10.90 1.05
C GLU A 65 16.28 -11.90 0.59
N ASP A 66 15.92 -12.84 1.48
CA ASP A 66 14.92 -13.85 1.18
C ASP A 66 15.22 -14.46 -0.20
N GLY A 67 15.93 -15.60 -0.21
CA GLY A 67 16.29 -16.28 -1.45
C GLY A 67 15.07 -16.29 -2.38
N PRO A 68 14.20 -17.31 -2.22
CA PRO A 68 12.99 -17.46 -3.02
C PRO A 68 11.93 -16.45 -2.62
N ASN A 69 11.09 -16.03 -3.59
CA ASN A 69 10.03 -15.07 -3.33
C ASN A 69 8.82 -15.81 -2.74
N GLY A 70 9.03 -16.54 -1.64
CA GLY A 70 7.95 -17.28 -0.99
C GLY A 70 8.11 -17.15 0.52
N PHE A 71 8.75 -16.07 0.97
CA PHE A 71 8.95 -15.83 2.40
C PHE A 71 9.71 -14.51 2.58
N ASP A 1 -1.47 -2.14 4.93
CA ASP A 1 -1.93 -1.58 3.67
C ASP A 1 -3.24 -2.25 3.27
N TYR A 2 -3.19 -3.57 3.03
CA TYR A 2 -4.41 -4.27 2.63
C TYR A 2 -4.20 -5.77 2.78
N LYS A 3 -3.10 -6.30 2.19
CA LYS A 3 -2.81 -7.72 2.26
C LYS A 3 -4.11 -8.52 2.19
N ASP A 4 -4.13 -9.69 2.83
CA ASP A 4 -5.31 -10.55 2.84
C ASP A 4 -6.56 -9.67 2.92
N ASP A 5 -6.57 -8.71 3.87
CA ASP A 5 -7.69 -7.82 4.04
C ASP A 5 -8.96 -8.64 4.33
N ASP A 6 -9.98 -7.99 4.88
CA ASP A 6 -11.23 -8.66 5.20
C ASP A 6 -11.93 -9.08 3.90
N ASP A 7 -12.31 -10.37 3.82
CA ASP A 7 -12.97 -10.91 2.65
C ASP A 7 -14.16 -11.78 3.09
N LYS A 8 -14.80 -12.45 2.11
CA LYS A 8 -15.93 -13.32 2.40
C LYS A 8 -17.18 -12.47 2.63
N LEU A 9 -17.12 -11.57 3.62
CA LEU A 9 -18.24 -10.70 3.94
C LEU A 9 -18.13 -9.42 3.10
N LYS A 10 -19.21 -8.63 3.09
CA LYS A 10 -19.25 -7.38 2.34
C LYS A 10 -19.12 -7.70 0.85
N PRO A 11 -20.04 -7.16 0.03
CA PRO A 11 -20.04 -7.35 -1.41
C PRO A 11 -18.69 -6.99 -2.03
N ASP A 12 -17.99 -8.00 -2.58
CA ASP A 12 -16.70 -7.79 -3.19
C ASP A 12 -16.85 -6.87 -4.40
N PHE A 13 -18.04 -6.91 -5.04
CA PHE A 13 -18.32 -6.08 -6.20
C PHE A 13 -18.07 -4.61 -5.84
N CYS A 14 -18.21 -4.27 -4.55
CA CYS A 14 -18.00 -2.91 -4.08
C CYS A 14 -16.53 -2.54 -4.26
N PHE A 15 -15.63 -3.50 -4.00
CA PHE A 15 -14.20 -3.27 -4.12
C PHE A 15 -13.79 -3.44 -5.58
N LEU A 16 -14.77 -3.75 -6.45
CA LEU A 16 -14.50 -3.95 -7.87
C LEU A 16 -14.24 -2.59 -8.53
N GLU A 17 -13.07 -2.44 -9.15
CA GLU A 17 -12.69 -1.20 -9.82
C GLU A 17 -13.86 -0.74 -10.70
N GLU A 18 -14.28 0.53 -10.52
CA GLU A 18 -15.36 1.09 -11.31
C GLU A 18 -15.35 0.49 -12.71
N ASP A 19 -16.54 0.18 -13.25
CA ASP A 19 -16.66 -0.40 -14.58
C ASP A 19 -17.93 0.12 -15.24
N PRO A 20 -17.80 1.22 -16.01
CA PRO A 20 -18.91 1.85 -16.71
C PRO A 20 -19.43 0.94 -17.82
N GLY A 21 -18.62 0.74 -18.87
CA GLY A 21 -18.99 -0.10 -20.00
C GLY A 21 -17.96 0.04 -21.11
N ILE A 22 -18.35 -0.29 -22.35
CA ILE A 22 -17.44 -0.20 -23.50
C ILE A 22 -17.89 0.94 -24.40
N CYS A 23 -19.20 1.25 -24.38
CA CYS A 23 -19.75 2.32 -25.19
C CYS A 23 -19.59 3.66 -24.47
N ARG A 24 -20.72 4.22 -24.00
CA ARG A 24 -20.70 5.49 -23.29
C ARG A 24 -22.07 5.73 -22.65
N GLY A 25 -22.23 6.88 -21.98
CA GLY A 25 -23.49 7.23 -21.33
C GLY A 25 -23.21 7.59 -19.87
N TYR A 26 -22.61 8.78 -19.65
CA TYR A 26 -22.31 9.18 -18.28
C TYR A 26 -23.61 9.66 -17.60
N ILE A 27 -23.83 9.24 -16.35
CA ILE A 27 -25.02 9.63 -15.61
C ILE A 27 -24.63 10.07 -14.20
N THR A 28 -23.35 10.44 -14.03
CA THR A 28 -22.84 10.87 -12.73
C THR A 28 -23.22 9.84 -11.67
N ARG A 29 -22.79 8.57 -11.88
CA ARG A 29 -23.08 7.50 -10.95
C ARG A 29 -22.00 7.47 -9.87
N TYR A 30 -22.15 6.56 -8.88
CA TYR A 30 -21.16 6.49 -7.82
C TYR A 30 -20.65 5.05 -7.71
N PHE A 31 -19.48 4.86 -7.09
CA PHE A 31 -18.88 3.55 -6.93
C PHE A 31 -17.93 3.56 -5.74
N TYR A 32 -17.79 2.40 -5.07
CA TYR A 32 -16.90 2.34 -3.92
C TYR A 32 -15.46 2.13 -4.40
N ASN A 33 -14.64 3.20 -4.39
CA ASN A 33 -13.27 3.12 -4.84
C ASN A 33 -12.36 2.87 -3.62
N ASN A 34 -11.59 1.77 -3.67
CA ASN A 34 -10.68 1.42 -2.58
C ASN A 34 -9.55 2.43 -2.53
N GLN A 35 -9.21 3.02 -3.69
CA GLN A 35 -8.13 4.00 -3.77
C GLN A 35 -8.26 4.98 -2.61
N THR A 36 -9.49 5.43 -2.33
CA THR A 36 -9.75 6.36 -1.24
C THR A 36 -10.52 5.66 -0.13
N LYS A 37 -10.98 4.42 -0.41
CA LYS A 37 -11.72 3.65 0.57
C LYS A 37 -13.07 4.33 0.83
N GLN A 38 -13.75 4.77 -0.24
CA GLN A 38 -15.04 5.44 -0.12
C GLN A 38 -15.74 5.42 -1.48
N CYS A 39 -16.93 6.03 -1.54
CA CYS A 39 -17.71 6.09 -2.77
C CYS A 39 -17.29 7.33 -3.57
N GLU A 40 -16.78 7.11 -4.79
CA GLU A 40 -16.35 8.20 -5.65
C GLU A 40 -17.36 8.39 -6.77
N ARG A 41 -17.51 9.64 -7.26
CA ARG A 41 -18.44 9.96 -8.32
C ARG A 41 -17.78 9.64 -9.67
N PHE A 42 -18.45 8.79 -10.48
CA PHE A 42 -17.92 8.41 -11.79
C PHE A 42 -19.09 8.27 -12.76
N LYS A 43 -18.78 7.85 -14.01
CA LYS A 43 -19.80 7.68 -15.03
C LYS A 43 -20.25 6.22 -15.04
N TYR A 44 -21.07 5.86 -16.05
CA TYR A 44 -21.55 4.48 -16.12
C TYR A 44 -21.54 4.02 -17.57
N GLY A 45 -22.34 4.68 -18.44
CA GLY A 45 -22.43 4.33 -19.84
C GLY A 45 -23.51 3.28 -20.03
N GLY A 46 -23.47 2.21 -19.21
CA GLY A 46 -24.45 1.14 -19.29
C GLY A 46 -23.76 -0.15 -19.74
N CYS A 47 -23.42 -0.22 -21.04
CA CYS A 47 -22.76 -1.39 -21.59
C CYS A 47 -22.25 -2.27 -20.45
N LEU A 48 -22.80 -3.49 -20.34
CA LEU A 48 -22.40 -4.43 -19.31
C LEU A 48 -22.00 -3.65 -18.05
N GLY A 49 -20.70 -3.31 -17.96
CA GLY A 49 -20.18 -2.56 -16.82
C GLY A 49 -19.94 -3.53 -15.65
N ASN A 50 -20.30 -3.09 -14.43
CA ASN A 50 -20.13 -3.91 -13.24
C ASN A 50 -21.26 -3.61 -12.26
N MET A 51 -21.17 -4.18 -11.04
CA MET A 51 -22.18 -3.98 -10.01
C MET A 51 -21.81 -2.75 -9.18
N ASN A 52 -20.54 -2.30 -9.30
CA ASN A 52 -20.08 -1.14 -8.55
C ASN A 52 -20.47 0.14 -9.31
N ASN A 53 -21.77 0.27 -9.63
CA ASN A 53 -22.27 1.43 -10.35
C ASN A 53 -23.57 1.90 -9.68
N PHE A 54 -23.43 2.74 -8.64
CA PHE A 54 -24.58 3.27 -7.92
C PHE A 54 -25.03 4.58 -8.58
N GLU A 55 -26.14 5.15 -8.09
CA GLU A 55 -26.67 6.39 -8.62
C GLU A 55 -26.43 7.52 -7.61
N THR A 56 -26.64 7.22 -6.31
CA THR A 56 -26.45 8.20 -5.26
C THR A 56 -25.34 7.71 -4.32
N LEU A 57 -24.61 8.67 -3.72
CA LEU A 57 -23.52 8.35 -2.80
C LEU A 57 -24.07 7.51 -1.64
N GLU A 58 -25.13 8.02 -0.99
CA GLU A 58 -25.74 7.32 0.14
C GLU A 58 -26.10 5.89 -0.29
N GLU A 59 -26.42 5.72 -1.58
CA GLU A 59 -26.78 4.41 -2.10
C GLU A 59 -25.54 3.52 -2.15
N CYS A 60 -24.43 4.06 -2.70
CA CYS A 60 -23.18 3.32 -2.81
C CYS A 60 -22.62 3.09 -1.40
N LYS A 61 -22.95 4.00 -0.47
CA LYS A 61 -22.47 3.89 0.90
C LYS A 61 -23.31 2.86 1.66
N ASN A 62 -24.65 3.01 1.60
CA ASN A 62 -25.56 2.10 2.26
C ASN A 62 -25.24 0.66 1.83
N ILE A 63 -24.96 0.48 0.53
CA ILE A 63 -24.65 -0.83 -0.01
C ILE A 63 -23.21 -1.21 0.37
N CYS A 64 -22.25 -0.34 0.02
CA CYS A 64 -20.85 -0.57 0.32
C CYS A 64 -20.57 -0.16 1.78
N GLU A 65 -20.36 1.15 2.00
CA GLU A 65 -20.09 1.67 3.33
C GLU A 65 -20.93 0.91 4.35
N ASP A 66 -22.09 0.40 3.91
CA ASP A 66 -22.99 -0.33 4.79
C ASP A 66 -22.92 0.26 6.19
N GLY A 67 -23.79 1.27 6.46
CA GLY A 67 -23.83 1.92 7.76
C GLY A 67 -25.23 2.45 8.01
N PRO A 68 -25.37 3.35 9.00
CA PRO A 68 -26.64 3.96 9.37
C PRO A 68 -27.10 4.96 8.30
N ASN A 69 -28.14 5.75 8.62
CA ASN A 69 -28.66 6.73 7.69
C ASN A 69 -29.26 6.02 6.48
N GLY A 70 -28.40 5.39 5.66
CA GLY A 70 -28.84 4.68 4.47
C GLY A 70 -29.42 3.33 4.89
N PHE A 71 -28.65 2.55 5.67
CA PHE A 71 -29.10 1.25 6.13
C PHE A 71 -29.84 1.40 7.46
N ASP A 1 -1.47 -2.14 4.93
CA ASP A 1 -1.93 -1.58 3.67
C ASP A 1 -2.64 -2.66 2.86
N TYR A 2 -2.06 -3.88 2.83
CA TYR A 2 -2.69 -4.95 2.07
C TYR A 2 -4.09 -5.19 2.62
N LYS A 3 -4.84 -6.13 1.99
CA LYS A 3 -6.19 -6.44 2.41
C LYS A 3 -6.33 -7.96 2.55
N ASP A 4 -5.22 -8.64 2.84
CA ASP A 4 -5.22 -10.09 2.99
C ASP A 4 -6.10 -10.47 4.18
N ASP A 5 -5.92 -9.77 5.31
CA ASP A 5 -6.70 -10.03 6.51
C ASP A 5 -6.65 -11.53 6.84
N ASP A 6 -7.47 -11.96 7.81
CA ASP A 6 -7.52 -13.36 8.20
C ASP A 6 -6.16 -13.77 8.78
N ASP A 7 -5.16 -13.92 7.89
CA ASP A 7 -3.82 -14.31 8.31
C ASP A 7 -3.91 -15.40 9.38
N LYS A 8 -3.89 -16.67 8.94
CA LYS A 8 -3.97 -17.79 9.86
C LYS A 8 -2.69 -18.63 9.77
N LEU A 9 -1.57 -17.96 9.45
CA LEU A 9 -0.28 -18.63 9.33
C LEU A 9 -0.30 -19.54 8.09
N LYS A 10 0.82 -20.22 7.82
CA LYS A 10 0.93 -21.11 6.68
C LYS A 10 0.89 -20.29 5.39
N PRO A 11 1.84 -20.55 4.47
CA PRO A 11 1.94 -19.86 3.20
C PRO A 11 0.62 -19.94 2.43
N ASP A 12 -0.09 -18.79 2.35
CA ASP A 12 -1.37 -18.73 1.66
C ASP A 12 -1.15 -19.06 0.17
N PHE A 13 0.03 -18.72 -0.36
CA PHE A 13 0.37 -18.98 -1.75
C PHE A 13 0.12 -20.46 -2.05
N CYS A 14 0.23 -21.31 -1.02
CA CYS A 14 0.03 -22.74 -1.17
C CYS A 14 -1.43 -23.01 -1.55
N PHE A 15 -2.36 -22.25 -0.93
CA PHE A 15 -3.78 -22.41 -1.20
C PHE A 15 -4.13 -21.70 -2.51
N LEU A 16 -3.11 -21.08 -3.15
CA LEU A 16 -3.31 -20.37 -4.40
C LEU A 16 -3.40 -21.38 -5.54
N GLU A 17 -4.34 -21.16 -6.48
CA GLU A 17 -4.52 -22.04 -7.61
C GLU A 17 -3.18 -22.26 -8.32
N GLU A 18 -3.04 -23.40 -9.01
CA GLU A 18 -1.81 -23.72 -9.72
C GLU A 18 -1.62 -22.73 -10.87
N ASP A 19 -0.43 -22.11 -10.93
CA ASP A 19 -0.12 -21.14 -11.97
C ASP A 19 1.13 -21.59 -12.73
N PRO A 20 0.93 -22.15 -13.94
CA PRO A 20 2.01 -22.64 -14.79
C PRO A 20 2.79 -21.46 -15.40
N GLY A 21 2.08 -20.37 -15.75
CA GLY A 21 2.70 -19.20 -16.34
C GLY A 21 1.97 -18.85 -17.64
N ILE A 22 2.67 -18.11 -18.53
CA ILE A 22 2.10 -17.71 -19.80
C ILE A 22 2.61 -18.64 -20.91
N CYS A 23 3.93 -18.93 -20.88
CA CYS A 23 4.54 -19.80 -21.86
C CYS A 23 3.89 -21.17 -21.81
N ARG A 24 4.71 -22.23 -21.71
CA ARG A 24 4.21 -23.59 -21.65
C ARG A 24 5.36 -24.54 -21.30
N GLY A 25 6.33 -24.05 -20.51
CA GLY A 25 7.49 -24.84 -20.11
C GLY A 25 7.03 -26.26 -19.78
N TYR A 26 5.98 -26.38 -18.94
CA TYR A 26 5.49 -27.69 -18.59
C TYR A 26 6.58 -28.45 -17.81
N ILE A 27 6.27 -28.88 -16.59
CA ILE A 27 7.23 -29.59 -15.75
C ILE A 27 6.48 -30.28 -14.61
N THR A 28 6.78 -31.59 -14.39
CA THR A 28 6.15 -32.36 -13.34
C THR A 28 6.35 -31.64 -12.00
N ARG A 29 5.55 -30.60 -11.74
CA ARG A 29 5.64 -29.84 -10.50
C ARG A 29 4.40 -30.12 -9.65
N TYR A 30 4.52 -29.94 -8.32
CA TYR A 30 3.39 -30.18 -7.46
C TYR A 30 2.91 -28.85 -6.85
N PHE A 31 1.62 -28.78 -6.48
CA PHE A 31 1.06 -27.57 -5.90
C PHE A 31 -0.05 -27.96 -4.91
N TYR A 32 -0.16 -27.19 -3.81
CA TYR A 32 -1.18 -27.51 -2.83
C TYR A 32 -2.54 -27.02 -3.34
N ASN A 33 -3.41 -27.97 -3.74
CA ASN A 33 -4.73 -27.63 -4.26
C ASN A 33 -5.76 -27.75 -3.13
N ASN A 34 -6.60 -26.72 -2.98
CA ASN A 34 -7.63 -26.71 -1.94
C ASN A 34 -8.69 -27.76 -2.28
N GLN A 35 -8.92 -27.99 -3.59
CA GLN A 35 -9.91 -28.95 -4.04
C GLN A 35 -9.67 -30.29 -3.33
N THR A 36 -8.41 -30.55 -2.97
CA THR A 36 -8.05 -31.79 -2.29
C THR A 36 -7.22 -31.46 -1.05
N LYS A 37 -7.28 -30.18 -0.60
CA LYS A 37 -6.54 -29.75 0.57
C LYS A 37 -5.25 -30.54 0.69
N GLN A 38 -4.58 -30.78 -0.46
CA GLN A 38 -3.34 -31.54 -0.49
C GLN A 38 -2.48 -31.05 -1.65
N CYS A 39 -1.45 -31.83 -2.01
CA CYS A 39 -0.55 -31.48 -3.10
C CYS A 39 -0.95 -32.28 -4.36
N GLU A 40 -1.29 -31.56 -5.44
CA GLU A 40 -1.68 -32.19 -6.68
C GLU A 40 -0.63 -31.91 -7.75
N ARG A 41 -0.33 -32.91 -8.60
CA ARG A 41 0.66 -32.77 -9.65
C ARG A 41 0.10 -31.88 -10.75
N PHE A 42 0.98 -31.11 -11.41
CA PHE A 42 0.58 -30.20 -12.48
C PHE A 42 1.82 -29.70 -13.22
N LYS A 43 1.63 -29.20 -14.45
CA LYS A 43 2.73 -28.69 -15.24
C LYS A 43 3.15 -27.32 -14.71
N TYR A 44 4.15 -26.69 -15.37
CA TYR A 44 4.60 -25.40 -14.90
C TYR A 44 5.27 -24.65 -16.06
N GLY A 45 4.54 -23.71 -16.67
CA GLY A 45 5.05 -22.94 -17.79
C GLY A 45 6.45 -22.42 -17.45
N GLY A 46 6.60 -21.90 -16.21
CA GLY A 46 7.87 -21.36 -15.76
C GLY A 46 7.82 -19.84 -15.79
N CYS A 47 7.77 -19.25 -17.00
CA CYS A 47 7.72 -17.81 -17.17
C CYS A 47 7.51 -17.15 -15.79
N LEU A 48 6.25 -16.81 -15.48
CA LEU A 48 5.93 -16.18 -14.22
C LEU A 48 5.27 -17.21 -13.29
N GLY A 49 4.01 -17.57 -13.58
CA GLY A 49 3.28 -18.53 -12.78
C GLY A 49 3.01 -17.95 -11.40
N ASN A 50 3.11 -18.80 -10.36
CA ASN A 50 2.88 -18.37 -8.98
C ASN A 50 3.94 -19.00 -8.07
N MET A 51 3.72 -18.92 -6.75
CA MET A 51 4.65 -19.47 -5.78
C MET A 51 4.27 -20.92 -5.48
N ASN A 52 2.99 -21.27 -5.73
CA ASN A 52 2.51 -22.63 -5.50
C ASN A 52 2.98 -23.54 -6.63
N ASN A 53 4.31 -23.62 -6.81
CA ASN A 53 4.89 -24.46 -7.85
C ASN A 53 6.08 -25.23 -7.28
N PHE A 54 5.82 -26.44 -6.75
CA PHE A 54 6.86 -27.27 -6.17
C PHE A 54 7.33 -28.29 -7.21
N GLU A 55 8.49 -28.91 -6.96
CA GLU A 55 9.04 -29.91 -7.87
C GLU A 55 8.67 -31.31 -7.36
N THR A 56 8.70 -31.50 -6.03
CA THR A 56 8.38 -32.78 -5.43
C THR A 56 7.11 -32.62 -4.57
N LEU A 57 6.33 -33.71 -4.46
CA LEU A 57 5.11 -33.70 -3.67
C LEU A 57 5.44 -33.39 -2.21
N GLU A 58 6.41 -34.16 -1.64
CA GLU A 58 6.82 -33.98 -0.27
C GLU A 58 7.18 -32.50 -0.04
N GLU A 59 8.01 -31.94 -0.93
CA GLU A 59 8.42 -30.54 -0.82
C GLU A 59 7.17 -29.66 -0.71
N CYS A 60 6.18 -29.91 -1.57
CA CYS A 60 4.94 -29.15 -1.58
C CYS A 60 4.20 -29.37 -0.25
N LYS A 61 4.42 -30.55 0.36
CA LYS A 61 3.78 -30.89 1.62
C LYS A 61 4.51 -30.17 2.77
N ASN A 62 5.84 -30.34 2.83
CA ASN A 62 6.65 -29.73 3.87
C ASN A 62 6.33 -28.23 3.92
N ILE A 63 6.37 -27.57 2.76
CA ILE A 63 6.09 -26.14 2.68
C ILE A 63 4.63 -25.89 3.04
N CYS A 64 3.72 -26.61 2.36
CA CYS A 64 2.28 -26.45 2.61
C CYS A 64 1.88 -27.34 3.79
N GLU A 65 1.58 -28.62 3.51
CA GLU A 65 1.19 -29.57 4.54
C GLU A 65 1.91 -29.23 5.84
N ASP A 66 3.17 -28.76 5.73
CA ASP A 66 3.96 -28.40 6.88
C ASP A 66 4.84 -29.58 7.29
N GLY A 67 4.47 -30.79 6.81
CA GLY A 67 5.21 -32.01 7.13
C GLY A 67 4.74 -32.56 8.46
N PRO A 68 3.80 -33.53 8.42
CA PRO A 68 3.24 -34.16 9.60
C PRO A 68 4.21 -35.21 10.17
N ASN A 69 5.37 -35.36 9.53
CA ASN A 69 6.38 -36.32 9.96
C ASN A 69 7.09 -35.77 11.20
N GLY A 70 7.94 -34.75 11.00
CA GLY A 70 8.69 -34.15 12.10
C GLY A 70 8.08 -32.78 12.42
N PHE A 71 8.02 -31.89 11.41
CA PHE A 71 7.47 -30.56 11.60
C PHE A 71 6.28 -30.64 12.55
N ASP A 1 -1.47 -2.14 4.93
CA ASP A 1 -1.93 -1.58 3.67
C ASP A 1 -3.11 -0.65 3.93
N TYR A 2 -3.12 0.00 5.12
CA TYR A 2 -4.22 0.89 5.43
C TYR A 2 -3.68 2.13 6.15
N LYS A 3 -2.47 2.58 5.76
CA LYS A 3 -1.85 3.74 6.37
C LYS A 3 -0.53 4.05 5.66
N ASP A 4 -0.15 5.33 5.62
CA ASP A 4 1.08 5.76 4.97
C ASP A 4 1.09 7.28 4.84
N ASP A 5 -0.07 7.86 4.50
CA ASP A 5 -0.19 9.29 4.34
C ASP A 5 -1.46 9.60 3.54
N ASP A 6 -2.38 10.39 4.15
CA ASP A 6 -3.63 10.75 3.50
C ASP A 6 -3.31 11.51 2.20
N ASP A 7 -4.34 12.19 1.65
CA ASP A 7 -4.18 12.95 0.42
C ASP A 7 -4.31 12.00 -0.78
N LYS A 8 -5.14 10.96 -0.63
CA LYS A 8 -5.36 10.00 -1.70
C LYS A 8 -6.80 10.10 -2.21
N LEU A 9 -7.23 11.33 -2.52
CA LEU A 9 -8.58 11.58 -3.01
C LEU A 9 -9.59 11.27 -1.90
N LYS A 10 -10.53 12.22 -1.68
CA LYS A 10 -11.54 12.06 -0.64
C LYS A 10 -10.85 11.99 0.72
N PRO A 11 -11.50 12.60 1.74
CA PRO A 11 -10.98 12.63 3.11
C PRO A 11 -11.10 11.25 3.76
N ASP A 12 -9.96 10.54 3.86
CA ASP A 12 -9.94 9.22 4.46
C ASP A 12 -10.39 9.31 5.92
N PHE A 13 -10.02 10.43 6.58
CA PHE A 13 -10.39 10.65 7.97
C PHE A 13 -11.89 10.44 8.14
N CYS A 14 -12.67 10.73 7.08
CA CYS A 14 -14.10 10.57 7.11
C CYS A 14 -14.46 9.10 7.29
N PHE A 15 -13.74 8.21 6.57
CA PHE A 15 -13.96 6.78 6.65
C PHE A 15 -13.40 6.26 7.97
N LEU A 16 -12.71 7.13 8.72
CA LEU A 16 -12.12 6.76 10.00
C LEU A 16 -13.23 6.62 11.05
N GLU A 17 -13.20 5.52 11.82
CA GLU A 17 -14.20 5.27 12.85
C GLU A 17 -14.32 6.52 13.72
N GLU A 18 -15.41 6.59 14.51
CA GLU A 18 -15.65 7.72 15.39
C GLU A 18 -14.84 7.55 16.68
N ASP A 19 -13.95 8.52 16.96
CA ASP A 19 -13.12 8.48 18.15
C ASP A 19 -13.51 9.63 19.08
N PRO A 20 -14.30 9.32 20.11
CA PRO A 20 -14.75 10.30 21.09
C PRO A 20 -13.66 10.63 22.10
N GLY A 21 -12.47 11.03 21.59
CA GLY A 21 -11.34 11.36 22.44
C GLY A 21 -11.54 10.73 23.82
N ILE A 22 -11.46 11.56 24.88
CA ILE A 22 -11.63 11.08 26.23
C ILE A 22 -12.71 11.92 26.93
N CYS A 23 -12.40 13.19 27.21
CA CYS A 23 -13.35 14.09 27.86
C CYS A 23 -14.77 13.62 27.56
N ARG A 24 -15.31 12.75 28.43
CA ARG A 24 -16.66 12.24 28.27
C ARG A 24 -17.52 13.29 27.58
N GLY A 25 -17.36 14.57 27.98
CA GLY A 25 -18.11 15.67 27.41
C GLY A 25 -18.79 15.20 26.12
N TYR A 26 -19.96 14.54 26.25
CA TYR A 26 -20.64 14.07 25.06
C TYR A 26 -21.20 15.26 24.29
N ILE A 27 -20.88 15.36 22.99
CA ILE A 27 -21.35 16.46 22.16
C ILE A 27 -22.03 15.90 20.91
N THR A 28 -23.35 16.08 20.81
CA THR A 28 -24.11 15.59 19.67
C THR A 28 -23.42 16.02 18.38
N ARG A 29 -22.43 15.23 17.94
CA ARG A 29 -21.69 15.52 16.72
C ARG A 29 -22.00 14.45 15.67
N TYR A 30 -21.40 14.59 14.47
CA TYR A 30 -21.66 13.62 13.43
C TYR A 30 -20.34 13.13 12.85
N PHE A 31 -20.36 11.96 12.17
CA PHE A 31 -19.16 11.39 11.58
C PHE A 31 -19.55 10.46 10.44
N TYR A 32 -18.70 10.38 9.40
CA TYR A 32 -19.01 9.52 8.28
C TYR A 32 -18.64 8.08 8.62
N ASN A 33 -19.65 7.26 8.99
CA ASN A 33 -19.41 5.87 9.35
C ASN A 33 -19.54 4.99 8.11
N ASN A 34 -18.51 4.17 7.83
CA ASN A 34 -18.52 3.29 6.68
C ASN A 34 -19.55 2.18 6.90
N GLN A 35 -19.86 1.89 8.18
CA GLN A 35 -20.82 0.86 8.52
C GLN A 35 -22.13 1.11 7.76
N THR A 36 -22.46 2.39 7.52
CA THR A 36 -23.67 2.76 6.82
C THR A 36 -23.31 3.70 5.66
N LYS A 37 -22.02 3.69 5.25
CA LYS A 37 -21.56 4.53 4.16
C LYS A 37 -22.33 5.85 4.18
N GLN A 38 -22.33 6.54 5.34
CA GLN A 38 -23.03 7.81 5.49
C GLN A 38 -22.54 8.49 6.77
N CYS A 39 -23.29 9.50 7.23
CA CYS A 39 -22.95 10.25 8.43
C CYS A 39 -23.87 9.81 9.57
N GLU A 40 -23.26 9.29 10.65
CA GLU A 40 -24.03 8.85 11.81
C GLU A 40 -23.80 9.82 12.97
N ARG A 41 -24.82 9.97 13.83
CA ARG A 41 -24.73 10.86 14.98
C ARG A 41 -23.96 10.17 16.10
N PHE A 42 -23.08 10.93 16.78
CA PHE A 42 -22.28 10.39 17.87
C PHE A 42 -21.80 11.54 18.76
N LYS A 43 -21.52 11.24 20.04
CA LYS A 43 -21.06 12.24 20.99
C LYS A 43 -19.53 12.24 21.01
N TYR A 44 -18.92 13.41 20.76
CA TYR A 44 -17.47 13.49 20.76
C TYR A 44 -16.97 13.62 22.20
N GLY A 45 -17.30 12.64 23.06
CA GLY A 45 -16.89 12.67 24.45
C GLY A 45 -15.36 12.67 24.53
N GLY A 46 -14.73 13.75 24.03
CA GLY A 46 -13.28 13.88 24.04
C GLY A 46 -12.89 15.32 23.70
N CYS A 47 -11.67 15.72 24.10
CA CYS A 47 -11.19 17.06 23.84
C CYS A 47 -10.20 17.03 22.68
N LEU A 48 -9.74 15.82 22.31
CA LEU A 48 -8.80 15.64 21.22
C LEU A 48 -9.43 14.77 20.14
N GLY A 49 -9.89 13.57 20.54
CA GLY A 49 -10.52 12.64 19.61
C GLY A 49 -9.72 12.63 18.29
N ASN A 50 -10.37 12.19 17.21
CA ASN A 50 -9.73 12.12 15.90
C ASN A 50 -10.30 13.23 15.01
N MET A 51 -10.23 13.03 13.68
CA MET A 51 -10.73 14.01 12.72
C MET A 51 -12.25 13.84 12.59
N ASN A 52 -12.67 12.70 12.00
CA ASN A 52 -14.08 12.43 11.80
C ASN A 52 -14.86 12.83 13.06
N ASN A 53 -15.37 14.07 13.07
CA ASN A 53 -16.13 14.58 14.21
C ASN A 53 -16.76 15.93 13.84
N PHE A 54 -17.76 15.90 12.93
CA PHE A 54 -18.45 17.10 12.50
C PHE A 54 -19.47 17.51 13.56
N GLU A 55 -19.98 18.76 13.45
CA GLU A 55 -20.96 19.27 14.39
C GLU A 55 -22.32 19.35 13.70
N THR A 56 -22.48 18.60 12.60
CA THR A 56 -23.73 18.59 11.85
C THR A 56 -23.66 17.50 10.78
N LEU A 57 -24.84 16.99 10.36
CA LEU A 57 -24.92 15.95 9.35
C LEU A 57 -24.54 16.56 7.98
N GLU A 58 -25.22 17.65 7.60
CA GLU A 58 -24.97 18.31 6.33
C GLU A 58 -23.48 18.66 6.24
N GLU A 59 -22.89 19.05 7.39
CA GLU A 59 -21.48 19.42 7.43
C GLU A 59 -20.63 18.18 7.17
N CYS A 60 -20.95 17.07 7.85
CA CYS A 60 -20.21 15.82 7.69
C CYS A 60 -20.42 15.30 6.26
N LYS A 61 -21.56 15.65 5.65
CA LYS A 61 -21.88 15.22 4.29
C LYS A 61 -21.12 16.10 3.30
N ASN A 62 -21.21 17.42 3.47
CA ASN A 62 -20.55 18.38 2.59
C ASN A 62 -19.06 18.02 2.50
N ILE A 63 -18.43 17.73 3.66
CA ILE A 63 -17.03 17.38 3.70
C ILE A 63 -16.85 15.95 3.18
N CYS A 64 -17.59 14.99 3.80
CA CYS A 64 -17.51 13.60 3.40
C CYS A 64 -18.35 13.39 2.14
N GLU A 65 -19.65 13.10 2.33
CA GLU A 65 -20.55 12.88 1.20
C GLU A 65 -20.10 13.72 0.01
N ASP A 66 -19.58 14.93 0.29
CA ASP A 66 -19.12 15.82 -0.76
C ASP A 66 -20.17 15.90 -1.86
N GLY A 67 -21.02 16.94 -1.81
CA GLY A 67 -22.07 17.14 -2.79
C GLY A 67 -21.43 17.31 -4.18
N PRO A 68 -22.11 18.06 -5.06
CA PRO A 68 -21.65 18.33 -6.42
C PRO A 68 -20.48 19.33 -6.42
N ASN A 69 -19.84 19.49 -7.58
CA ASN A 69 -18.72 20.41 -7.73
C ASN A 69 -19.07 21.73 -7.05
N GLY A 70 -18.48 21.98 -5.87
CA GLY A 70 -18.73 23.21 -5.12
C GLY A 70 -19.13 22.86 -3.70
N PHE A 71 -18.29 23.25 -2.72
CA PHE A 71 -18.56 22.98 -1.31
C PHE A 71 -17.47 23.63 -0.47
N ASP A 1 -1.47 -2.14 4.93
CA ASP A 1 -1.93 -1.58 3.67
C ASP A 1 -3.46 -1.49 3.68
N TYR A 2 -4.12 -2.63 3.38
CA TYR A 2 -5.57 -2.61 3.37
C TYR A 2 -6.09 -4.04 3.10
N LYS A 3 -5.45 -4.75 2.17
CA LYS A 3 -5.85 -6.11 1.82
C LYS A 3 -7.14 -6.05 0.99
N ASP A 4 -8.26 -5.75 1.65
CA ASP A 4 -9.55 -5.67 0.99
C ASP A 4 -10.67 -5.93 2.00
N ASP A 5 -11.73 -5.11 1.95
CA ASP A 5 -12.85 -5.26 2.87
C ASP A 5 -12.64 -4.37 4.09
N ASP A 6 -11.35 -4.08 4.41
CA ASP A 6 -11.01 -3.26 5.56
C ASP A 6 -12.02 -2.12 5.67
N ASP A 7 -12.12 -1.28 4.62
CA ASP A 7 -13.04 -0.17 4.62
C ASP A 7 -13.90 -0.23 3.35
N LYS A 8 -13.27 0.02 2.18
CA LYS A 8 -13.98 -0.02 0.92
C LYS A 8 -14.96 1.15 0.86
N LEU A 9 -15.97 1.15 1.76
CA LEU A 9 -16.97 2.20 1.81
C LEU A 9 -17.46 2.35 3.24
N LYS A 10 -16.57 2.12 4.22
CA LYS A 10 -16.92 2.23 5.63
C LYS A 10 -16.29 3.49 6.20
N PRO A 11 -17.00 4.15 7.14
CA PRO A 11 -16.54 5.36 7.79
C PRO A 11 -15.40 5.07 8.77
N ASP A 12 -14.17 5.48 8.40
CA ASP A 12 -13.00 5.26 9.23
C ASP A 12 -13.16 6.04 10.54
N PHE A 13 -13.90 7.16 10.48
CA PHE A 13 -14.12 8.00 11.65
C PHE A 13 -14.78 7.16 12.74
N CYS A 14 -15.51 6.11 12.35
CA CYS A 14 -16.19 5.22 13.29
C CYS A 14 -15.14 4.48 14.12
N PHE A 15 -14.02 4.10 13.49
CA PHE A 15 -12.95 3.40 14.17
C PHE A 15 -11.97 4.41 14.78
N LEU A 16 -12.37 5.69 14.78
CA LEU A 16 -11.54 6.75 15.34
C LEU A 16 -11.75 6.83 16.85
N GLU A 17 -10.64 6.84 17.61
CA GLU A 17 -10.72 6.91 19.06
C GLU A 17 -11.66 8.03 19.47
N GLU A 18 -12.68 7.69 20.28
CA GLU A 18 -13.65 8.67 20.74
C GLU A 18 -12.96 10.01 20.96
N ASP A 19 -13.65 11.11 20.61
CA ASP A 19 -13.10 12.45 20.76
C ASP A 19 -14.20 13.39 21.25
N PRO A 20 -14.27 13.61 22.57
CA PRO A 20 -15.25 14.48 23.19
C PRO A 20 -14.95 15.95 22.89
N GLY A 21 -13.67 16.27 22.64
CA GLY A 21 -13.26 17.63 22.33
C GLY A 21 -13.14 18.42 23.63
N ILE A 22 -12.01 19.16 23.78
CA ILE A 22 -11.77 19.95 24.97
C ILE A 22 -13.07 20.07 25.78
N CYS A 23 -14.01 20.89 25.28
CA CYS A 23 -15.29 21.08 25.95
C CYS A 23 -15.63 19.85 26.79
N ARG A 24 -16.18 20.07 27.99
CA ARG A 24 -16.55 18.97 28.87
C ARG A 24 -18.08 18.86 28.94
N GLY A 25 -18.76 19.37 27.90
CA GLY A 25 -20.21 19.31 27.84
C GLY A 25 -20.67 17.87 27.65
N TYR A 26 -20.35 17.00 28.64
CA TYR A 26 -20.74 15.61 28.51
C TYR A 26 -22.21 15.54 28.07
N ILE A 27 -22.54 14.56 27.21
CA ILE A 27 -23.90 14.39 26.72
C ILE A 27 -24.21 12.90 26.60
N THR A 28 -23.45 12.06 27.32
CA THR A 28 -23.65 10.62 27.28
C THR A 28 -23.92 10.18 25.84
N ARG A 29 -23.00 10.53 24.93
CA ARG A 29 -23.13 10.17 23.52
C ARG A 29 -22.58 8.76 23.30
N TYR A 30 -22.58 8.31 22.04
CA TYR A 30 -22.07 6.97 21.77
C TYR A 30 -21.04 7.05 20.64
N PHE A 31 -20.12 6.07 20.59
CA PHE A 31 -19.08 6.03 19.58
C PHE A 31 -18.68 4.58 19.31
N TYR A 32 -18.28 4.29 18.06
CA TYR A 32 -17.89 2.92 17.75
C TYR A 32 -16.43 2.70 18.17
N ASN A 33 -16.21 1.80 19.14
CA ASN A 33 -14.87 1.52 19.64
C ASN A 33 -14.34 0.25 18.97
N ASN A 34 -13.19 0.36 18.29
CA ASN A 34 -12.59 -0.78 17.61
C ASN A 34 -12.14 -1.80 18.65
N GLN A 35 -11.70 -1.32 19.82
CA GLN A 35 -11.24 -2.19 20.89
C GLN A 35 -12.38 -3.10 21.33
N THR A 36 -13.64 -2.71 20.99
CA THR A 36 -14.80 -3.49 21.34
C THR A 36 -15.63 -3.77 20.08
N LYS A 37 -15.06 -3.43 18.91
CA LYS A 37 -15.74 -3.63 17.65
C LYS A 37 -17.25 -3.41 17.83
N GLN A 38 -17.61 -2.33 18.55
CA GLN A 38 -19.01 -2.01 18.80
C GLN A 38 -19.13 -0.53 19.15
N CYS A 39 -20.26 -0.16 19.79
CA CYS A 39 -20.49 1.22 20.19
C CYS A 39 -20.47 1.32 21.71
N GLU A 40 -19.61 2.22 22.25
CA GLU A 40 -19.50 2.41 23.68
C GLU A 40 -20.06 3.78 24.06
N ARG A 41 -20.71 3.86 25.24
CA ARG A 41 -21.28 5.11 25.71
C ARG A 41 -20.16 6.04 26.20
N PHE A 42 -20.03 7.21 25.56
CA PHE A 42 -19.00 8.17 25.93
C PHE A 42 -19.62 9.57 25.95
N LYS A 43 -19.16 10.41 26.89
CA LYS A 43 -19.66 11.78 27.02
C LYS A 43 -19.03 12.65 25.94
N TYR A 44 -19.88 13.35 25.16
CA TYR A 44 -19.34 14.20 24.10
C TYR A 44 -19.09 15.60 24.65
N GLY A 45 -17.83 16.05 24.63
CA GLY A 45 -17.47 17.37 25.14
C GLY A 45 -18.43 18.42 24.56
N GLY A 46 -18.30 18.68 23.24
CA GLY A 46 -19.14 19.66 22.57
C GLY A 46 -18.35 20.32 21.44
N CYS A 47 -18.24 21.66 21.50
CA CYS A 47 -17.51 22.41 20.49
C CYS A 47 -16.59 21.46 19.71
N LEU A 48 -15.31 21.43 20.09
CA LEU A 48 -14.33 20.57 19.42
C LEU A 48 -14.71 19.10 19.66
N GLY A 49 -14.01 18.18 18.99
CA GLY A 49 -14.27 16.76 19.12
C GLY A 49 -13.96 16.06 17.80
N ASN A 50 -14.70 14.98 17.50
CA ASN A 50 -14.50 14.23 16.27
C ASN A 50 -15.87 13.91 15.65
N MET A 51 -15.87 13.07 14.61
CA MET A 51 -17.10 12.69 13.92
C MET A 51 -17.71 11.48 14.63
N ASN A 52 -16.86 10.67 15.28
CA ASN A 52 -17.33 9.48 15.99
C ASN A 52 -18.06 9.92 17.27
N ASN A 53 -19.16 10.67 17.11
CA ASN A 53 -19.94 11.15 18.24
C ASN A 53 -21.42 11.01 17.92
N PHE A 54 -22.03 9.87 18.27
CA PHE A 54 -23.43 9.62 18.02
C PHE A 54 -24.24 9.94 19.29
N GLU A 55 -25.58 10.02 19.15
CA GLU A 55 -26.45 10.32 20.27
C GLU A 55 -27.04 9.02 20.80
N THR A 56 -27.42 8.10 19.89
CA THR A 56 -27.99 6.82 20.27
C THR A 56 -27.07 5.70 19.80
N LEU A 57 -27.03 4.60 20.58
CA LEU A 57 -26.20 3.46 20.25
C LEU A 57 -26.58 2.93 18.86
N GLU A 58 -27.88 2.69 18.64
CA GLU A 58 -28.37 2.20 17.36
C GLU A 58 -27.89 3.13 16.24
N GLU A 59 -27.89 4.45 16.51
CA GLU A 59 -27.46 5.43 15.54
C GLU A 59 -25.98 5.19 15.19
N CYS A 60 -25.15 4.99 16.23
CA CYS A 60 -23.73 4.75 16.02
C CYS A 60 -23.54 3.43 15.25
N LYS A 61 -24.51 2.51 15.40
CA LYS A 61 -24.45 1.23 14.73
C LYS A 61 -24.89 1.40 13.26
N ASN A 62 -26.05 2.06 13.05
CA ASN A 62 -26.56 2.30 11.71
C ASN A 62 -25.47 2.94 10.86
N ILE A 63 -24.75 3.92 11.42
CA ILE A 63 -23.69 4.62 10.71
C ILE A 63 -22.46 3.72 10.64
N CYS A 64 -22.00 3.25 11.82
CA CYS A 64 -20.83 2.39 11.90
C CYS A 64 -21.23 0.96 11.53
N GLU A 65 -21.72 0.19 12.52
CA GLU A 65 -22.15 -1.18 12.29
C GLU A 65 -22.70 -1.32 10.88
N ASP A 66 -23.39 -0.26 10.40
CA ASP A 66 -23.96 -0.27 9.07
C ASP A 66 -24.81 -1.54 8.88
N GLY A 67 -25.32 -2.09 9.99
CA GLY A 67 -26.13 -3.29 9.96
C GLY A 67 -25.46 -4.32 9.03
N PRO A 68 -24.63 -5.20 9.60
CA PRO A 68 -23.92 -6.23 8.88
C PRO A 68 -24.87 -7.36 8.47
N ASN A 69 -24.84 -7.74 7.19
CA ASN A 69 -25.69 -8.80 6.67
C ASN A 69 -27.15 -8.47 6.97
N GLY A 70 -27.47 -7.16 7.04
CA GLY A 70 -28.82 -6.71 7.32
C GLY A 70 -29.16 -5.54 6.40
N PHE A 71 -28.28 -4.51 6.37
CA PHE A 71 -28.49 -3.35 5.54
C PHE A 71 -28.69 -3.78 4.09
N ASP A 1 -1.47 -2.14 4.93
CA ASP A 1 -1.93 -1.58 3.67
C ASP A 1 -2.62 -2.67 2.85
N TYR A 2 -2.81 -2.40 1.55
CA TYR A 2 -3.47 -3.40 0.71
C TYR A 2 -3.57 -2.86 -0.72
N LYS A 3 -4.07 -1.62 -0.87
CA LYS A 3 -4.24 -1.00 -2.18
C LYS A 3 -4.57 0.48 -2.00
N ASP A 4 -4.73 1.20 -3.13
CA ASP A 4 -5.05 2.61 -3.10
C ASP A 4 -3.76 3.42 -2.94
N ASP A 5 -3.57 4.44 -3.79
CA ASP A 5 -2.39 5.29 -3.74
C ASP A 5 -2.81 6.75 -3.74
N ASP A 6 -4.02 7.02 -3.23
CA ASP A 6 -4.54 8.38 -3.17
C ASP A 6 -4.26 9.09 -4.49
N ASP A 7 -4.39 10.43 -4.51
CA ASP A 7 -4.16 11.22 -5.70
C ASP A 7 -5.14 10.79 -6.80
N LYS A 8 -6.39 11.26 -6.71
CA LYS A 8 -7.41 10.93 -7.68
C LYS A 8 -7.22 9.48 -8.14
N LEU A 9 -6.97 8.57 -7.17
CA LEU A 9 -6.77 7.17 -7.47
C LEU A 9 -5.73 7.03 -8.58
N LYS A 10 -5.48 5.78 -9.02
CA LYS A 10 -4.51 5.51 -10.08
C LYS A 10 -3.12 5.86 -9.57
N PRO A 11 -2.10 5.08 -10.02
CA PRO A 11 -0.71 5.27 -9.63
C PRO A 11 -0.14 6.54 -10.27
N ASP A 12 -0.03 7.62 -9.47
CA ASP A 12 0.50 8.88 -9.95
C ASP A 12 1.93 8.68 -10.43
N PHE A 13 2.67 7.74 -9.80
CA PHE A 13 4.04 7.46 -10.17
C PHE A 13 4.11 7.15 -11.66
N CYS A 14 3.01 6.60 -12.22
CA CYS A 14 2.95 6.26 -13.63
C CYS A 14 3.05 7.55 -14.46
N PHE A 15 2.37 8.62 -14.00
CA PHE A 15 2.39 9.89 -14.71
C PHE A 15 3.71 10.61 -14.41
N LEU A 16 4.54 10.00 -13.55
CA LEU A 16 5.82 10.59 -13.17
C LEU A 16 6.82 10.36 -14.31
N GLU A 17 7.65 11.38 -14.60
CA GLU A 17 8.64 11.30 -15.65
C GLU A 17 9.46 10.01 -15.47
N GLU A 18 10.43 9.78 -16.38
CA GLU A 18 11.27 8.61 -16.31
C GLU A 18 12.54 8.94 -15.52
N ASP A 19 13.06 7.94 -14.77
CA ASP A 19 14.25 8.12 -13.98
C ASP A 19 15.19 6.93 -14.19
N PRO A 20 16.27 7.15 -14.97
CA PRO A 20 17.26 6.12 -15.27
C PRO A 20 18.25 5.97 -14.13
N GLY A 21 18.00 6.66 -13.01
CA GLY A 21 18.87 6.60 -11.84
C GLY A 21 20.17 7.37 -12.13
N ILE A 22 21.24 7.02 -11.40
CA ILE A 22 22.52 7.67 -11.57
C ILE A 22 23.47 6.72 -12.29
N CYS A 23 23.36 5.41 -11.99
CA CYS A 23 24.20 4.40 -12.60
C CYS A 23 24.02 4.44 -14.12
N ARG A 24 24.29 3.30 -14.79
CA ARG A 24 24.15 3.21 -16.23
C ARG A 24 24.03 1.73 -16.63
N GLY A 25 23.97 1.47 -17.95
CA GLY A 25 23.85 0.12 -18.46
C GLY A 25 22.64 0.03 -19.39
N TYR A 26 21.59 0.81 -19.08
CA TYR A 26 20.40 0.77 -19.91
C TYR A 26 19.81 -0.64 -19.89
N ILE A 27 18.57 -0.77 -19.39
CA ILE A 27 17.91 -2.06 -19.30
C ILE A 27 16.66 -2.05 -20.19
N THR A 28 16.62 -1.12 -21.15
CA THR A 28 15.49 -1.00 -22.07
C THR A 28 14.19 -1.24 -21.30
N ARG A 29 13.93 -0.39 -20.29
CA ARG A 29 12.73 -0.50 -19.48
C ARG A 29 11.62 0.37 -20.08
N TYR A 30 10.43 0.33 -19.48
CA TYR A 30 9.34 1.14 -20.00
C TYR A 30 8.78 2.02 -18.88
N PHE A 31 8.14 3.15 -19.26
CA PHE A 31 7.58 4.07 -18.29
C PHE A 31 6.43 4.85 -18.94
N TYR A 32 5.32 5.01 -18.21
CA TYR A 32 4.20 5.73 -18.77
C TYR A 32 4.52 7.23 -18.79
N ASN A 33 4.78 7.77 -20.00
CA ASN A 33 5.12 9.18 -20.15
C ASN A 33 3.83 9.98 -20.39
N ASN A 34 3.52 10.90 -19.46
CA ASN A 34 2.32 11.73 -19.57
C ASN A 34 2.41 12.58 -20.84
N GLN A 35 3.65 12.95 -21.22
CA GLN A 35 3.87 13.76 -22.40
C GLN A 35 3.17 13.13 -23.60
N THR A 36 3.05 11.79 -23.58
CA THR A 36 2.41 11.05 -24.66
C THR A 36 1.32 10.15 -24.08
N LYS A 37 0.91 10.42 -22.83
CA LYS A 37 -0.11 9.64 -22.16
C LYS A 37 -0.02 8.18 -22.64
N GLN A 38 1.21 7.64 -22.70
CA GLN A 38 1.43 6.28 -23.14
C GLN A 38 2.80 5.80 -22.65
N CYS A 39 2.98 4.47 -22.57
CA CYS A 39 4.23 3.89 -22.12
C CYS A 39 5.33 4.17 -23.15
N GLU A 40 6.47 4.70 -22.69
CA GLU A 40 7.59 5.01 -23.57
C GLU A 40 8.80 4.16 -23.18
N ARG A 41 9.47 3.56 -24.18
CA ARG A 41 10.64 2.74 -23.94
C ARG A 41 11.82 3.62 -23.54
N PHE A 42 12.34 3.42 -22.32
CA PHE A 42 13.46 4.20 -21.83
C PHE A 42 14.45 3.27 -21.13
N LYS A 43 15.75 3.64 -21.14
CA LYS A 43 16.79 2.84 -20.51
C LYS A 43 16.87 3.22 -19.03
N TYR A 44 16.78 2.22 -18.15
CA TYR A 44 16.86 2.51 -16.72
C TYR A 44 18.30 2.35 -16.25
N GLY A 45 19.25 3.02 -16.94
CA GLY A 45 20.66 2.94 -16.60
C GLY A 45 20.86 3.49 -15.18
N GLY A 46 20.33 2.76 -14.17
CA GLY A 46 20.46 3.18 -12.78
C GLY A 46 20.26 1.97 -11.87
N CYS A 47 20.56 2.13 -10.58
CA CYS A 47 20.41 1.06 -9.61
C CYS A 47 19.41 1.48 -8.53
N LEU A 48 18.53 2.44 -8.86
CA LEU A 48 17.54 2.92 -7.93
C LEU A 48 16.47 3.73 -8.69
N GLY A 49 16.92 4.61 -9.60
CA GLY A 49 16.02 5.43 -10.39
C GLY A 49 14.82 5.85 -9.53
N ASN A 50 13.61 5.79 -10.11
CA ASN A 50 12.40 6.16 -9.40
C ASN A 50 11.36 5.06 -9.57
N MET A 51 10.08 5.42 -9.41
CA MET A 51 8.98 4.47 -9.55
C MET A 51 8.83 4.09 -11.03
N ASN A 52 8.04 4.88 -11.77
CA ASN A 52 7.81 4.63 -13.18
C ASN A 52 9.08 4.03 -13.80
N ASN A 53 9.13 2.69 -13.89
CA ASN A 53 10.28 1.99 -14.45
C ASN A 53 9.93 0.52 -14.66
N PHE A 54 9.02 0.25 -15.61
CA PHE A 54 8.60 -1.12 -15.90
C PHE A 54 9.64 -1.78 -16.79
N GLU A 55 9.43 -3.08 -17.09
CA GLU A 55 10.35 -3.83 -17.93
C GLU A 55 9.73 -4.04 -19.31
N THR A 56 8.38 -4.09 -19.36
CA THR A 56 7.66 -4.29 -20.60
C THR A 56 6.62 -3.18 -20.77
N LEU A 57 6.25 -2.89 -22.02
CA LEU A 57 5.26 -1.86 -22.32
C LEU A 57 3.89 -2.30 -21.77
N GLU A 58 3.48 -3.53 -22.13
CA GLU A 58 2.21 -4.07 -21.69
C GLU A 58 2.12 -3.99 -20.16
N GLU A 59 3.24 -4.30 -19.49
CA GLU A 59 3.29 -4.27 -18.03
C GLU A 59 3.12 -2.83 -17.56
N CYS A 60 3.82 -1.89 -18.21
CA CYS A 60 3.74 -0.48 -17.85
C CYS A 60 2.33 0.03 -18.12
N LYS A 61 1.67 -0.51 -19.15
CA LYS A 61 0.32 -0.12 -19.51
C LYS A 61 -0.67 -0.82 -18.58
N ASN A 62 -0.35 -2.07 -18.19
CA ASN A 62 -1.21 -2.85 -17.31
C ASN A 62 -1.37 -2.11 -15.98
N ILE A 63 -0.23 -1.65 -15.41
CA ILE A 63 -0.25 -0.93 -14.14
C ILE A 63 -0.76 0.49 -14.37
N CYS A 64 -0.32 1.13 -15.46
CA CYS A 64 -0.73 2.48 -15.80
C CYS A 64 -2.00 2.43 -16.65
N GLU A 65 -1.83 2.33 -17.98
CA GLU A 65 -2.95 2.28 -18.90
C GLU A 65 -4.11 1.56 -18.22
N ASP A 66 -3.80 0.54 -17.40
CA ASP A 66 -4.82 -0.22 -16.70
C ASP A 66 -5.12 -1.50 -17.48
N GLY A 67 -5.87 -2.43 -16.85
CA GLY A 67 -6.21 -3.69 -17.47
C GLY A 67 -6.80 -4.64 -16.42
N PRO A 68 -6.84 -5.94 -16.74
CA PRO A 68 -7.37 -6.97 -15.86
C PRO A 68 -6.35 -7.34 -14.78
N ASN A 69 -5.18 -6.66 -14.80
CA ASN A 69 -4.13 -6.92 -13.83
C ASN A 69 -4.72 -6.92 -12.42
N GLY A 70 -5.79 -6.13 -12.22
CA GLY A 70 -6.45 -6.05 -10.92
C GLY A 70 -6.92 -4.61 -10.69
N PHE A 71 -7.62 -4.04 -11.68
CA PHE A 71 -8.13 -2.67 -11.58
C PHE A 71 -9.25 -2.63 -10.54
N ASP A 1 -1.47 -2.14 4.93
CA ASP A 1 -1.93 -1.58 3.67
C ASP A 1 -0.81 -0.71 3.07
N TYR A 2 0.07 -0.19 3.94
CA TYR A 2 1.14 0.65 3.43
C TYR A 2 1.96 -0.14 2.41
N LYS A 3 2.11 0.40 1.18
CA LYS A 3 2.86 -0.26 0.13
C LYS A 3 2.33 -1.70 -0.03
N ASP A 4 2.92 -2.44 -0.98
CA ASP A 4 2.52 -3.82 -1.23
C ASP A 4 3.76 -4.67 -1.49
N ASP A 5 3.58 -6.00 -1.54
CA ASP A 5 4.68 -6.92 -1.77
C ASP A 5 5.54 -7.03 -0.51
N ASP A 6 6.28 -8.14 -0.38
CA ASP A 6 7.12 -8.37 0.78
C ASP A 6 8.58 -8.12 0.39
N ASP A 7 8.91 -8.33 -0.90
CA ASP A 7 10.27 -8.12 -1.39
C ASP A 7 10.32 -8.48 -2.88
N LYS A 8 10.46 -9.78 -3.18
CA LYS A 8 10.53 -10.24 -4.56
C LYS A 8 10.64 -11.77 -4.58
N LEU A 9 11.46 -12.33 -3.67
CA LEU A 9 11.66 -13.76 -3.57
C LEU A 9 12.05 -14.31 -4.95
N LYS A 10 12.70 -13.46 -5.77
CA LYS A 10 13.12 -13.86 -7.11
C LYS A 10 11.89 -14.04 -8.00
N PRO A 11 12.03 -13.70 -9.29
CA PRO A 11 10.96 -13.80 -10.26
C PRO A 11 10.70 -15.25 -10.64
N ASP A 12 9.56 -15.79 -10.19
CA ASP A 12 9.19 -17.17 -10.47
C ASP A 12 8.98 -17.34 -11.98
N PHE A 13 8.56 -16.25 -12.65
CA PHE A 13 8.32 -16.28 -14.08
C PHE A 13 9.61 -16.69 -14.80
N CYS A 14 10.76 -16.42 -14.17
CA CYS A 14 12.06 -16.76 -14.74
C CYS A 14 12.19 -18.28 -14.81
N PHE A 15 11.65 -18.98 -13.80
CA PHE A 15 11.71 -20.43 -13.75
C PHE A 15 10.53 -21.02 -14.51
N LEU A 16 9.77 -20.15 -15.21
CA LEU A 16 8.61 -20.57 -15.99
C LEU A 16 9.08 -21.07 -17.35
N GLU A 17 8.55 -22.24 -17.78
CA GLU A 17 8.90 -22.82 -19.06
C GLU A 17 8.75 -21.77 -20.16
N GLU A 18 9.65 -21.81 -21.16
CA GLU A 18 9.61 -20.86 -22.27
C GLU A 18 8.30 -21.06 -23.05
N ASP A 19 7.73 -19.95 -23.53
CA ASP A 19 6.49 -19.99 -24.30
C ASP A 19 6.51 -18.88 -25.36
N PRO A 20 6.82 -19.25 -26.61
CA PRO A 20 6.88 -18.34 -27.72
C PRO A 20 5.47 -17.90 -28.16
N GLY A 21 4.45 -18.45 -27.49
CA GLY A 21 3.07 -18.12 -27.81
C GLY A 21 2.47 -19.22 -28.68
N ILE A 22 1.54 -18.84 -29.59
CA ILE A 22 0.91 -19.79 -30.48
C ILE A 22 1.43 -19.58 -31.90
N CYS A 23 1.48 -18.32 -32.34
CA CYS A 23 1.96 -17.98 -33.68
C CYS A 23 3.46 -18.24 -33.75
N ARG A 24 4.18 -17.44 -34.56
CA ARG A 24 5.61 -17.58 -34.72
C ARG A 24 6.28 -16.22 -34.55
N GLY A 25 7.48 -16.06 -35.13
CA GLY A 25 8.22 -14.81 -35.05
C GLY A 25 9.46 -15.01 -34.17
N TYR A 26 10.34 -15.94 -34.58
CA TYR A 26 11.53 -16.18 -33.79
C TYR A 26 12.43 -14.94 -33.84
N ILE A 27 12.98 -14.53 -32.67
CA ILE A 27 13.84 -13.37 -32.60
C ILE A 27 15.09 -13.72 -31.80
N THR A 28 15.35 -15.03 -31.61
CA THR A 28 16.50 -15.49 -30.86
C THR A 28 16.50 -14.83 -29.48
N ARG A 29 15.38 -14.94 -28.75
CA ARG A 29 15.25 -14.37 -27.43
C ARG A 29 15.88 -15.31 -26.40
N TYR A 30 15.88 -14.90 -25.12
CA TYR A 30 16.47 -15.75 -24.10
C TYR A 30 15.45 -15.96 -22.96
N PHE A 31 15.60 -17.07 -22.21
CA PHE A 31 14.70 -17.38 -21.12
C PHE A 31 15.43 -18.26 -20.10
N TYR A 32 15.23 -17.96 -18.81
CA TYR A 32 15.89 -18.75 -17.78
C TYR A 32 15.22 -20.12 -17.69
N ASN A 33 15.95 -21.19 -18.06
CA ASN A 33 15.41 -22.54 -18.02
C ASN A 33 15.87 -23.22 -16.73
N ASN A 34 14.92 -23.55 -15.84
CA ASN A 34 15.22 -24.21 -14.58
C ASN A 34 15.89 -25.56 -14.87
N GLN A 35 15.48 -26.21 -15.98
CA GLN A 35 16.03 -27.49 -16.36
C GLN A 35 17.56 -27.40 -16.37
N THR A 36 18.10 -26.23 -16.75
CA THR A 36 19.53 -26.01 -16.80
C THR A 36 19.91 -24.87 -15.86
N LYS A 37 19.00 -24.54 -14.92
CA LYS A 37 19.24 -23.47 -13.97
C LYS A 37 20.11 -22.40 -14.62
N GLN A 38 19.72 -21.96 -15.83
CA GLN A 38 20.46 -20.94 -16.56
C GLN A 38 19.61 -20.44 -17.73
N CYS A 39 20.00 -19.29 -18.31
CA CYS A 39 19.29 -18.71 -19.43
C CYS A 39 19.57 -19.53 -20.69
N GLU A 40 18.52 -19.90 -21.43
CA GLU A 40 18.65 -20.66 -22.66
C GLU A 40 18.14 -19.84 -23.84
N ARG A 41 18.88 -19.87 -24.96
CA ARG A 41 18.50 -19.13 -26.15
C ARG A 41 17.30 -19.81 -26.80
N PHE A 42 16.18 -19.07 -26.91
CA PHE A 42 14.96 -19.60 -27.51
C PHE A 42 14.33 -18.52 -28.39
N LYS A 43 13.23 -18.88 -29.07
CA LYS A 43 12.52 -17.95 -29.95
C LYS A 43 11.27 -17.45 -29.24
N TYR A 44 10.81 -16.23 -29.61
CA TYR A 44 9.62 -15.70 -28.97
C TYR A 44 8.42 -15.88 -29.89
N GLY A 45 8.28 -14.99 -30.89
CA GLY A 45 7.17 -15.06 -31.83
C GLY A 45 6.30 -13.80 -31.68
N GLY A 46 5.71 -13.62 -30.48
CA GLY A 46 4.87 -12.47 -30.20
C GLY A 46 3.61 -12.94 -29.46
N CYS A 47 2.56 -13.30 -30.20
CA CYS A 47 1.32 -13.76 -29.62
C CYS A 47 1.58 -14.22 -28.18
N LEU A 48 0.84 -13.63 -27.22
CA LEU A 48 0.98 -13.97 -25.82
C LEU A 48 1.89 -15.21 -25.69
N GLY A 49 3.09 -15.01 -25.13
CA GLY A 49 4.04 -16.10 -24.96
C GLY A 49 4.59 -16.06 -23.53
N ASN A 50 3.80 -16.56 -22.56
CA ASN A 50 4.22 -16.59 -21.17
C ASN A 50 5.03 -15.33 -20.86
N MET A 51 5.84 -15.39 -19.80
CA MET A 51 6.67 -14.26 -19.39
C MET A 51 8.11 -14.52 -19.83
N ASN A 52 8.80 -15.42 -19.11
CA ASN A 52 10.19 -15.75 -19.42
C ASN A 52 10.42 -15.59 -20.92
N ASN A 53 10.92 -14.41 -21.32
CA ASN A 53 11.18 -14.12 -22.73
C ASN A 53 12.00 -12.84 -22.84
N PHE A 54 13.32 -12.94 -22.58
CA PHE A 54 14.20 -11.79 -22.65
C PHE A 54 14.74 -11.65 -24.07
N GLU A 55 15.72 -10.75 -24.26
CA GLU A 55 16.32 -10.52 -25.56
C GLU A 55 17.79 -10.93 -25.52
N THR A 56 18.46 -10.69 -24.38
CA THR A 56 19.86 -11.03 -24.22
C THR A 56 20.01 -11.99 -23.03
N LEU A 57 21.02 -12.86 -23.08
CA LEU A 57 21.28 -13.82 -22.02
C LEU A 57 21.61 -13.07 -20.73
N GLU A 58 22.48 -12.06 -20.83
CA GLU A 58 22.88 -11.27 -19.68
C GLU A 58 21.64 -10.60 -19.07
N GLU A 59 20.71 -10.15 -19.93
CA GLU A 59 19.49 -9.50 -19.48
C GLU A 59 18.60 -10.52 -18.78
N CYS A 60 18.47 -11.73 -19.36
CA CYS A 60 17.66 -12.79 -18.79
C CYS A 60 18.28 -13.24 -17.47
N LYS A 61 19.62 -13.16 -17.37
CA LYS A 61 20.33 -13.56 -16.16
C LYS A 61 20.24 -12.42 -15.13
N ASN A 62 20.35 -11.17 -15.60
CA ASN A 62 20.29 -10.01 -14.73
C ASN A 62 18.96 -10.01 -13.99
N ILE A 63 17.85 -10.25 -14.72
CA ILE A 63 16.53 -10.28 -14.14
C ILE A 63 16.33 -11.60 -13.39
N CYS A 64 16.85 -12.70 -13.98
CA CYS A 64 16.73 -14.02 -13.37
C CYS A 64 17.94 -14.28 -12.47
N GLU A 65 19.02 -14.79 -13.06
CA GLU A 65 20.24 -15.08 -12.31
C GLU A 65 20.42 -14.03 -11.21
N ASP A 66 20.00 -12.79 -11.49
CA ASP A 66 20.11 -11.71 -10.52
C ASP A 66 21.59 -11.45 -10.23
N GLY A 67 21.88 -10.34 -9.53
CA GLY A 67 23.24 -9.98 -9.17
C GLY A 67 23.22 -8.97 -8.03
N PRO A 68 24.34 -8.85 -7.30
CA PRO A 68 24.49 -7.93 -6.19
C PRO A 68 24.65 -6.49 -6.68
N ASN A 69 24.22 -5.52 -5.86
CA ASN A 69 24.30 -4.11 -6.20
C ASN A 69 23.52 -3.87 -7.50
N GLY A 70 24.16 -4.17 -8.64
CA GLY A 70 23.54 -3.98 -9.94
C GLY A 70 22.13 -4.60 -9.92
N PHE A 71 22.06 -5.93 -10.06
CA PHE A 71 20.80 -6.64 -10.06
C PHE A 71 20.02 -6.31 -11.35
N ASP A 1 -1.47 -2.14 4.93
CA ASP A 1 -1.93 -1.58 3.67
C ASP A 1 -1.01 -0.41 3.28
N TYR A 2 -0.50 0.31 4.29
CA TYR A 2 0.37 1.43 3.99
C TYR A 2 0.95 1.99 5.29
N LYS A 3 0.18 2.86 5.97
CA LYS A 3 0.62 3.46 7.22
C LYS A 3 -0.60 3.91 8.02
N ASP A 4 -0.36 4.54 9.19
CA ASP A 4 -1.42 5.02 10.05
C ASP A 4 -2.28 3.83 10.49
N ASP A 5 -3.15 3.35 9.59
CA ASP A 5 -4.02 2.22 9.89
C ASP A 5 -4.94 2.59 11.06
N ASP A 6 -5.55 1.57 11.70
CA ASP A 6 -6.43 1.77 12.82
C ASP A 6 -6.94 0.43 13.34
N ASP A 7 -6.03 -0.35 13.95
CA ASP A 7 -6.37 -1.66 14.49
C ASP A 7 -6.89 -2.54 13.36
N LYS A 8 -8.17 -2.36 13.00
CA LYS A 8 -8.79 -3.15 11.94
C LYS A 8 -9.09 -4.55 12.46
N LEU A 9 -8.07 -5.43 12.43
CA LEU A 9 -8.22 -6.80 12.89
C LEU A 9 -7.02 -7.17 13.75
N LYS A 10 -6.56 -6.23 14.59
CA LYS A 10 -5.42 -6.46 15.47
C LYS A 10 -5.56 -7.85 16.11
N PRO A 11 -4.42 -8.51 16.36
CA PRO A 11 -4.36 -9.83 16.96
C PRO A 11 -4.84 -9.78 18.42
N ASP A 12 -6.07 -10.27 18.66
CA ASP A 12 -6.63 -10.28 20.00
C ASP A 12 -5.78 -11.17 20.90
N PHE A 13 -5.17 -12.21 20.32
CA PHE A 13 -4.32 -13.13 21.07
C PHE A 13 -3.24 -12.35 21.79
N CYS A 14 -2.89 -11.17 21.26
CA CYS A 14 -1.87 -10.32 21.87
C CYS A 14 -2.35 -9.86 23.24
N PHE A 15 -3.66 -9.53 23.34
CA PHE A 15 -4.23 -9.08 24.59
C PHE A 15 -4.55 -10.29 25.48
N LEU A 16 -4.22 -11.50 24.98
CA LEU A 16 -4.47 -12.73 25.72
C LEU A 16 -3.45 -12.85 26.85
N GLU A 17 -3.90 -13.26 28.04
CA GLU A 17 -3.03 -13.42 29.20
C GLU A 17 -1.87 -14.34 28.83
N GLU A 18 -0.66 -14.00 29.31
CA GLU A 18 0.53 -14.79 29.03
C GLU A 18 0.22 -16.27 29.24
N ASP A 19 0.66 -17.12 28.30
CA ASP A 19 0.43 -18.56 28.39
C ASP A 19 1.76 -19.29 28.22
N PRO A 20 2.27 -19.87 29.31
CA PRO A 20 3.53 -20.61 29.32
C PRO A 20 3.34 -22.03 28.79
N GLY A 21 2.08 -22.51 28.82
CA GLY A 21 1.76 -23.85 28.32
C GLY A 21 1.81 -24.82 29.50
N ILE A 22 2.09 -26.11 29.20
CA ILE A 22 2.16 -27.15 30.22
C ILE A 22 3.62 -27.39 30.59
N CYS A 23 4.32 -28.18 29.76
CA CYS A 23 5.72 -28.50 30.00
C CYS A 23 6.39 -27.33 30.72
N ARG A 24 6.75 -27.55 32.00
CA ARG A 24 7.39 -26.52 32.80
C ARG A 24 8.71 -26.10 32.14
N GLY A 25 8.62 -25.58 30.90
CA GLY A 25 9.80 -25.15 30.17
C GLY A 25 9.94 -23.64 30.29
N TYR A 26 10.47 -23.17 31.44
CA TYR A 26 10.63 -21.74 31.62
C TYR A 26 11.60 -21.20 30.56
N ILE A 27 11.07 -20.48 29.55
CA ILE A 27 11.87 -19.93 28.49
C ILE A 27 11.62 -18.42 28.38
N THR A 28 12.70 -17.62 28.43
CA THR A 28 12.59 -16.17 28.35
C THR A 28 11.77 -15.80 27.11
N ARG A 29 10.44 -15.74 27.26
CA ARG A 29 9.55 -15.40 26.16
C ARG A 29 8.87 -14.05 26.46
N TYR A 30 8.37 -13.39 25.40
CA TYR A 30 7.73 -12.10 25.62
C TYR A 30 6.25 -12.22 25.26
N PHE A 31 5.41 -11.34 25.84
CA PHE A 31 3.98 -11.36 25.60
C PHE A 31 3.41 -9.96 25.82
N TYR A 32 2.47 -9.53 24.94
CA TYR A 32 1.90 -8.21 25.11
C TYR A 32 0.90 -8.23 26.27
N ASN A 33 1.21 -7.50 27.35
CA ASN A 33 0.35 -7.44 28.52
C ASN A 33 -0.45 -6.14 28.50
N ASN A 34 -1.79 -6.26 28.38
CA ASN A 34 -2.66 -5.10 28.35
C ASN A 34 -2.51 -4.32 29.66
N GLN A 35 -2.24 -5.04 30.76
CA GLN A 35 -2.07 -4.42 32.06
C GLN A 35 -1.05 -3.29 31.97
N THR A 36 -0.09 -3.43 31.03
CA THR A 36 0.94 -2.42 30.83
C THR A 36 0.96 -2.00 29.36
N LYS A 37 -0.13 -2.33 28.62
CA LYS A 37 -0.23 -1.98 27.22
C LYS A 37 1.16 -2.01 26.58
N GLN A 38 1.90 -3.11 26.82
CA GLN A 38 3.24 -3.27 26.27
C GLN A 38 3.69 -4.71 26.46
N CYS A 39 4.71 -5.13 25.68
CA CYS A 39 5.24 -6.48 25.77
C CYS A 39 6.01 -6.64 27.08
N GLU A 40 5.68 -7.70 27.85
CA GLU A 40 6.34 -7.96 29.11
C GLU A 40 7.07 -9.30 29.03
N ARG A 41 8.29 -9.36 29.60
CA ARG A 41 9.09 -10.58 29.60
C ARG A 41 8.50 -11.58 30.59
N PHE A 42 7.99 -12.70 30.07
CA PHE A 42 7.39 -13.74 30.91
C PHE A 42 8.01 -15.10 30.55
N LYS A 43 7.96 -16.05 31.49
CA LYS A 43 8.51 -17.38 31.28
C LYS A 43 7.73 -18.07 30.16
N TYR A 44 7.89 -19.40 30.04
CA TYR A 44 7.17 -20.11 28.99
C TYR A 44 7.06 -21.59 29.38
N GLY A 45 6.58 -21.86 30.60
CA GLY A 45 6.42 -23.22 31.09
C GLY A 45 5.51 -24.00 30.14
N GLY A 46 6.01 -24.32 28.94
CA GLY A 46 5.25 -25.05 27.94
C GLY A 46 6.12 -25.32 26.72
N CYS A 47 5.62 -26.15 25.80
CA CYS A 47 6.35 -26.49 24.58
C CYS A 47 5.69 -25.81 23.39
N LEU A 48 4.47 -25.26 23.60
CA LEU A 48 3.74 -24.59 22.54
C LEU A 48 3.06 -23.34 23.13
N GLY A 49 2.03 -23.55 23.96
CA GLY A 49 1.30 -22.45 24.58
C GLY A 49 0.34 -21.86 23.55
N ASN A 50 0.70 -20.68 23.00
CA ASN A 50 -0.12 -20.01 22.02
C ASN A 50 0.67 -18.87 21.38
N MET A 51 0.03 -18.11 20.46
CA MET A 51 0.67 -17.00 19.78
C MET A 51 1.19 -16.01 20.82
N ASN A 52 0.40 -15.78 21.89
CA ASN A 52 0.78 -14.86 22.95
C ASN A 52 1.94 -15.46 23.74
N ASN A 53 3.08 -15.70 23.07
CA ASN A 53 4.25 -16.27 23.73
C ASN A 53 5.47 -16.07 22.82
N PHE A 54 5.75 -14.81 22.47
CA PHE A 54 6.89 -14.48 21.61
C PHE A 54 8.18 -14.85 22.34
N GLU A 55 9.33 -14.62 21.66
CA GLU A 55 10.63 -14.93 22.24
C GLU A 55 11.48 -13.65 22.27
N THR A 56 10.87 -12.52 21.92
CA THR A 56 11.57 -11.23 21.91
C THR A 56 10.56 -10.11 22.12
N LEU A 57 11.05 -8.95 22.61
CA LEU A 57 10.19 -7.80 22.85
C LEU A 57 9.82 -7.15 21.52
N GLU A 58 10.85 -6.86 20.69
CA GLU A 58 10.62 -6.24 19.40
C GLU A 58 9.72 -7.13 18.55
N GLU A 59 9.85 -8.46 18.73
CA GLU A 59 9.05 -9.42 17.99
C GLU A 59 7.60 -9.37 18.49
N CYS A 60 7.43 -9.42 19.82
CA CYS A 60 6.11 -9.38 20.43
C CYS A 60 5.45 -8.03 20.11
N LYS A 61 6.27 -6.97 19.96
CA LYS A 61 5.77 -5.65 19.65
C LYS A 61 5.43 -5.57 18.16
N ASN A 62 6.35 -6.05 17.30
CA ASN A 62 6.14 -6.04 15.86
C ASN A 62 4.78 -6.68 15.54
N ILE A 63 4.51 -7.85 16.13
CA ILE A 63 3.27 -8.56 15.91
C ILE A 63 2.14 -7.84 16.65
N CYS A 64 2.34 -7.59 17.95
CA CYS A 64 1.35 -6.91 18.77
C CYS A 64 1.40 -5.41 18.49
N GLU A 65 2.31 -4.70 19.18
CA GLU A 65 2.47 -3.27 19.01
C GLU A 65 2.20 -2.90 17.55
N ASP A 66 2.59 -3.80 16.63
CA ASP A 66 2.40 -3.57 15.20
C ASP A 66 3.69 -3.02 14.60
N GLY A 67 3.79 -3.08 13.26
CA GLY A 67 4.98 -2.58 12.57
C GLY A 67 4.54 -1.73 11.38
N PRO A 68 5.50 -0.99 10.79
CA PRO A 68 5.25 -0.12 9.64
C PRO A 68 5.07 -0.93 8.37
N ASN A 69 4.41 -0.34 7.36
CA ASN A 69 4.18 -1.01 6.09
C ASN A 69 3.59 -2.40 6.35
N GLY A 70 2.55 -2.47 7.20
CA GLY A 70 1.90 -3.73 7.53
C GLY A 70 2.02 -3.96 9.04
N PHE A 71 2.45 -5.17 9.42
CA PHE A 71 2.61 -5.53 10.82
C PHE A 71 2.83 -7.04 10.93
N ASP A 1 -1.47 -2.14 4.93
CA ASP A 1 -1.93 -1.58 3.67
C ASP A 1 -3.35 -1.04 3.84
N TYR A 2 -3.99 -0.68 2.72
CA TYR A 2 -5.35 -0.16 2.83
C TYR A 2 -5.81 0.31 1.44
N LYS A 3 -5.65 1.62 1.16
CA LYS A 3 -6.05 2.19 -0.12
C LYS A 3 -4.99 1.88 -1.17
N ASP A 4 -5.30 0.96 -2.09
CA ASP A 4 -4.38 0.59 -3.15
C ASP A 4 -5.03 0.84 -4.51
N ASP A 5 -6.22 0.26 -4.72
CA ASP A 5 -6.95 0.43 -5.97
C ASP A 5 -6.36 -0.52 -7.02
N ASP A 6 -7.24 -1.20 -7.77
CA ASP A 6 -6.81 -2.14 -8.81
C ASP A 6 -5.70 -1.48 -9.63
N ASP A 7 -4.90 -2.31 -10.32
CA ASP A 7 -3.80 -1.83 -11.14
C ASP A 7 -2.57 -1.58 -10.27
N LYS A 8 -2.47 -2.33 -9.16
CA LYS A 8 -1.35 -2.20 -8.24
C LYS A 8 -0.33 -3.30 -8.54
N LEU A 9 -0.58 -4.52 -8.01
CA LEU A 9 0.31 -5.65 -8.22
C LEU A 9 -0.43 -6.75 -8.99
N LYS A 10 -1.40 -6.34 -9.83
CA LYS A 10 -2.17 -7.27 -10.62
C LYS A 10 -3.00 -8.16 -9.69
N PRO A 11 -4.15 -8.65 -10.18
CA PRO A 11 -5.05 -9.51 -9.43
C PRO A 11 -4.43 -10.90 -9.22
N ASP A 12 -3.96 -11.17 -7.99
CA ASP A 12 -3.35 -12.45 -7.67
C ASP A 12 -4.40 -13.56 -7.83
N PHE A 13 -5.68 -13.21 -7.61
CA PHE A 13 -6.76 -14.18 -7.73
C PHE A 13 -6.72 -14.80 -9.13
N CYS A 14 -6.17 -14.06 -10.12
CA CYS A 14 -6.07 -14.54 -11.48
C CYS A 14 -5.14 -15.75 -11.53
N PHE A 15 -4.05 -15.71 -10.74
CA PHE A 15 -3.10 -16.80 -10.69
C PHE A 15 -3.57 -17.85 -9.68
N LEU A 16 -4.81 -17.68 -9.16
CA LEU A 16 -5.37 -18.60 -8.20
C LEU A 16 -5.94 -19.82 -8.93
N GLU A 17 -6.09 -20.94 -8.21
CA GLU A 17 -6.63 -22.16 -8.79
C GLU A 17 -8.10 -21.94 -9.15
N GLU A 18 -8.53 -22.54 -10.28
CA GLU A 18 -9.91 -22.42 -10.73
C GLU A 18 -10.85 -22.82 -9.60
N ASP A 19 -12.02 -22.15 -9.52
CA ASP A 19 -13.00 -22.44 -8.50
C ASP A 19 -14.40 -22.42 -9.11
N PRO A 20 -15.01 -23.61 -9.25
CA PRO A 20 -16.33 -23.77 -9.83
C PRO A 20 -17.42 -23.46 -8.79
N GLY A 21 -17.01 -23.31 -7.51
CA GLY A 21 -17.94 -23.01 -6.44
C GLY A 21 -18.53 -24.32 -5.90
N ILE A 22 -19.60 -24.21 -5.09
CA ILE A 22 -20.26 -25.36 -4.52
C ILE A 22 -21.50 -25.71 -5.34
N CYS A 23 -22.56 -24.90 -5.17
CA CYS A 23 -23.81 -25.11 -5.89
C CYS A 23 -23.50 -25.49 -7.34
N ARG A 24 -23.44 -26.80 -7.62
CA ARG A 24 -23.15 -27.28 -8.96
C ARG A 24 -23.87 -26.41 -9.99
N GLY A 25 -23.45 -26.50 -11.26
CA GLY A 25 -24.06 -25.72 -12.32
C GLY A 25 -22.97 -25.31 -13.32
N TYR A 26 -22.47 -26.28 -14.10
CA TYR A 26 -21.43 -25.94 -15.07
C TYR A 26 -21.98 -24.92 -16.06
N ILE A 27 -21.28 -23.78 -16.20
CA ILE A 27 -21.70 -22.72 -17.11
C ILE A 27 -20.55 -22.37 -18.07
N THR A 28 -19.63 -23.34 -18.27
CA THR A 28 -18.50 -23.14 -19.15
C THR A 28 -17.90 -21.76 -18.89
N ARG A 29 -17.09 -21.64 -17.81
CA ARG A 29 -16.45 -20.39 -17.47
C ARG A 29 -14.95 -20.48 -17.75
N TYR A 30 -14.26 -19.32 -17.76
CA TYR A 30 -12.84 -19.35 -18.02
C TYR A 30 -12.08 -18.85 -16.78
N PHE A 31 -10.78 -19.17 -16.68
CA PHE A 31 -9.97 -18.77 -15.56
C PHE A 31 -8.50 -18.70 -15.98
N TYR A 32 -7.75 -17.75 -15.40
CA TYR A 32 -6.35 -17.63 -15.77
C TYR A 32 -5.54 -18.68 -15.03
N ASN A 33 -4.97 -19.65 -15.77
CA ASN A 33 -4.19 -20.72 -15.17
C ASN A 33 -2.70 -20.36 -15.26
N ASN A 34 -2.02 -20.30 -14.09
CA ASN A 34 -0.60 -19.97 -14.05
C ASN A 34 0.19 -21.07 -14.76
N GLN A 35 -0.27 -22.32 -14.64
CA GLN A 35 0.40 -23.45 -15.25
C GLN A 35 0.47 -23.24 -16.76
N THR A 36 -0.39 -22.34 -17.28
CA THR A 36 -0.43 -22.03 -18.70
C THR A 36 -0.36 -20.52 -18.90
N LYS A 37 -0.09 -19.78 -17.81
CA LYS A 37 0.01 -18.33 -17.86
C LYS A 37 -0.99 -17.79 -18.88
N GLN A 38 -2.21 -18.34 -18.87
CA GLN A 38 -3.26 -17.92 -19.80
C GLN A 38 -4.62 -18.24 -19.19
N CYS A 39 -5.67 -18.20 -20.03
CA CYS A 39 -7.03 -18.47 -19.59
C CYS A 39 -7.47 -19.83 -20.15
N GLU A 40 -7.88 -20.74 -19.25
CA GLU A 40 -8.33 -22.07 -19.65
C GLU A 40 -9.82 -22.20 -19.36
N ARG A 41 -10.55 -22.93 -20.24
CA ARG A 41 -11.97 -23.13 -20.08
C ARG A 41 -12.22 -24.16 -18.98
N PHE A 42 -12.83 -23.73 -17.88
CA PHE A 42 -13.12 -24.61 -16.76
C PHE A 42 -14.61 -24.50 -16.39
N LYS A 43 -15.19 -25.60 -15.88
CA LYS A 43 -16.59 -25.63 -15.49
C LYS A 43 -16.81 -24.69 -14.30
N TYR A 44 -18.06 -24.25 -14.11
CA TYR A 44 -18.34 -23.35 -12.99
C TYR A 44 -19.51 -23.90 -12.18
N GLY A 45 -19.35 -25.10 -11.61
CA GLY A 45 -20.39 -25.73 -10.82
C GLY A 45 -20.60 -24.94 -9.53
N GLY A 46 -20.95 -23.65 -9.65
CA GLY A 46 -21.17 -22.79 -8.50
C GLY A 46 -22.06 -21.62 -8.89
N CYS A 47 -22.38 -20.75 -7.93
CA CYS A 47 -23.23 -19.59 -8.18
C CYS A 47 -22.58 -18.35 -7.55
N LEU A 48 -21.26 -18.44 -7.25
CA LEU A 48 -20.53 -17.33 -6.66
C LEU A 48 -19.04 -17.52 -6.91
N GLY A 49 -18.43 -18.51 -6.23
CA GLY A 49 -17.02 -18.78 -6.38
C GLY A 49 -16.22 -17.51 -6.10
N ASN A 50 -14.87 -17.62 -6.10
CA ASN A 50 -14.01 -16.49 -5.86
C ASN A 50 -13.85 -15.68 -7.15
N MET A 51 -13.03 -14.61 -7.09
CA MET A 51 -12.81 -13.75 -8.24
C MET A 51 -12.46 -14.62 -9.46
N ASN A 52 -11.45 -15.51 -9.30
CA ASN A 52 -11.03 -16.39 -10.37
C ASN A 52 -12.25 -17.14 -10.91
N ASN A 53 -12.89 -16.57 -11.95
CA ASN A 53 -14.05 -17.18 -12.56
C ASN A 53 -14.68 -16.20 -13.56
N PHE A 54 -14.29 -16.33 -14.84
CA PHE A 54 -14.80 -15.46 -15.89
C PHE A 54 -15.77 -16.25 -16.77
N GLU A 55 -16.56 -15.54 -17.60
CA GLU A 55 -17.52 -16.17 -18.49
C GLU A 55 -16.93 -16.25 -19.90
N THR A 56 -16.10 -15.24 -20.27
CA THR A 56 -15.48 -15.21 -21.58
C THR A 56 -13.96 -15.24 -21.41
N LEU A 57 -13.26 -15.83 -22.40
CA LEU A 57 -11.81 -15.92 -22.36
C LEU A 57 -11.21 -14.52 -22.37
N GLU A 58 -11.63 -13.68 -23.32
CA GLU A 58 -11.14 -12.32 -23.43
C GLU A 58 -11.31 -11.61 -22.09
N GLU A 59 -12.52 -11.72 -21.50
CA GLU A 59 -12.81 -11.10 -20.21
C GLU A 59 -11.74 -11.53 -19.19
N CYS A 60 -11.50 -12.84 -19.10
CA CYS A 60 -10.52 -13.38 -18.17
C CYS A 60 -9.15 -12.76 -18.47
N LYS A 61 -8.92 -12.41 -19.74
CA LYS A 61 -7.65 -11.81 -20.16
C LYS A 61 -7.64 -10.33 -19.76
N ASN A 62 -8.72 -9.61 -20.11
CA ASN A 62 -8.83 -8.19 -19.79
C ASN A 62 -8.55 -7.98 -18.30
N ILE A 63 -9.21 -8.79 -17.45
CA ILE A 63 -9.03 -8.70 -16.01
C ILE A 63 -7.65 -9.24 -15.63
N CYS A 64 -7.33 -10.47 -16.08
CA CYS A 64 -6.06 -11.09 -15.79
C CYS A 64 -4.99 -10.53 -16.74
N GLU A 65 -4.83 -11.17 -17.91
CA GLU A 65 -3.86 -10.74 -18.89
C GLU A 65 -3.65 -9.23 -18.77
N ASP A 66 -4.74 -8.48 -18.57
CA ASP A 66 -4.68 -7.04 -18.43
C ASP A 66 -4.37 -6.41 -19.79
N GLY A 67 -3.31 -6.91 -20.45
CA GLY A 67 -2.91 -6.39 -21.75
C GLY A 67 -2.82 -7.56 -22.74
N PRO A 68 -3.99 -8.06 -23.18
CA PRO A 68 -4.07 -9.17 -24.13
C PRO A 68 -3.79 -8.70 -25.56
N ASN A 69 -2.62 -8.05 -25.75
CA ASN A 69 -2.23 -7.56 -27.06
C ASN A 69 -3.14 -6.39 -27.45
N GLY A 70 -3.68 -5.69 -26.44
CA GLY A 70 -4.56 -4.56 -26.68
C GLY A 70 -5.60 -4.48 -25.55
N PHE A 71 -5.63 -3.34 -24.83
CA PHE A 71 -6.56 -3.14 -23.75
C PHE A 71 -6.49 -1.69 -23.27
N ASP A 1 -1.47 -2.14 4.93
CA ASP A 1 -1.93 -1.58 3.67
C ASP A 1 -3.45 -1.53 3.66
N TYR A 2 -4.06 -1.19 4.82
CA TYR A 2 -5.50 -1.13 4.88
C TYR A 2 -5.97 0.29 4.57
N LYS A 3 -5.64 1.24 5.47
CA LYS A 3 -6.04 2.63 5.29
C LYS A 3 -4.91 3.54 5.81
N ASP A 4 -4.65 3.49 7.12
CA ASP A 4 -3.61 4.30 7.73
C ASP A 4 -2.66 3.39 8.53
N ASP A 5 -3.21 2.70 9.55
CA ASP A 5 -2.41 1.81 10.38
C ASP A 5 -2.64 0.36 9.93
N ASP A 6 -1.70 -0.52 10.28
CA ASP A 6 -1.79 -1.93 9.91
C ASP A 6 -3.05 -2.53 10.54
N ASP A 7 -3.23 -2.31 11.85
CA ASP A 7 -4.39 -2.83 12.56
C ASP A 7 -4.04 -2.97 14.05
N LYS A 8 -3.77 -1.85 14.72
CA LYS A 8 -3.43 -1.85 16.13
C LYS A 8 -2.25 -2.80 16.37
N LEU A 9 -1.05 -2.22 16.58
CA LEU A 9 0.15 -3.01 16.81
C LEU A 9 -0.10 -3.97 17.97
N LYS A 10 -0.16 -5.28 17.67
CA LYS A 10 -0.39 -6.29 18.68
C LYS A 10 0.43 -5.96 19.93
N PRO A 11 -0.22 -6.02 21.11
CA PRO A 11 0.42 -5.73 22.38
C PRO A 11 1.70 -6.55 22.55
N ASP A 12 2.86 -5.87 22.52
CA ASP A 12 4.14 -6.51 22.67
C ASP A 12 4.23 -7.16 24.06
N PHE A 13 3.49 -6.58 25.03
CA PHE A 13 3.48 -7.09 26.39
C PHE A 13 3.06 -8.56 26.37
N CYS A 14 2.28 -8.96 25.36
CA CYS A 14 1.81 -10.33 25.23
C CYS A 14 3.01 -11.25 24.96
N PHE A 15 3.97 -10.75 24.15
CA PHE A 15 5.15 -11.52 23.82
C PHE A 15 6.19 -11.37 24.93
N LEU A 16 5.82 -10.66 26.01
CA LEU A 16 6.71 -10.44 27.13
C LEU A 16 6.68 -11.67 28.05
N GLU A 17 7.87 -12.09 28.52
CA GLU A 17 7.99 -13.24 29.41
C GLU A 17 7.00 -13.10 30.56
N GLU A 18 6.57 -14.23 31.14
CA GLU A 18 5.64 -14.23 32.25
C GLU A 18 6.35 -13.74 33.51
N ASP A 19 5.63 -13.00 34.37
CA ASP A 19 6.19 -12.48 35.61
C ASP A 19 5.11 -12.48 36.69
N PRO A 20 5.22 -13.43 37.64
CA PRO A 20 4.27 -13.57 38.74
C PRO A 20 4.57 -12.54 39.84
N GLY A 21 5.56 -11.67 39.60
CA GLY A 21 5.93 -10.65 40.57
C GLY A 21 6.35 -11.32 41.88
N ILE A 22 7.60 -11.08 42.30
CA ILE A 22 8.13 -11.66 43.53
C ILE A 22 6.99 -12.32 44.29
N CYS A 23 6.06 -11.50 44.83
CA CYS A 23 4.93 -12.00 45.58
C CYS A 23 4.50 -13.36 45.01
N ARG A 24 3.90 -14.21 45.87
CA ARG A 24 3.46 -15.53 45.45
C ARG A 24 1.96 -15.47 45.10
N GLY A 25 1.12 -15.32 46.12
CA GLY A 25 -0.33 -15.25 45.93
C GLY A 25 -0.67 -15.77 44.54
N TYR A 26 -0.39 -17.06 44.29
CA TYR A 26 -0.69 -17.62 42.98
C TYR A 26 -2.19 -17.56 42.74
N ILE A 27 -2.61 -17.38 41.47
CA ILE A 27 -4.01 -17.30 41.12
C ILE A 27 -4.24 -18.01 39.78
N THR A 28 -3.30 -18.89 39.40
CA THR A 28 -3.41 -19.63 38.15
C THR A 28 -3.89 -18.70 37.04
N ARG A 29 -2.98 -17.83 36.56
CA ARG A 29 -3.31 -16.88 35.52
C ARG A 29 -2.80 -17.42 34.17
N TYR A 30 -2.98 -16.62 33.10
CA TYR A 30 -2.52 -17.08 31.80
C TYR A 30 -1.69 -15.98 31.14
N PHE A 31 -0.78 -16.36 30.22
CA PHE A 31 0.07 -15.40 29.54
C PHE A 31 0.45 -15.95 28.17
N TYR A 32 0.65 -15.05 27.19
CA TYR A 32 1.00 -15.52 25.86
C TYR A 32 2.50 -15.83 25.82
N ASN A 33 2.86 -17.12 25.95
CA ASN A 33 4.25 -17.53 25.93
C ASN A 33 4.71 -17.74 24.50
N ASN A 34 5.73 -16.98 24.07
CA ASN A 34 6.25 -17.08 22.71
C ASN A 34 6.92 -18.45 22.53
N GLN A 35 7.37 -19.06 23.64
CA GLN A 35 8.03 -20.36 23.60
C GLN A 35 7.16 -21.32 22.79
N THR A 36 5.83 -21.25 22.98
CA THR A 36 4.90 -22.11 22.28
C THR A 36 4.06 -21.27 21.31
N LYS A 37 4.22 -19.94 21.37
CA LYS A 37 3.48 -19.03 20.51
C LYS A 37 1.99 -19.17 20.81
N GLN A 38 1.60 -19.09 22.09
CA GLN A 38 0.21 -19.20 22.50
C GLN A 38 0.10 -18.88 23.99
N CYS A 39 -1.13 -18.97 24.53
CA CYS A 39 -1.38 -18.68 25.93
C CYS A 39 -0.99 -19.90 26.77
N GLU A 40 -0.35 -19.66 27.93
CA GLU A 40 0.07 -20.73 28.81
C GLU A 40 -0.29 -20.37 30.25
N ARG A 41 -0.78 -21.36 31.02
CA ARG A 41 -1.17 -21.15 32.40
C ARG A 41 0.09 -20.93 33.25
N PHE A 42 0.21 -19.75 33.87
CA PHE A 42 1.35 -19.41 34.69
C PHE A 42 0.86 -18.85 36.04
N LYS A 43 1.69 -18.97 37.09
CA LYS A 43 1.35 -18.48 38.40
C LYS A 43 1.35 -16.95 38.39
N TYR A 44 0.74 -16.34 39.42
CA TYR A 44 0.70 -14.89 39.46
C TYR A 44 0.79 -14.42 40.92
N GLY A 45 1.69 -13.45 41.19
CA GLY A 45 1.87 -12.93 42.54
C GLY A 45 1.24 -11.54 42.64
N GLY A 46 1.11 -10.86 41.48
CA GLY A 46 0.53 -9.53 41.45
C GLY A 46 1.61 -8.49 41.71
N CYS A 47 1.92 -8.25 42.99
CA CYS A 47 2.93 -7.28 43.37
C CYS A 47 3.99 -7.19 42.27
N LEU A 48 4.16 -5.99 41.69
CA LEU A 48 5.13 -5.78 40.63
C LEU A 48 4.72 -6.58 39.39
N GLY A 49 5.16 -7.85 39.33
CA GLY A 49 4.83 -8.72 38.20
C GLY A 49 5.12 -7.98 36.90
N ASN A 50 4.46 -8.39 35.81
CA ASN A 50 4.65 -7.78 34.50
C ASN A 50 3.29 -7.42 33.90
N MET A 51 3.24 -7.30 32.56
CA MET A 51 2.00 -6.97 31.86
C MET A 51 1.30 -8.26 31.44
N ASN A 52 2.03 -9.14 30.73
CA ASN A 52 1.48 -10.40 30.27
C ASN A 52 0.93 -11.18 31.46
N ASN A 53 -0.30 -10.84 31.88
CA ASN A 53 -0.94 -11.50 33.02
C ASN A 53 -2.45 -11.49 32.81
N PHE A 54 -3.01 -12.64 32.37
CA PHE A 54 -4.44 -12.75 32.14
C PHE A 54 -5.05 -13.70 33.18
N GLU A 55 -6.39 -13.68 33.30
CA GLU A 55 -7.09 -14.54 34.25
C GLU A 55 -7.60 -15.78 33.53
N THR A 56 -8.18 -15.58 32.34
CA THR A 56 -8.71 -16.68 31.55
C THR A 56 -7.89 -16.83 30.27
N LEU A 57 -7.73 -18.09 29.79
CA LEU A 57 -6.98 -18.36 28.59
C LEU A 57 -7.58 -17.57 27.42
N GLU A 58 -8.91 -17.72 27.21
CA GLU A 58 -9.61 -17.03 26.14
C GLU A 58 -9.30 -15.54 26.22
N GLU A 59 -9.24 -15.00 27.45
CA GLU A 59 -8.95 -13.60 27.66
C GLU A 59 -7.56 -13.27 27.12
N CYS A 60 -6.58 -14.14 27.44
CA CYS A 60 -5.21 -13.96 27.00
C CYS A 60 -5.14 -14.11 25.47
N LYS A 61 -6.08 -14.89 24.91
CA LYS A 61 -6.14 -15.11 23.48
C LYS A 61 -6.78 -13.92 22.79
N ASN A 62 -7.97 -13.52 23.27
CA ASN A 62 -8.70 -12.40 22.71
C ASN A 62 -7.79 -11.17 22.69
N ILE A 63 -6.99 -10.99 23.75
CA ILE A 63 -6.07 -9.87 23.85
C ILE A 63 -4.82 -10.16 23.01
N CYS A 64 -4.19 -11.32 23.25
CA CYS A 64 -3.00 -11.71 22.52
C CYS A 64 -3.40 -12.30 21.17
N GLU A 65 -3.81 -13.57 21.15
CA GLU A 65 -4.23 -14.25 19.94
C GLU A 65 -5.13 -13.31 19.13
N ASP A 66 -5.81 -12.37 19.82
CA ASP A 66 -6.69 -11.43 19.17
C ASP A 66 -7.28 -12.06 17.91
N GLY A 67 -6.65 -11.82 16.75
CA GLY A 67 -7.10 -12.35 15.49
C GLY A 67 -7.15 -11.24 14.44
N PRO A 68 -7.33 -11.62 13.16
CA PRO A 68 -7.40 -10.69 12.05
C PRO A 68 -8.72 -9.93 12.05
N ASN A 69 -8.80 -8.84 12.83
CA ASN A 69 -10.00 -8.03 12.92
C ASN A 69 -11.18 -8.93 13.30
N GLY A 70 -11.30 -9.26 14.60
CA GLY A 70 -12.38 -10.10 15.08
C GLY A 70 -12.36 -10.13 16.61
N PHE A 71 -12.12 -11.31 17.19
CA PHE A 71 -12.07 -11.48 18.63
C PHE A 71 -10.73 -10.93 19.15
N ASP A 1 -1.47 -2.14 4.93
CA ASP A 1 -1.93 -1.58 3.67
C ASP A 1 -2.86 -0.40 3.96
N TYR A 2 -3.35 0.25 2.89
CA TYR A 2 -4.24 1.38 3.09
C TYR A 2 -4.92 1.74 1.77
N LYS A 3 -5.34 0.72 1.00
CA LYS A 3 -5.97 0.93 -0.29
C LYS A 3 -4.91 0.97 -1.39
N ASP A 4 -4.91 -0.07 -2.26
CA ASP A 4 -3.95 -0.14 -3.35
C ASP A 4 -4.54 -1.00 -4.47
N ASP A 5 -3.66 -1.55 -5.34
CA ASP A 5 -4.09 -2.38 -6.44
C ASP A 5 -3.08 -3.51 -6.65
N ASP A 6 -3.59 -4.73 -6.90
CA ASP A 6 -2.74 -5.90 -7.11
C ASP A 6 -3.51 -6.95 -7.89
N ASP A 7 -3.99 -6.58 -9.09
CA ASP A 7 -4.74 -7.49 -9.93
C ASP A 7 -4.31 -7.31 -11.39
N LYS A 8 -4.84 -6.26 -12.05
CA LYS A 8 -4.51 -5.97 -13.43
C LYS A 8 -5.45 -6.75 -14.35
N LEU A 9 -5.57 -8.07 -14.11
CA LEU A 9 -6.43 -8.93 -14.90
C LEU A 9 -6.31 -8.53 -16.38
N LYS A 10 -7.41 -8.72 -17.15
CA LYS A 10 -7.42 -8.39 -18.56
C LYS A 10 -8.47 -7.30 -18.82
N PRO A 11 -8.26 -6.50 -19.87
CA PRO A 11 -9.16 -5.43 -20.25
C PRO A 11 -10.43 -5.98 -20.89
N ASP A 12 -11.53 -6.02 -20.11
CA ASP A 12 -12.81 -6.53 -20.60
C ASP A 12 -13.27 -5.67 -21.77
N PHE A 13 -12.89 -4.38 -21.77
CA PHE A 13 -13.27 -3.46 -22.83
C PHE A 13 -12.82 -4.03 -24.18
N CYS A 14 -11.74 -4.83 -24.17
CA CYS A 14 -11.21 -5.44 -25.37
C CYS A 14 -12.25 -6.41 -25.95
N PHE A 15 -12.96 -7.13 -25.06
CA PHE A 15 -13.98 -8.09 -25.48
C PHE A 15 -15.30 -7.35 -25.67
N LEU A 16 -15.25 -6.01 -25.68
CA LEU A 16 -16.45 -5.19 -25.85
C LEU A 16 -16.69 -4.96 -27.35
N GLU A 17 -17.91 -5.26 -27.81
CA GLU A 17 -18.27 -5.09 -29.20
C GLU A 17 -17.70 -3.76 -29.71
N GLU A 18 -17.40 -3.69 -31.02
CA GLU A 18 -16.85 -2.49 -31.62
C GLU A 18 -17.92 -1.40 -31.65
N ASP A 19 -17.50 -0.13 -31.54
CA ASP A 19 -18.42 0.99 -31.54
C ASP A 19 -17.80 2.14 -32.33
N PRO A 20 -18.34 2.40 -33.54
CA PRO A 20 -17.87 3.46 -34.42
C PRO A 20 -18.48 4.81 -34.02
N GLY A 21 -19.00 4.89 -32.79
CA GLY A 21 -19.60 6.12 -32.28
C GLY A 21 -20.84 6.45 -33.12
N ILE A 22 -21.25 7.73 -33.10
CA ILE A 22 -22.42 8.17 -33.85
C ILE A 22 -21.96 8.92 -35.10
N CYS A 23 -20.83 9.66 -34.98
CA CYS A 23 -20.29 10.42 -36.09
C CYS A 23 -19.98 9.47 -37.25
N ARG A 24 -19.01 9.86 -38.10
CA ARG A 24 -18.62 9.05 -39.24
C ARG A 24 -17.26 9.53 -39.75
N GLY A 25 -16.80 8.92 -40.87
CA GLY A 25 -15.52 9.29 -41.47
C GLY A 25 -14.66 8.03 -41.64
N TYR A 26 -14.86 7.04 -40.75
CA TYR A 26 -14.07 5.83 -40.84
C TYR A 26 -12.59 6.17 -40.73
N ILE A 27 -11.95 5.73 -39.63
CA ILE A 27 -10.54 6.00 -39.40
C ILE A 27 -9.76 4.69 -39.43
N THR A 28 -10.37 3.63 -39.98
CA THR A 28 -9.74 2.33 -40.07
C THR A 28 -9.05 2.01 -38.74
N ARG A 29 -9.85 1.91 -37.66
CA ARG A 29 -9.32 1.61 -36.33
C ARG A 29 -9.32 0.09 -36.12
N TYR A 30 -8.86 -0.35 -34.94
CA TYR A 30 -8.83 -1.77 -34.68
C TYR A 30 -9.51 -2.06 -33.33
N PHE A 31 -10.11 -3.25 -33.20
CA PHE A 31 -10.80 -3.63 -31.97
C PHE A 31 -10.74 -5.16 -31.82
N TYR A 32 -10.50 -5.62 -30.58
CA TYR A 32 -10.44 -7.05 -30.35
C TYR A 32 -11.84 -7.64 -30.41
N ASN A 33 -12.13 -8.45 -31.44
CA ASN A 33 -13.44 -9.06 -31.60
C ASN A 33 -13.40 -10.48 -31.03
N ASN A 34 -14.22 -10.73 -29.99
CA ASN A 34 -14.29 -12.04 -29.36
C ASN A 34 -14.85 -13.06 -30.36
N GLN A 35 -15.73 -12.59 -31.26
CA GLN A 35 -16.33 -13.46 -32.26
C GLN A 35 -15.23 -14.24 -32.98
N THR A 36 -14.07 -13.60 -33.19
CA THR A 36 -12.95 -14.23 -33.85
C THR A 36 -11.76 -14.31 -32.89
N LYS A 37 -11.95 -13.79 -31.66
CA LYS A 37 -10.90 -13.80 -30.65
C LYS A 37 -9.61 -13.27 -31.27
N GLN A 38 -9.68 -12.07 -31.88
CA GLN A 38 -8.53 -11.45 -32.50
C GLN A 38 -8.89 -10.02 -32.93
N CYS A 39 -7.88 -9.13 -32.99
CA CYS A 39 -8.08 -7.75 -33.38
C CYS A 39 -8.71 -7.71 -34.78
N GLU A 40 -9.82 -6.96 -34.92
CA GLU A 40 -10.51 -6.85 -36.19
C GLU A 40 -10.50 -5.38 -36.63
N ARG A 41 -10.09 -5.12 -37.88
CA ARG A 41 -10.03 -3.77 -38.42
C ARG A 41 -11.46 -3.25 -38.60
N PHE A 42 -11.81 -2.18 -37.86
CA PHE A 42 -13.14 -1.59 -37.94
C PHE A 42 -13.00 -0.07 -38.03
N LYS A 43 -13.88 0.56 -38.84
CA LYS A 43 -13.86 2.00 -39.01
C LYS A 43 -14.47 2.67 -37.77
N TYR A 44 -13.72 3.61 -37.17
CA TYR A 44 -14.25 4.28 -35.98
C TYR A 44 -14.97 5.56 -36.40
N GLY A 45 -15.91 5.44 -37.36
CA GLY A 45 -16.65 6.59 -37.84
C GLY A 45 -17.47 7.19 -36.70
N GLY A 46 -16.77 7.72 -35.68
CA GLY A 46 -17.42 8.32 -34.53
C GLY A 46 -16.43 9.21 -33.79
N CYS A 47 -16.91 9.91 -32.74
CA CYS A 47 -16.06 10.79 -31.95
C CYS A 47 -15.93 10.23 -30.54
N LEU A 48 -16.67 9.15 -30.24
CA LEU A 48 -16.64 8.53 -28.93
C LEU A 48 -17.49 7.25 -28.96
N GLY A 49 -16.95 6.18 -29.57
CA GLY A 49 -17.64 4.91 -29.66
C GLY A 49 -17.08 3.95 -28.62
N ASN A 50 -17.82 3.76 -27.51
CA ASN A 50 -17.40 2.86 -26.44
C ASN A 50 -15.88 2.78 -26.43
N MET A 51 -15.34 1.61 -26.02
CA MET A 51 -13.90 1.41 -25.97
C MET A 51 -13.45 0.56 -27.16
N ASN A 52 -12.59 -0.43 -26.90
CA ASN A 52 -12.09 -1.30 -27.95
C ASN A 52 -12.05 -0.54 -29.28
N ASN A 53 -11.26 0.55 -29.31
CA ASN A 53 -11.13 1.37 -30.51
C ASN A 53 -9.67 1.74 -30.71
N PHE A 54 -8.80 0.73 -30.91
CA PHE A 54 -7.38 0.96 -31.10
C PHE A 54 -7.16 1.62 -32.46
N GLU A 55 -5.89 1.83 -32.84
CA GLU A 55 -5.54 2.44 -34.11
C GLU A 55 -4.78 1.44 -34.97
N THR A 56 -4.00 0.56 -34.32
CA THR A 56 -3.22 -0.44 -35.02
C THR A 56 -3.52 -1.82 -34.43
N LEU A 57 -3.44 -2.86 -35.28
CA LEU A 57 -3.70 -4.23 -34.84
C LEU A 57 -2.71 -4.60 -33.74
N GLU A 58 -1.43 -4.25 -33.93
CA GLU A 58 -0.39 -4.55 -32.96
C GLU A 58 -0.75 -3.90 -31.62
N GLU A 59 -1.31 -2.67 -31.67
CA GLU A 59 -1.69 -1.95 -30.47
C GLU A 59 -2.89 -2.65 -29.82
N CYS A 60 -3.89 -3.01 -30.65
CA CYS A 60 -5.08 -3.68 -30.16
C CYS A 60 -4.70 -5.06 -29.62
N LYS A 61 -3.62 -5.65 -30.17
CA LYS A 61 -3.16 -6.95 -29.73
C LYS A 61 -2.31 -6.80 -28.46
N ASN A 62 -1.36 -5.85 -28.49
CA ASN A 62 -0.49 -5.61 -27.35
C ASN A 62 -1.34 -5.38 -26.10
N ILE A 63 -2.46 -4.65 -26.26
CA ILE A 63 -3.36 -4.35 -25.16
C ILE A 63 -4.20 -5.59 -24.86
N CYS A 64 -4.89 -6.12 -25.89
CA CYS A 64 -5.73 -7.30 -25.74
C CYS A 64 -4.86 -8.56 -25.83
N GLU A 65 -4.56 -8.99 -27.07
CA GLU A 65 -3.75 -10.17 -27.30
C GLU A 65 -2.66 -10.25 -26.22
N ASP A 66 -2.21 -9.08 -25.74
CA ASP A 66 -1.18 -9.01 -24.72
C ASP A 66 -0.02 -9.94 -25.11
N GLY A 67 0.36 -9.93 -26.40
CA GLY A 67 1.43 -10.77 -26.90
C GLY A 67 2.57 -10.79 -25.87
N PRO A 68 3.44 -11.80 -25.96
CA PRO A 68 4.57 -11.97 -25.06
C PRO A 68 5.71 -11.01 -25.44
N ASN A 69 5.39 -9.70 -25.49
CA ASN A 69 6.37 -8.69 -25.83
C ASN A 69 6.87 -8.02 -24.55
N GLY A 70 7.27 -8.85 -23.56
CA GLY A 70 7.78 -8.35 -22.29
C GLY A 70 6.68 -8.47 -21.23
N PHE A 71 5.41 -8.43 -21.67
CA PHE A 71 4.28 -8.54 -20.77
C PHE A 71 4.36 -9.85 -20.00
N ASP A 1 -1.47 -2.14 4.93
CA ASP A 1 -1.93 -1.58 3.67
C ASP A 1 -3.42 -1.87 3.50
N TYR A 2 -4.28 -0.97 4.03
CA TYR A 2 -5.71 -1.20 3.90
C TYR A 2 -6.31 -0.10 3.02
N LYS A 3 -5.76 0.07 1.81
CA LYS A 3 -6.25 1.08 0.88
C LYS A 3 -5.50 0.96 -0.45
N ASP A 4 -4.18 0.77 -0.38
CA ASP A 4 -3.35 0.63 -1.57
C ASP A 4 -3.90 -0.51 -2.43
N ASP A 5 -3.55 -0.50 -3.73
CA ASP A 5 -4.01 -1.53 -4.65
C ASP A 5 -2.79 -2.18 -5.32
N ASP A 6 -1.64 -2.17 -4.63
CA ASP A 6 -0.42 -2.75 -5.15
C ASP A 6 0.02 -1.99 -6.40
N ASP A 7 0.83 -2.63 -7.25
CA ASP A 7 1.32 -2.02 -8.48
C ASP A 7 2.14 -0.78 -8.12
N LYS A 8 1.45 0.36 -7.90
CA LYS A 8 2.11 1.61 -7.56
C LYS A 8 1.07 2.73 -7.49
N LEU A 9 0.42 2.88 -6.33
CA LEU A 9 -0.59 3.90 -6.14
C LEU A 9 0.06 5.14 -5.51
N LYS A 10 1.32 5.41 -5.87
CA LYS A 10 2.05 6.55 -5.34
C LYS A 10 1.41 7.84 -5.85
N PRO A 11 1.28 8.84 -4.97
CA PRO A 11 0.69 10.13 -5.30
C PRO A 11 1.57 10.91 -6.28
N ASP A 12 1.12 11.00 -7.55
CA ASP A 12 1.86 11.71 -8.57
C ASP A 12 1.97 13.19 -8.19
N PHE A 13 0.95 13.70 -7.48
CA PHE A 13 0.94 15.09 -7.06
C PHE A 13 2.21 15.39 -6.25
N CYS A 14 2.75 14.36 -5.59
CA CYS A 14 3.95 14.51 -4.79
C CYS A 14 5.13 14.89 -5.69
N PHE A 15 5.18 14.29 -6.90
CA PHE A 15 6.24 14.57 -7.85
C PHE A 15 5.90 15.84 -8.62
N LEU A 16 4.74 16.43 -8.32
CA LEU A 16 4.30 17.65 -8.99
C LEU A 16 4.96 18.86 -8.32
N GLU A 17 5.63 19.70 -9.14
CA GLU A 17 6.30 20.89 -8.63
C GLU A 17 5.41 21.58 -7.60
N GLU A 18 6.04 22.17 -6.57
CA GLU A 18 5.30 22.87 -5.52
C GLU A 18 4.12 23.61 -6.14
N ASP A 19 2.94 23.48 -5.53
CA ASP A 19 1.74 24.13 -6.01
C ASP A 19 1.07 24.90 -4.87
N PRO A 20 1.39 26.20 -4.74
CA PRO A 20 0.85 27.07 -3.71
C PRO A 20 -0.57 27.53 -4.06
N GLY A 21 -0.77 27.91 -5.34
CA GLY A 21 -2.07 28.36 -5.80
C GLY A 21 -1.89 29.58 -6.71
N ILE A 22 -2.63 30.67 -6.43
CA ILE A 22 -2.54 31.89 -7.21
C ILE A 22 -2.50 33.10 -6.26
N CYS A 23 -1.97 32.88 -5.05
CA CYS A 23 -1.87 33.95 -4.06
C CYS A 23 -0.51 33.85 -3.35
N ARG A 24 -0.48 34.22 -2.06
CA ARG A 24 0.73 34.17 -1.27
C ARG A 24 0.49 33.33 -0.01
N GLY A 25 -0.25 33.90 0.96
CA GLY A 25 -0.56 33.21 2.20
C GLY A 25 0.52 32.15 2.46
N TYR A 26 1.70 32.58 2.92
CA TYR A 26 2.76 31.63 3.19
C TYR A 26 2.60 31.07 4.61
N ILE A 27 2.56 29.74 4.74
CA ILE A 27 2.41 29.10 6.04
C ILE A 27 3.56 28.12 6.27
N THR A 28 4.70 28.37 5.60
CA THR A 28 5.87 27.51 5.73
C THR A 28 5.44 26.06 5.58
N ARG A 29 4.85 25.71 4.43
CA ARG A 29 4.40 24.35 4.17
C ARG A 29 5.55 23.55 3.55
N TYR A 30 5.29 22.27 3.25
CA TYR A 30 6.34 21.45 2.66
C TYR A 30 5.80 20.78 1.40
N PHE A 31 6.70 20.38 0.48
CA PHE A 31 6.31 19.73 -0.76
C PHE A 31 7.44 18.84 -1.25
N TYR A 32 7.10 17.66 -1.78
CA TYR A 32 8.13 16.75 -2.26
C TYR A 32 8.66 17.27 -3.60
N ASN A 33 9.90 17.80 -3.58
CA ASN A 33 10.52 18.32 -4.79
C ASN A 33 11.39 17.24 -5.43
N ASN A 34 11.02 16.82 -6.66
CA ASN A 34 11.75 15.80 -7.38
C ASN A 34 13.20 16.27 -7.58
N GLN A 35 13.38 17.58 -7.79
CA GLN A 35 14.71 18.15 -7.98
C GLN A 35 15.67 17.59 -6.93
N THR A 36 15.24 17.63 -5.66
CA THR A 36 16.06 17.13 -4.56
C THR A 36 15.45 15.84 -4.02
N LYS A 37 14.67 15.13 -4.88
CA LYS A 37 14.04 13.89 -4.49
C LYS A 37 13.81 13.88 -2.98
N GLN A 38 13.14 14.93 -2.46
CA GLN A 38 12.86 15.04 -1.04
C GLN A 38 11.85 16.16 -0.81
N CYS A 39 11.36 16.29 0.44
CA CYS A 39 10.41 17.32 0.80
C CYS A 39 11.15 18.64 1.04
N GLU A 40 10.77 19.70 0.31
CA GLU A 40 11.40 21.00 0.45
C GLU A 40 10.39 21.98 1.10
N ARG A 41 10.90 22.83 2.00
CA ARG A 41 10.06 23.80 2.69
C ARG A 41 9.67 24.92 1.71
N PHE A 42 8.36 25.07 1.48
CA PHE A 42 7.85 26.08 0.57
C PHE A 42 6.60 26.73 1.17
N LYS A 43 6.00 27.69 0.45
CA LYS A 43 4.81 28.37 0.90
C LYS A 43 3.57 27.66 0.36
N TYR A 44 2.38 28.26 0.56
CA TYR A 44 1.17 27.62 0.07
C TYR A 44 0.26 28.68 -0.56
N GLY A 45 -0.29 29.58 0.27
CA GLY A 45 -1.19 30.62 -0.21
C GLY A 45 -2.64 30.16 -0.05
N GLY A 46 -2.92 28.92 -0.51
CA GLY A 46 -4.27 28.37 -0.42
C GLY A 46 -5.14 29.02 -1.50
N CYS A 47 -5.03 28.53 -2.74
CA CYS A 47 -5.80 29.05 -3.85
C CYS A 47 -5.63 28.14 -5.06
N LEU A 48 -6.55 27.17 -5.23
CA LEU A 48 -6.49 26.24 -6.35
C LEU A 48 -5.40 25.20 -6.10
N GLY A 49 -4.28 25.65 -5.49
CA GLY A 49 -3.16 24.76 -5.18
C GLY A 49 -3.66 23.32 -5.16
N ASN A 50 -2.95 22.43 -5.89
CA ASN A 50 -3.32 21.02 -5.94
C ASN A 50 -2.90 20.34 -4.64
N MET A 51 -2.94 18.99 -4.63
CA MET A 51 -2.56 18.22 -3.46
C MET A 51 -1.21 18.71 -2.95
N ASN A 52 -0.15 18.49 -3.74
CA ASN A 52 1.19 18.90 -3.37
C ASN A 52 1.11 20.12 -2.45
N ASN A 53 1.20 19.89 -1.13
CA ASN A 53 1.14 20.96 -0.15
C ASN A 53 0.92 20.36 1.25
N PHE A 54 2.03 20.13 1.97
CA PHE A 54 1.97 19.57 3.32
C PHE A 54 2.29 20.66 4.34
N GLU A 55 2.01 20.37 5.63
CA GLU A 55 2.26 21.33 6.70
C GLU A 55 3.35 20.78 7.61
N THR A 56 4.11 19.77 7.12
CA THR A 56 5.18 19.17 7.88
C THR A 56 6.07 18.34 6.94
N LEU A 57 7.37 18.27 7.26
CA LEU A 57 8.32 17.52 6.45
C LEU A 57 8.01 16.02 6.57
N GLU A 58 7.67 15.58 7.80
CA GLU A 58 7.36 14.17 8.04
C GLU A 58 6.05 13.82 7.32
N GLU A 59 5.12 14.78 7.26
CA GLU A 59 3.84 14.57 6.60
C GLU A 59 4.06 14.43 5.09
N CYS A 60 4.79 15.38 4.50
CA CYS A 60 5.08 15.37 3.08
C CYS A 60 5.85 14.10 2.73
N LYS A 61 6.67 13.61 3.68
CA LYS A 61 7.47 12.42 3.48
C LYS A 61 6.58 11.18 3.67
N ASN A 62 5.71 11.22 4.70
CA ASN A 62 4.81 10.11 4.98
C ASN A 62 3.93 9.85 3.76
N ILE A 63 3.41 10.92 3.14
CA ILE A 63 2.57 10.80 1.96
C ILE A 63 3.43 10.52 0.74
N CYS A 64 4.54 11.27 0.59
CA CYS A 64 5.44 11.10 -0.53
C CYS A 64 6.48 10.03 -0.18
N GLU A 65 7.60 10.45 0.43
CA GLU A 65 8.66 9.53 0.81
C GLU A 65 8.05 8.18 1.19
N ASP A 66 6.84 8.22 1.78
CA ASP A 66 6.16 6.99 2.20
C ASP A 66 7.06 6.20 3.13
N GLY A 67 8.04 6.88 3.75
CA GLY A 67 8.96 6.25 4.67
C GLY A 67 9.76 5.17 3.92
N PRO A 68 10.96 4.85 4.44
CA PRO A 68 11.83 3.85 3.85
C PRO A 68 11.31 2.44 4.11
N ASN A 69 11.52 1.93 5.35
CA ASN A 69 11.08 0.62 5.74
C ASN A 69 9.60 0.68 6.15
N GLY A 70 8.71 0.19 5.27
CA GLY A 70 7.28 0.19 5.53
C GLY A 70 6.56 0.94 4.42
N PHE A 71 5.25 0.69 4.26
CA PHE A 71 4.44 1.34 3.24
C PHE A 71 4.78 0.74 1.87
N ASP A 1 -1.47 -2.14 4.93
CA ASP A 1 -1.93 -1.58 3.67
C ASP A 1 -0.72 -1.18 2.83
N TYR A 2 0.12 -0.27 3.38
CA TYR A 2 1.29 0.16 2.63
C TYR A 2 1.98 -1.06 2.02
N LYS A 3 2.38 -0.96 0.74
CA LYS A 3 3.03 -2.06 0.05
C LYS A 3 2.04 -3.21 -0.11
N ASP A 4 1.49 -3.38 -1.33
CA ASP A 4 0.54 -4.43 -1.61
C ASP A 4 1.29 -5.77 -1.73
N ASP A 5 1.85 -6.04 -2.92
CA ASP A 5 2.59 -7.25 -3.17
C ASP A 5 2.79 -7.43 -4.68
N ASP A 6 1.71 -7.23 -5.45
CA ASP A 6 1.77 -7.37 -6.90
C ASP A 6 1.59 -8.84 -7.28
N ASP A 7 2.05 -9.21 -8.49
CA ASP A 7 1.94 -10.58 -8.96
C ASP A 7 2.37 -11.53 -7.85
N LYS A 8 2.09 -12.84 -8.04
CA LYS A 8 2.45 -13.85 -7.05
C LYS A 8 2.21 -15.24 -7.65
N LEU A 9 1.06 -15.42 -8.32
CA LEU A 9 0.71 -16.69 -8.94
C LEU A 9 0.89 -16.58 -10.46
N LYS A 10 0.95 -17.74 -11.13
CA LYS A 10 1.11 -17.77 -12.58
C LYS A 10 2.47 -17.16 -12.94
N PRO A 11 3.24 -17.87 -13.78
CA PRO A 11 4.55 -17.43 -14.22
C PRO A 11 4.47 -16.05 -14.91
N ASP A 12 5.27 -15.10 -14.43
CA ASP A 12 5.29 -13.75 -14.98
C ASP A 12 5.79 -13.81 -16.43
N PHE A 13 6.65 -14.79 -16.72
CA PHE A 13 7.20 -14.95 -18.06
C PHE A 13 6.05 -15.10 -19.07
N CYS A 14 4.90 -15.63 -18.60
CA CYS A 14 3.74 -15.81 -19.45
C CYS A 14 3.22 -14.43 -19.89
N PHE A 15 3.26 -13.45 -18.99
CA PHE A 15 2.81 -12.11 -19.28
C PHE A 15 3.97 -11.28 -19.81
N LEU A 16 5.02 -11.95 -20.31
CA LEU A 16 6.19 -11.27 -20.85
C LEU A 16 6.05 -11.16 -22.36
N GLU A 17 6.46 -10.00 -22.92
CA GLU A 17 6.39 -9.78 -24.35
C GLU A 17 7.11 -10.91 -25.08
N GLU A 18 6.71 -11.17 -26.34
CA GLU A 18 7.31 -12.22 -27.14
C GLU A 18 8.70 -11.78 -27.58
N ASP A 19 9.60 -12.76 -27.79
CA ASP A 19 10.97 -12.48 -28.21
C ASP A 19 11.50 -13.66 -29.01
N PRO A 20 11.74 -13.45 -30.32
CA PRO A 20 12.25 -14.47 -31.22
C PRO A 20 13.78 -14.58 -31.10
N GLY A 21 14.30 -14.50 -29.87
CA GLY A 21 15.73 -14.61 -29.62
C GLY A 21 16.49 -13.97 -30.79
N ILE A 22 17.69 -14.48 -31.09
CA ILE A 22 18.51 -13.96 -32.17
C ILE A 22 18.51 -14.95 -33.33
N CYS A 23 19.23 -16.08 -33.15
CA CYS A 23 19.31 -17.11 -34.18
C CYS A 23 17.96 -17.24 -34.87
N ARG A 24 17.81 -16.57 -36.03
CA ARG A 24 16.56 -16.62 -36.79
C ARG A 24 16.11 -18.06 -36.92
N GLY A 25 14.91 -18.26 -37.49
CA GLY A 25 14.35 -19.59 -37.68
C GLY A 25 12.85 -19.48 -37.92
N TYR A 26 12.21 -18.48 -37.30
CA TYR A 26 10.77 -18.33 -37.50
C TYR A 26 10.09 -19.68 -37.30
N ILE A 27 9.75 -20.01 -36.04
CA ILE A 27 9.11 -21.28 -35.73
C ILE A 27 7.72 -21.00 -35.12
N THR A 28 6.67 -21.40 -35.84
CA THR A 28 5.30 -21.20 -35.38
C THR A 28 5.22 -21.52 -33.89
N ARG A 29 5.41 -20.50 -33.04
CA ARG A 29 5.36 -20.66 -31.60
C ARG A 29 4.25 -19.77 -31.02
N TYR A 30 3.76 -20.12 -29.82
CA TYR A 30 2.71 -19.32 -29.23
C TYR A 30 3.23 -18.67 -27.94
N PHE A 31 2.68 -17.50 -27.57
CA PHE A 31 3.10 -16.80 -26.38
C PHE A 31 1.91 -16.04 -25.78
N TYR A 32 1.73 -16.13 -24.45
CA TYR A 32 0.62 -15.44 -23.84
C TYR A 32 0.89 -13.94 -23.84
N ASN A 33 0.16 -13.20 -24.69
CA ASN A 33 0.32 -11.75 -24.79
C ASN A 33 -0.69 -11.06 -23.87
N ASN A 34 -0.19 -10.24 -22.94
CA ASN A 34 -1.04 -9.51 -22.01
C ASN A 34 -1.94 -8.55 -22.80
N GLN A 35 -1.44 -8.07 -23.94
CA GLN A 35 -2.20 -7.14 -24.78
C GLN A 35 -3.60 -7.69 -24.99
N THR A 36 -3.73 -9.03 -25.04
CA THR A 36 -5.01 -9.68 -25.25
C THR A 36 -5.23 -10.74 -24.16
N LYS A 37 -4.43 -10.66 -23.07
CA LYS A 37 -4.53 -11.60 -21.97
C LYS A 37 -4.88 -12.99 -22.52
N GLN A 38 -4.13 -13.43 -23.54
CA GLN A 38 -4.36 -14.73 -24.16
C GLN A 38 -3.10 -15.17 -24.91
N CYS A 39 -3.17 -16.33 -25.57
CA CYS A 39 -2.04 -16.85 -26.33
C CYS A 39 -2.12 -16.35 -27.77
N GLU A 40 -1.04 -15.68 -28.23
CA GLU A 40 -0.98 -15.15 -29.58
C GLU A 40 0.15 -15.83 -30.34
N ARG A 41 -0.12 -16.24 -31.60
CA ARG A 41 0.87 -16.89 -32.44
C ARG A 41 1.96 -15.88 -32.81
N PHE A 42 3.21 -16.35 -32.86
CA PHE A 42 4.34 -15.49 -33.21
C PHE A 42 5.52 -16.37 -33.62
N LYS A 43 6.47 -15.78 -34.37
CA LYS A 43 7.65 -16.50 -34.83
C LYS A 43 8.59 -16.72 -33.65
N TYR A 44 9.81 -17.23 -33.93
CA TYR A 44 10.75 -17.47 -32.84
C TYR A 44 12.16 -17.63 -33.43
N GLY A 45 12.56 -16.70 -34.31
CA GLY A 45 13.87 -16.76 -34.94
C GLY A 45 14.95 -16.57 -33.88
N GLY A 46 14.99 -17.50 -32.89
CA GLY A 46 15.97 -17.43 -31.82
C GLY A 46 16.02 -18.79 -31.11
N CYS A 47 16.96 -18.93 -30.16
CA CYS A 47 17.12 -20.16 -29.41
C CYS A 47 17.03 -19.86 -27.91
N LEU A 48 17.72 -18.79 -27.47
CA LEU A 48 17.72 -18.39 -26.07
C LEU A 48 16.74 -17.23 -25.88
N GLY A 49 15.65 -17.23 -26.66
CA GLY A 49 14.64 -16.18 -26.58
C GLY A 49 14.11 -16.10 -25.14
N ASN A 50 12.96 -15.43 -24.96
CA ASN A 50 12.35 -15.28 -23.65
C ASN A 50 11.78 -16.63 -23.20
N MET A 51 10.95 -16.62 -22.15
CA MET A 51 10.34 -17.82 -21.63
C MET A 51 8.98 -18.03 -22.30
N ASN A 52 8.31 -16.93 -22.66
CA ASN A 52 7.02 -16.99 -23.31
C ASN A 52 7.19 -17.37 -24.77
N ASN A 53 7.57 -18.63 -25.03
CA ASN A 53 7.77 -19.13 -26.38
C ASN A 53 7.31 -20.58 -26.47
N PHE A 54 5.99 -20.79 -26.59
CA PHE A 54 5.42 -22.12 -26.68
C PHE A 54 5.37 -22.55 -28.15
N GLU A 55 4.96 -23.80 -28.40
CA GLU A 55 4.87 -24.33 -29.75
C GLU A 55 3.40 -24.51 -30.13
N THR A 56 2.52 -24.59 -29.12
CA THR A 56 1.09 -24.76 -29.34
C THR A 56 0.33 -23.75 -28.50
N LEU A 57 -0.93 -23.46 -28.89
CA LEU A 57 -1.76 -22.51 -28.19
C LEU A 57 -2.22 -23.14 -26.86
N GLU A 58 -2.78 -24.35 -26.93
CA GLU A 58 -3.27 -25.05 -25.75
C GLU A 58 -2.12 -25.18 -24.75
N GLU A 59 -0.90 -25.41 -25.25
CA GLU A 59 0.27 -25.55 -24.40
C GLU A 59 0.57 -24.22 -23.72
N CYS A 60 0.60 -23.13 -24.51
CA CYS A 60 0.88 -21.81 -23.99
C CYS A 60 -0.20 -21.44 -22.96
N LYS A 61 -1.43 -21.94 -23.17
CA LYS A 61 -2.53 -21.66 -22.27
C LYS A 61 -2.44 -22.59 -21.05
N ASN A 62 -2.06 -23.86 -21.29
CA ASN A 62 -1.94 -24.84 -20.22
C ASN A 62 -0.99 -24.29 -19.15
N ILE A 63 0.16 -23.75 -19.58
CA ILE A 63 1.13 -23.19 -18.66
C ILE A 63 0.66 -21.82 -18.18
N CYS A 64 0.26 -20.95 -19.12
CA CYS A 64 -0.22 -19.63 -18.80
C CYS A 64 -1.67 -19.70 -18.32
N GLU A 65 -2.61 -19.63 -19.28
CA GLU A 65 -4.03 -19.70 -18.97
C GLU A 65 -4.23 -20.58 -17.74
N ASP A 66 -3.45 -21.67 -17.64
CA ASP A 66 -3.54 -22.59 -16.52
C ASP A 66 -4.96 -23.17 -16.47
N GLY A 67 -5.20 -24.10 -15.52
CA GLY A 67 -6.49 -24.72 -15.36
C GLY A 67 -6.44 -25.71 -14.18
N PRO A 68 -5.87 -26.90 -14.42
CA PRO A 68 -5.75 -27.94 -13.42
C PRO A 68 -4.57 -27.65 -12.48
N ASN A 69 -3.90 -26.51 -12.69
CA ASN A 69 -2.76 -26.12 -11.87
C ASN A 69 -1.58 -27.07 -12.16
N GLY A 70 -0.37 -26.63 -11.79
CA GLY A 70 0.83 -27.43 -12.01
C GLY A 70 1.00 -27.67 -13.51
N PHE A 71 2.12 -27.17 -14.08
CA PHE A 71 2.41 -27.32 -15.49
C PHE A 71 3.89 -27.65 -15.67
N ASP A 1 -1.47 -2.14 4.93
CA ASP A 1 -1.93 -1.58 3.67
C ASP A 1 -3.16 -0.71 3.93
N TYR A 2 -3.71 -0.12 2.85
CA TYR A 2 -4.88 0.72 3.03
C TYR A 2 -4.45 2.09 3.59
N LYS A 3 -3.84 2.93 2.74
CA LYS A 3 -3.38 4.24 3.17
C LYS A 3 -4.55 5.04 3.76
N ASP A 4 -4.29 6.30 4.15
CA ASP A 4 -5.32 7.15 4.72
C ASP A 4 -5.85 8.09 3.64
N ASP A 5 -5.97 7.58 2.40
CA ASP A 5 -6.47 8.37 1.29
C ASP A 5 -6.47 7.52 0.02
N ASP A 6 -7.67 7.21 -0.50
CA ASP A 6 -7.80 6.40 -1.71
C ASP A 6 -9.25 6.47 -2.20
N ASP A 7 -9.73 7.68 -2.52
CA ASP A 7 -11.08 7.88 -3.01
C ASP A 7 -11.21 9.27 -3.61
N LYS A 8 -10.74 10.30 -2.87
CA LYS A 8 -10.79 11.68 -3.34
C LYS A 8 -9.65 12.47 -2.70
N LEU A 9 -8.42 12.28 -3.19
CA LEU A 9 -7.26 12.97 -2.67
C LEU A 9 -7.63 14.43 -2.39
N LYS A 10 -6.80 15.13 -1.59
CA LYS A 10 -7.04 16.52 -1.25
C LYS A 10 -7.11 17.35 -2.54
N PRO A 11 -7.95 18.39 -2.54
CA PRO A 11 -8.13 19.28 -3.67
C PRO A 11 -6.80 19.91 -4.09
N ASP A 12 -6.27 19.46 -5.24
CA ASP A 12 -5.00 19.97 -5.75
C ASP A 12 -5.15 21.46 -6.04
N PHE A 13 -6.37 21.89 -6.40
CA PHE A 13 -6.64 23.29 -6.71
C PHE A 13 -6.21 24.15 -5.52
N CYS A 14 -6.32 23.59 -4.30
CA CYS A 14 -5.93 24.31 -3.09
C CYS A 14 -4.45 24.62 -3.13
N PHE A 15 -3.64 23.66 -3.65
CA PHE A 15 -2.20 23.84 -3.75
C PHE A 15 -1.86 24.56 -5.05
N LEU A 16 -2.85 25.24 -5.64
CA LEU A 16 -2.66 25.96 -6.89
C LEU A 16 -2.47 27.45 -6.59
N GLU A 17 -1.27 27.97 -6.90
CA GLU A 17 -0.97 29.37 -6.67
C GLU A 17 -2.20 30.23 -6.99
N GLU A 18 -2.48 31.21 -6.12
CA GLU A 18 -3.63 32.09 -6.30
C GLU A 18 -3.65 32.60 -7.75
N ASP A 19 -4.85 32.77 -8.31
CA ASP A 19 -5.00 33.25 -9.67
C ASP A 19 -6.23 34.16 -9.75
N PRO A 20 -6.01 35.49 -9.64
CA PRO A 20 -7.08 36.48 -9.69
C PRO A 20 -7.67 36.56 -11.10
N GLY A 21 -7.03 35.89 -12.07
CA GLY A 21 -7.50 35.88 -13.44
C GLY A 21 -6.64 36.84 -14.27
N ILE A 22 -7.24 37.45 -15.31
CA ILE A 22 -6.53 38.37 -16.17
C ILE A 22 -7.01 39.80 -15.90
N CYS A 23 -8.19 39.92 -15.27
CA CYS A 23 -8.76 41.22 -14.95
C CYS A 23 -8.31 41.63 -13.54
N ARG A 24 -8.79 42.80 -13.08
CA ARG A 24 -8.45 43.29 -11.76
C ARG A 24 -9.42 42.73 -10.72
N GLY A 25 -10.69 43.14 -10.81
CA GLY A 25 -11.71 42.67 -9.88
C GLY A 25 -11.05 42.13 -8.62
N TYR A 26 -10.82 43.02 -7.63
CA TYR A 26 -10.18 42.58 -6.41
C TYR A 26 -11.25 42.26 -5.37
N ILE A 27 -11.05 41.18 -4.59
CA ILE A 27 -12.00 40.78 -3.57
C ILE A 27 -11.26 40.08 -2.43
N THR A 28 -11.33 40.66 -1.21
CA THR A 28 -10.68 40.08 -0.05
C THR A 28 -11.04 38.60 0.06
N ARG A 29 -10.39 37.76 -0.76
CA ARG A 29 -10.63 36.33 -0.75
C ARG A 29 -9.44 35.61 -0.14
N TYR A 30 -9.56 34.29 0.05
CA TYR A 30 -8.45 33.54 0.64
C TYR A 30 -8.11 32.36 -0.27
N PHE A 31 -6.85 31.89 -0.20
CA PHE A 31 -6.39 30.78 -1.02
C PHE A 31 -5.29 30.02 -0.27
N TYR A 32 -5.26 28.69 -0.44
CA TYR A 32 -4.24 27.91 0.23
C TYR A 32 -2.92 28.04 -0.52
N ASN A 33 -1.98 28.84 0.04
CA ASN A 33 -0.68 29.05 -0.58
C ASN A 33 0.32 28.04 -0.03
N ASN A 34 0.97 27.29 -0.93
CA ASN A 34 1.95 26.28 -0.53
C ASN A 34 3.17 26.99 0.07
N GLN A 35 3.40 28.24 -0.32
CA GLN A 35 4.53 29.02 0.18
C GLN A 35 4.55 28.93 1.71
N THR A 36 3.39 29.15 2.35
CA THR A 36 3.28 29.09 3.79
C THR A 36 2.40 27.91 4.20
N LYS A 37 2.29 26.91 3.29
CA LYS A 37 1.48 25.72 3.54
C LYS A 37 0.28 26.12 4.42
N GLN A 38 -0.45 27.15 4.00
CA GLN A 38 -1.62 27.62 4.74
C GLN A 38 -2.53 28.42 3.81
N CYS A 39 -3.40 29.26 4.39
CA CYS A 39 -4.31 30.08 3.62
C CYS A 39 -3.88 31.55 3.70
N GLU A 40 -3.63 32.16 2.53
CA GLU A 40 -3.20 33.55 2.47
C GLU A 40 -4.31 34.38 1.81
N ARG A 41 -4.46 35.64 2.27
CA ARG A 41 -5.48 36.54 1.73
C ARG A 41 -5.02 37.05 0.36
N PHE A 42 -5.98 37.36 -0.52
CA PHE A 42 -5.68 37.86 -1.85
C PHE A 42 -6.98 38.30 -2.53
N LYS A 43 -6.85 38.90 -3.73
CA LYS A 43 -8.00 39.36 -4.49
C LYS A 43 -8.40 38.31 -5.53
N TYR A 44 -9.42 38.62 -6.35
CA TYR A 44 -9.84 37.65 -7.35
C TYR A 44 -10.46 38.40 -8.54
N GLY A 45 -9.64 38.69 -9.57
CA GLY A 45 -10.10 39.42 -10.74
C GLY A 45 -11.45 38.84 -11.18
N GLY A 46 -11.57 37.49 -11.17
CA GLY A 46 -12.80 36.83 -11.56
C GLY A 46 -12.60 36.17 -12.92
N CYS A 47 -12.50 36.99 -13.98
CA CYS A 47 -12.31 36.49 -15.33
C CYS A 47 -12.06 34.97 -15.28
N LEU A 48 -10.78 34.58 -15.33
CA LEU A 48 -10.41 33.17 -15.28
C LEU A 48 -9.99 32.80 -13.86
N GLY A 49 -8.68 32.84 -13.58
CA GLY A 49 -8.15 32.51 -12.27
C GLY A 49 -8.23 31.00 -12.07
N ASN A 50 -8.17 30.56 -10.80
CA ASN A 50 -8.22 29.15 -10.46
C ASN A 50 -9.38 28.91 -9.48
N MET A 51 -9.42 27.71 -8.88
CA MET A 51 -10.46 27.35 -7.93
C MET A 51 -10.01 27.75 -6.53
N ASN A 52 -8.70 27.96 -6.34
CA ASN A 52 -8.14 28.33 -5.05
C ASN A 52 -8.53 29.78 -4.74
N ASN A 53 -9.84 30.04 -4.63
CA ASN A 53 -10.34 31.37 -4.34
C ASN A 53 -11.48 31.27 -3.33
N PHE A 54 -11.14 31.24 -2.03
CA PHE A 54 -12.13 31.15 -0.98
C PHE A 54 -12.54 32.56 -0.55
N GLU A 55 -13.55 32.66 0.33
CA GLU A 55 -14.03 33.93 0.82
C GLU A 55 -13.52 34.16 2.25
N THR A 56 -13.54 33.10 3.07
CA THR A 56 -13.08 33.18 4.45
C THR A 56 -11.86 32.25 4.62
N LEU A 57 -11.03 32.55 5.64
CA LEU A 57 -9.85 31.75 5.91
C LEU A 57 -10.28 30.36 6.37
N GLU A 58 -11.16 30.30 7.39
CA GLU A 58 -11.65 29.03 7.91
C GLU A 58 -12.21 28.19 6.75
N GLU A 59 -12.82 28.86 5.76
CA GLU A 59 -13.39 28.18 4.61
C GLU A 59 -12.26 27.57 3.77
N CYS A 60 -11.21 28.36 3.50
CA CYS A 60 -10.09 27.90 2.72
C CYS A 60 -9.36 26.78 3.49
N LYS A 61 -9.47 26.80 4.82
CA LYS A 61 -8.83 25.81 5.66
C LYS A 61 -9.69 24.54 5.69
N ASN A 62 -10.99 24.70 5.97
CA ASN A 62 -11.91 23.57 6.02
C ASN A 62 -11.81 22.78 4.72
N ILE A 63 -11.72 23.49 3.59
CA ILE A 63 -11.61 22.84 2.29
C ILE A 63 -10.19 22.30 2.10
N CYS A 64 -9.18 23.19 2.27
CA CYS A 64 -7.79 22.78 2.12
C CYS A 64 -7.31 22.14 3.42
N GLU A 65 -6.92 22.98 4.40
CA GLU A 65 -6.45 22.50 5.69
C GLU A 65 -7.21 21.23 6.06
N ASP A 66 -8.49 21.15 5.65
CA ASP A 66 -9.33 20.00 5.95
C ASP A 66 -9.19 19.64 7.43
N GLY A 67 -9.57 20.59 8.31
CA GLY A 67 -9.49 20.38 9.74
C GLY A 67 -8.24 19.56 10.07
N PRO A 68 -8.32 18.73 11.12
CA PRO A 68 -7.23 17.87 11.56
C PRO A 68 -7.04 16.68 10.62
N ASN A 69 -6.30 15.66 11.07
CA ASN A 69 -6.04 14.47 10.27
C ASN A 69 -7.26 13.55 10.34
N GLY A 70 -7.47 12.75 9.28
CA GLY A 70 -8.59 11.82 9.22
C GLY A 70 -9.63 12.36 8.24
N PHE A 71 -10.01 13.64 8.40
CA PHE A 71 -11.00 14.26 7.53
C PHE A 71 -10.82 13.74 6.11
N ASP A 1 -1.47 -2.14 4.93
CA ASP A 1 -1.93 -1.58 3.67
C ASP A 1 -2.03 -0.06 3.81
N TYR A 2 -1.01 0.56 4.43
CA TYR A 2 -1.06 2.00 4.61
C TYR A 2 -0.76 2.68 3.26
N LYS A 3 -1.81 2.96 2.47
CA LYS A 3 -1.66 3.58 1.18
C LYS A 3 -3.04 3.96 0.63
N ASP A 4 -3.24 5.26 0.35
CA ASP A 4 -4.51 5.75 -0.18
C ASP A 4 -4.27 7.04 -0.95
N ASP A 5 -4.79 7.10 -2.19
CA ASP A 5 -4.63 8.29 -3.03
C ASP A 5 -5.96 8.58 -3.74
N ASP A 6 -5.96 9.60 -4.61
CA ASP A 6 -7.15 9.99 -5.35
C ASP A 6 -7.12 9.34 -6.74
N ASP A 7 -6.82 8.03 -6.78
CA ASP A 7 -6.76 7.30 -8.03
C ASP A 7 -7.40 5.92 -7.85
N LYS A 8 -8.55 5.89 -7.16
CA LYS A 8 -9.27 4.64 -6.92
C LYS A 8 -10.48 4.56 -7.85
N LEU A 9 -11.00 5.73 -8.27
CA LEU A 9 -12.15 5.79 -9.15
C LEU A 9 -11.68 5.64 -10.60
N LYS A 10 -10.93 4.57 -10.88
CA LYS A 10 -10.42 4.31 -12.22
C LYS A 10 -10.25 2.80 -12.42
N PRO A 11 -10.41 2.34 -13.67
CA PRO A 11 -10.28 0.93 -14.04
C PRO A 11 -8.81 0.50 -13.99
N ASP A 12 -8.45 -0.27 -12.96
CA ASP A 12 -7.08 -0.76 -12.80
C ASP A 12 -6.74 -1.65 -14.00
N PHE A 13 -7.75 -2.34 -14.55
CA PHE A 13 -7.54 -3.23 -15.68
C PHE A 13 -6.87 -2.45 -16.82
N CYS A 14 -7.13 -1.14 -16.88
CA CYS A 14 -6.55 -0.29 -17.91
C CYS A 14 -5.03 -0.25 -17.74
N PHE A 15 -4.57 -0.19 -16.47
CA PHE A 15 -3.15 -0.15 -16.17
C PHE A 15 -2.54 -1.53 -16.39
N LEU A 16 -3.41 -2.52 -16.69
CA LEU A 16 -2.96 -3.89 -16.93
C LEU A 16 -2.34 -3.98 -18.32
N GLU A 17 -1.16 -4.63 -18.41
CA GLU A 17 -0.47 -4.79 -19.68
C GLU A 17 -1.38 -5.51 -20.68
N GLU A 18 -1.16 -5.27 -21.97
CA GLU A 18 -1.96 -5.90 -23.01
C GLU A 18 -1.98 -7.41 -22.80
N ASP A 19 -2.98 -8.09 -23.39
CA ASP A 19 -3.10 -9.53 -23.26
C ASP A 19 -3.87 -10.08 -24.47
N PRO A 20 -3.14 -10.72 -25.39
CA PRO A 20 -3.70 -11.30 -26.60
C PRO A 20 -4.28 -12.69 -26.33
N GLY A 21 -4.81 -12.89 -25.11
CA GLY A 21 -5.38 -14.17 -24.72
C GLY A 21 -4.54 -15.31 -25.29
N ILE A 22 -5.12 -16.52 -25.38
CA ILE A 22 -4.43 -17.68 -25.90
C ILE A 22 -4.65 -17.76 -27.42
N CYS A 23 -5.91 -17.96 -27.84
CA CYS A 23 -6.25 -18.05 -29.24
C CYS A 23 -5.48 -16.98 -30.02
N ARG A 24 -5.42 -17.15 -31.36
CA ARG A 24 -4.71 -16.20 -32.21
C ARG A 24 -5.73 -15.43 -33.05
N GLY A 25 -5.23 -14.55 -33.94
CA GLY A 25 -6.08 -13.75 -34.80
C GLY A 25 -5.42 -12.40 -35.07
N TYR A 26 -4.69 -11.88 -34.06
CA TYR A 26 -4.04 -10.60 -34.25
C TYR A 26 -5.06 -9.58 -34.77
N ILE A 27 -5.69 -8.83 -33.84
CA ILE A 27 -6.68 -7.85 -34.22
C ILE A 27 -6.22 -6.46 -33.77
N THR A 28 -6.29 -5.47 -34.68
CA THR A 28 -5.87 -4.12 -34.37
C THR A 28 -6.67 -3.60 -33.18
N ARG A 29 -6.23 -3.95 -31.96
CA ARG A 29 -6.90 -3.53 -30.74
C ARG A 29 -5.98 -2.60 -29.95
N TYR A 30 -6.57 -1.70 -29.15
CA TYR A 30 -5.75 -0.79 -28.37
C TYR A 30 -5.80 -1.19 -26.90
N PHE A 31 -4.87 -0.65 -26.09
CA PHE A 31 -4.81 -0.97 -24.67
C PHE A 31 -4.06 0.15 -23.94
N TYR A 32 -4.53 0.48 -22.72
CA TYR A 32 -3.86 1.54 -21.97
C TYR A 32 -2.55 1.01 -21.41
N ASN A 33 -1.45 1.11 -22.18
CA ASN A 33 -0.15 0.63 -21.76
C ASN A 33 0.34 1.48 -20.58
N ASN A 34 0.49 0.85 -19.40
CA ASN A 34 0.96 1.54 -18.21
C ASN A 34 2.40 1.99 -18.42
N GLN A 35 3.16 1.24 -19.23
CA GLN A 35 4.55 1.55 -19.51
C GLN A 35 4.62 2.89 -20.24
N THR A 36 3.51 3.30 -20.87
CA THR A 36 3.45 4.56 -21.60
C THR A 36 2.24 5.37 -21.10
N LYS A 37 1.62 4.91 -20.01
CA LYS A 37 0.46 5.59 -19.45
C LYS A 37 -0.39 6.17 -20.59
N GLN A 38 -0.61 5.37 -21.64
CA GLN A 38 -1.40 5.81 -22.78
C GLN A 38 -1.89 4.58 -23.55
N CYS A 39 -2.91 4.78 -24.41
CA CYS A 39 -3.47 3.70 -25.20
C CYS A 39 -2.57 3.43 -26.41
N GLU A 40 -1.96 2.23 -26.44
CA GLU A 40 -1.07 1.85 -27.52
C GLU A 40 -1.74 0.76 -28.37
N ARG A 41 -1.40 0.71 -29.66
CA ARG A 41 -1.97 -0.27 -30.57
C ARG A 41 -1.26 -1.61 -30.38
N PHE A 42 -2.03 -2.71 -30.32
CA PHE A 42 -1.48 -4.04 -30.13
C PHE A 42 -2.44 -5.08 -30.72
N LYS A 43 -1.95 -6.32 -30.90
CA LYS A 43 -2.76 -7.39 -31.44
C LYS A 43 -3.74 -7.88 -30.37
N TYR A 44 -4.40 -9.02 -30.63
CA TYR A 44 -5.35 -9.54 -29.66
C TYR A 44 -5.75 -10.95 -30.05
N GLY A 45 -4.78 -11.79 -30.46
CA GLY A 45 -5.05 -13.15 -30.87
C GLY A 45 -6.05 -13.78 -29.90
N GLY A 46 -6.13 -13.23 -28.68
CA GLY A 46 -7.05 -13.74 -27.68
C GLY A 46 -8.49 -13.42 -28.09
N CYS A 47 -9.46 -14.11 -27.47
CA CYS A 47 -10.87 -13.90 -27.78
C CYS A 47 -11.61 -13.49 -26.50
N LEU A 48 -10.86 -13.35 -25.39
CA LEU A 48 -11.44 -12.97 -24.11
C LEU A 48 -10.33 -12.77 -23.09
N GLY A 49 -9.20 -12.20 -23.54
CA GLY A 49 -8.05 -11.96 -22.66
C GLY A 49 -8.47 -11.00 -21.55
N ASN A 50 -7.50 -10.23 -21.02
CA ASN A 50 -7.77 -9.28 -19.96
C ASN A 50 -8.86 -8.31 -20.40
N MET A 51 -9.04 -7.21 -19.64
CA MET A 51 -10.05 -6.22 -19.96
C MET A 51 -9.39 -5.08 -20.75
N ASN A 52 -8.08 -4.91 -20.58
CA ASN A 52 -7.34 -3.86 -21.28
C ASN A 52 -7.20 -4.24 -22.76
N ASN A 53 -8.34 -4.42 -23.45
CA ASN A 53 -8.33 -4.78 -24.86
C ASN A 53 -9.45 -4.02 -25.58
N PHE A 54 -9.12 -2.84 -26.14
CA PHE A 54 -10.10 -2.03 -26.85
C PHE A 54 -9.90 -2.22 -28.35
N GLU A 55 -10.87 -1.71 -29.15
CA GLU A 55 -10.80 -1.82 -30.60
C GLU A 55 -10.34 -0.49 -31.20
N THR A 56 -10.79 0.62 -30.58
CA THR A 56 -10.42 1.95 -31.05
C THR A 56 -9.64 2.67 -29.95
N LEU A 57 -8.84 3.68 -30.33
CA LEU A 57 -8.05 4.45 -29.40
C LEU A 57 -8.98 5.27 -28.50
N GLU A 58 -9.87 6.06 -29.12
CA GLU A 58 -10.81 6.89 -28.39
C GLU A 58 -11.59 6.02 -27.41
N GLU A 59 -11.78 4.73 -27.76
CA GLU A 59 -12.51 3.79 -26.91
C GLU A 59 -11.66 3.45 -25.69
N CYS A 60 -10.38 3.13 -25.92
CA CYS A 60 -9.46 2.79 -24.83
C CYS A 60 -9.20 4.03 -23.99
N LYS A 61 -9.30 5.23 -24.61
CA LYS A 61 -9.06 6.48 -23.91
C LYS A 61 -10.31 6.85 -23.10
N ASN A 62 -11.48 6.82 -23.76
CA ASN A 62 -12.73 7.15 -23.10
C ASN A 62 -12.88 6.30 -21.84
N ILE A 63 -12.56 5.00 -21.94
CA ILE A 63 -12.65 4.09 -20.82
C ILE A 63 -11.46 4.32 -19.88
N CYS A 64 -10.25 4.25 -20.44
CA CYS A 64 -9.03 4.46 -19.65
C CYS A 64 -8.80 5.96 -19.46
N GLU A 65 -8.07 6.58 -20.39
CA GLU A 65 -7.78 8.00 -20.32
C GLU A 65 -8.93 8.72 -19.62
N ASP A 66 -10.16 8.27 -19.87
CA ASP A 66 -11.35 8.85 -19.25
C ASP A 66 -11.45 10.33 -19.67
N GLY A 67 -12.48 11.02 -19.17
CA GLY A 67 -12.69 12.43 -19.48
C GLY A 67 -11.52 13.25 -18.93
N PRO A 68 -11.81 14.49 -18.52
CA PRO A 68 -10.81 15.40 -17.98
C PRO A 68 -10.45 15.01 -16.54
N ASN A 69 -9.89 13.80 -16.37
CA ASN A 69 -9.50 13.31 -15.06
C ASN A 69 -10.73 13.21 -14.16
N GLY A 70 -10.76 12.20 -13.28
CA GLY A 70 -11.88 12.00 -12.38
C GLY A 70 -13.04 11.37 -13.14
N PHE A 71 -12.85 10.12 -13.63
CA PHE A 71 -13.87 9.41 -14.36
C PHE A 71 -15.16 9.38 -13.53
N ASP A 1 -1.47 -2.14 4.93
CA ASP A 1 -1.93 -1.58 3.67
C ASP A 1 -3.45 -1.70 3.59
N TYR A 2 -3.96 -2.94 3.56
CA TYR A 2 -5.39 -3.12 3.48
C TYR A 2 -5.85 -2.96 2.03
N LYS A 3 -4.94 -3.26 1.07
CA LYS A 3 -5.24 -3.13 -0.34
C LYS A 3 -4.47 -4.20 -1.13
N ASP A 4 -4.65 -4.22 -2.45
CA ASP A 4 -3.98 -5.18 -3.31
C ASP A 4 -2.47 -4.91 -3.27
N ASP A 5 -1.73 -5.44 -4.27
CA ASP A 5 -0.30 -5.26 -4.34
C ASP A 5 0.06 -4.48 -5.61
N ASP A 6 1.32 -4.04 -5.72
CA ASP A 6 1.78 -3.28 -6.87
C ASP A 6 3.07 -3.91 -7.41
N ASP A 7 3.06 -5.24 -7.58
CA ASP A 7 4.22 -5.96 -8.08
C ASP A 7 3.80 -7.37 -8.48
N LYS A 8 4.80 -8.26 -8.69
CA LYS A 8 4.54 -9.63 -9.08
C LYS A 8 4.53 -9.74 -10.60
N LEU A 9 5.27 -8.84 -11.28
CA LEU A 9 5.34 -8.83 -12.73
C LEU A 9 3.92 -8.78 -13.31
N LYS A 10 3.03 -8.00 -12.65
CA LYS A 10 1.66 -7.87 -13.10
C LYS A 10 1.34 -6.39 -13.35
N PRO A 11 0.36 -6.12 -14.22
CA PRO A 11 -0.06 -4.77 -14.57
C PRO A 11 -0.83 -4.14 -13.42
N ASP A 12 -0.19 -3.19 -12.71
CA ASP A 12 -0.82 -2.50 -11.59
C ASP A 12 -2.03 -1.70 -12.10
N PHE A 13 -1.95 -1.23 -13.36
CA PHE A 13 -3.02 -0.47 -13.96
C PHE A 13 -4.32 -1.27 -13.88
N CYS A 14 -4.20 -2.61 -13.86
CA CYS A 14 -5.37 -3.48 -13.79
C CYS A 14 -6.08 -3.25 -12.45
N PHE A 15 -5.29 -3.09 -11.37
CA PHE A 15 -5.85 -2.87 -10.05
C PHE A 15 -6.29 -1.41 -9.91
N LEU A 16 -6.04 -0.61 -10.97
CA LEU A 16 -6.40 0.79 -10.97
C LEU A 16 -7.93 0.92 -11.13
N GLU A 17 -8.59 1.45 -10.10
CA GLU A 17 -10.04 1.63 -10.12
C GLU A 17 -10.48 2.01 -11.54
N GLU A 18 -11.73 1.67 -11.90
CA GLU A 18 -12.26 1.99 -13.21
C GLU A 18 -12.28 3.51 -13.40
N ASP A 19 -12.04 3.95 -14.65
CA ASP A 19 -12.03 5.37 -14.96
C ASP A 19 -12.50 5.57 -16.40
N PRO A 20 -13.75 6.06 -16.57
CA PRO A 20 -14.35 6.30 -17.87
C PRO A 20 -13.83 7.61 -18.48
N GLY A 21 -13.39 8.55 -17.61
CA GLY A 21 -12.87 9.82 -18.06
C GLY A 21 -13.86 10.92 -17.68
N ILE A 22 -13.67 12.13 -18.25
CA ILE A 22 -14.55 13.26 -17.98
C ILE A 22 -15.73 13.23 -18.97
N CYS A 23 -15.43 13.07 -20.26
CA CYS A 23 -16.45 13.03 -21.29
C CYS A 23 -17.51 12.00 -20.91
N ARG A 24 -18.49 11.78 -21.80
CA ARG A 24 -19.56 10.81 -21.55
C ARG A 24 -19.27 9.53 -22.33
N GLY A 25 -19.41 9.59 -23.67
CA GLY A 25 -19.16 8.44 -24.51
C GLY A 25 -19.15 7.17 -23.65
N TYR A 26 -20.31 6.52 -23.51
CA TYR A 26 -20.35 5.31 -22.71
C TYR A 26 -20.19 4.09 -23.61
N ILE A 27 -19.51 3.05 -23.11
CA ILE A 27 -19.27 1.84 -23.87
C ILE A 27 -19.12 0.65 -22.92
N THR A 28 -19.89 -0.43 -23.17
CA THR A 28 -19.83 -1.62 -22.33
C THR A 28 -18.40 -2.15 -22.31
N ARG A 29 -17.57 -1.59 -21.40
CA ARG A 29 -16.18 -2.01 -21.28
C ARG A 29 -16.00 -2.76 -19.96
N TYR A 30 -14.86 -3.47 -19.81
CA TYR A 30 -14.64 -4.21 -18.59
C TYR A 30 -13.37 -3.69 -17.92
N PHE A 31 -13.21 -3.96 -16.62
CA PHE A 31 -12.04 -3.51 -15.86
C PHE A 31 -11.81 -4.45 -14.67
N TYR A 32 -10.54 -4.62 -14.28
CA TYR A 32 -10.25 -5.50 -13.16
C TYR A 32 -10.50 -4.74 -11.85
N ASN A 33 -11.57 -5.12 -11.13
CA ASN A 33 -11.93 -4.47 -9.87
C ASN A 33 -11.37 -5.30 -8.71
N ASN A 34 -10.53 -4.65 -7.87
CA ASN A 34 -9.93 -5.31 -6.73
C ASN A 34 -11.02 -5.67 -5.71
N GLN A 35 -12.14 -4.91 -5.74
CA GLN A 35 -13.24 -5.15 -4.83
C GLN A 35 -13.64 -6.62 -4.88
N THR A 36 -13.52 -7.24 -6.07
CA THR A 36 -13.85 -8.64 -6.25
C THR A 36 -12.67 -9.38 -6.87
N LYS A 37 -11.50 -8.71 -6.90
CA LYS A 37 -10.30 -9.30 -7.48
C LYS A 37 -10.66 -10.03 -8.77
N GLN A 38 -11.42 -9.35 -9.65
CA GLN A 38 -11.82 -9.93 -10.92
C GLN A 38 -12.10 -8.80 -11.92
N CYS A 39 -12.86 -9.11 -12.98
CA CYS A 39 -13.20 -8.14 -14.00
C CYS A 39 -14.68 -7.79 -13.90
N GLU A 40 -14.99 -6.49 -13.73
CA GLU A 40 -16.36 -6.02 -13.62
C GLU A 40 -16.68 -5.10 -14.80
N ARG A 41 -17.94 -5.14 -15.26
CA ARG A 41 -18.36 -4.31 -16.38
C ARG A 41 -18.47 -2.86 -15.91
N PHE A 42 -18.21 -1.90 -16.84
CA PHE A 42 -18.28 -0.49 -16.53
C PHE A 42 -18.25 0.31 -17.82
N LYS A 43 -18.71 1.58 -17.76
CA LYS A 43 -18.74 2.46 -18.92
C LYS A 43 -17.32 2.92 -19.23
N TYR A 44 -17.18 3.75 -20.29
CA TYR A 44 -15.86 4.23 -20.65
C TYR A 44 -16.00 5.49 -21.50
N GLY A 45 -15.73 6.67 -20.91
CA GLY A 45 -15.84 7.92 -21.62
C GLY A 45 -14.91 7.90 -22.83
N GLY A 46 -13.75 7.25 -22.70
CA GLY A 46 -12.78 7.15 -23.78
C GLY A 46 -11.94 8.43 -23.83
N CYS A 47 -12.56 9.54 -24.29
CA CYS A 47 -11.86 10.81 -24.39
C CYS A 47 -10.57 10.75 -23.58
N LEU A 48 -10.70 10.56 -22.26
CA LEU A 48 -9.55 10.48 -21.38
C LEU A 48 -9.57 9.16 -20.61
N GLY A 49 -10.27 9.13 -19.47
CA GLY A 49 -10.38 7.93 -18.66
C GLY A 49 -8.99 7.54 -18.15
N ASN A 50 -8.84 6.28 -17.70
CA ASN A 50 -7.57 5.78 -17.20
C ASN A 50 -7.15 4.56 -18.00
N MET A 51 -6.28 3.72 -17.41
CA MET A 51 -5.80 2.52 -18.06
C MET A 51 -6.88 1.42 -17.99
N ASN A 52 -7.01 0.80 -16.82
CA ASN A 52 -8.00 -0.26 -16.63
C ASN A 52 -9.24 0.05 -17.46
N ASN A 53 -9.32 -0.53 -18.67
CA ASN A 53 -10.45 -0.32 -19.56
C ASN A 53 -10.40 -1.33 -20.69
N PHE A 54 -11.08 -2.48 -20.52
CA PHE A 54 -11.11 -3.53 -21.52
C PHE A 54 -12.47 -3.53 -22.22
N GLU A 55 -12.60 -4.32 -23.29
CA GLU A 55 -13.85 -4.41 -24.04
C GLU A 55 -14.53 -5.74 -23.72
N THR A 56 -13.73 -6.79 -23.51
CA THR A 56 -14.25 -8.11 -23.20
C THR A 56 -13.75 -8.54 -21.83
N LEU A 57 -14.55 -9.38 -21.13
CA LEU A 57 -14.18 -9.87 -19.81
C LEU A 57 -12.90 -10.69 -19.90
N GLU A 58 -12.88 -11.67 -20.83
CA GLU A 58 -11.72 -12.53 -21.02
C GLU A 58 -10.49 -11.66 -21.24
N GLU A 59 -10.60 -10.66 -22.15
CA GLU A 59 -9.49 -9.77 -22.45
C GLU A 59 -8.97 -9.15 -21.15
N CYS A 60 -9.88 -8.60 -20.33
CA CYS A 60 -9.52 -7.98 -19.07
C CYS A 60 -8.85 -9.03 -18.17
N LYS A 61 -9.20 -10.30 -18.38
CA LYS A 61 -8.64 -11.39 -17.60
C LYS A 61 -7.23 -11.72 -18.11
N ASN A 62 -7.12 -11.94 -19.43
CA ASN A 62 -5.84 -12.27 -20.04
C ASN A 62 -4.80 -11.24 -19.62
N ILE A 63 -5.14 -9.94 -19.79
CA ILE A 63 -4.24 -8.86 -19.43
C ILE A 63 -4.08 -8.82 -17.91
N CYS A 64 -5.22 -8.75 -17.19
CA CYS A 64 -5.21 -8.71 -15.73
C CYS A 64 -5.02 -10.12 -15.19
N GLU A 65 -6.14 -10.85 -15.01
CA GLU A 65 -6.10 -12.21 -14.49
C GLU A 65 -4.82 -12.90 -14.96
N ASP A 66 -4.38 -12.57 -16.19
CA ASP A 66 -3.16 -13.15 -16.76
C ASP A 66 -3.54 -14.35 -17.61
N GLY A 67 -2.56 -14.88 -18.38
CA GLY A 67 -2.78 -16.03 -19.22
C GLY A 67 -1.73 -17.09 -18.92
N PRO A 68 -1.93 -18.32 -19.46
CA PRO A 68 -1.03 -19.44 -19.26
C PRO A 68 0.26 -19.26 -20.07
N ASN A 69 0.24 -18.31 -21.03
CA ASN A 69 1.39 -18.04 -21.86
C ASN A 69 2.46 -17.33 -21.04
N GLY A 70 2.07 -16.83 -19.85
CA GLY A 70 2.98 -16.13 -18.97
C GLY A 70 3.25 -14.73 -19.53
N PHE A 71 2.20 -14.07 -20.04
CA PHE A 71 2.32 -12.74 -20.60
C PHE A 71 3.40 -12.74 -21.68
N ASP A 1 -1.47 -2.14 4.93
CA ASP A 1 -1.93 -1.58 3.67
C ASP A 1 -3.34 -1.01 3.86
N TYR A 2 -4.30 -1.88 4.21
CA TYR A 2 -5.65 -1.40 4.40
C TYR A 2 -5.95 -1.28 5.89
N LYS A 3 -5.88 -0.04 6.43
CA LYS A 3 -6.13 0.20 7.84
C LYS A 3 -7.60 -0.05 8.14
N ASP A 4 -7.88 -0.67 9.31
CA ASP A 4 -9.24 -0.96 9.72
C ASP A 4 -9.22 -1.71 11.06
N ASP A 5 -9.01 -3.03 11.00
CA ASP A 5 -8.96 -3.85 12.20
C ASP A 5 -8.04 -5.05 11.96
N ASP A 6 -7.33 -5.48 13.02
CA ASP A 6 -6.42 -6.61 12.93
C ASP A 6 -6.30 -7.28 14.30
N ASP A 7 -5.51 -8.36 14.37
CA ASP A 7 -5.31 -9.10 15.61
C ASP A 7 -6.66 -9.54 16.15
N LYS A 8 -7.35 -8.65 16.87
CA LYS A 8 -8.66 -8.95 17.45
C LYS A 8 -9.13 -7.77 18.29
N LEU A 9 -10.38 -7.84 18.78
CA LEU A 9 -10.94 -6.78 19.61
C LEU A 9 -10.85 -7.19 21.08
N LYS A 10 -11.31 -6.30 21.98
CA LYS A 10 -11.28 -6.56 23.41
C LYS A 10 -11.57 -8.04 23.66
N PRO A 11 -10.98 -8.60 24.72
CA PRO A 11 -11.15 -10.00 25.09
C PRO A 11 -12.53 -10.24 25.69
N ASP A 12 -13.45 -10.79 24.88
CA ASP A 12 -14.80 -11.08 25.32
C ASP A 12 -14.75 -12.05 26.49
N PHE A 13 -13.77 -12.98 26.47
CA PHE A 13 -13.62 -13.96 27.52
C PHE A 13 -13.58 -13.25 28.88
N CYS A 14 -13.03 -12.02 28.90
CA CYS A 14 -12.94 -11.24 30.13
C CYS A 14 -14.34 -11.00 30.69
N PHE A 15 -15.30 -10.69 29.80
CA PHE A 15 -16.67 -10.44 30.19
C PHE A 15 -17.37 -11.77 30.47
N LEU A 16 -16.73 -12.89 30.06
CA LEU A 16 -17.29 -14.22 30.26
C LEU A 16 -17.47 -14.47 31.76
N GLU A 17 -18.73 -14.66 32.19
CA GLU A 17 -19.04 -14.91 33.58
C GLU A 17 -17.90 -15.71 34.22
N GLU A 18 -17.42 -15.25 35.38
CA GLU A 18 -16.34 -15.93 36.08
C GLU A 18 -16.57 -17.43 36.04
N ASP A 19 -15.51 -18.20 35.74
CA ASP A 19 -15.60 -19.66 35.68
C ASP A 19 -14.46 -20.27 36.50
N PRO A 20 -14.79 -20.77 37.70
CA PRO A 20 -13.83 -21.39 38.60
C PRO A 20 -13.52 -22.83 38.16
N GLY A 21 -14.44 -23.44 37.39
CA GLY A 21 -14.27 -24.79 36.90
C GLY A 21 -14.94 -25.77 37.88
N ILE A 22 -15.34 -26.94 37.37
CA ILE A 22 -15.99 -27.95 38.19
C ILE A 22 -15.40 -27.92 39.60
N CYS A 23 -14.18 -28.47 39.75
CA CYS A 23 -13.51 -28.50 41.04
C CYS A 23 -13.72 -27.17 41.76
N ARG A 24 -13.47 -27.15 43.08
CA ARG A 24 -13.63 -25.95 43.88
C ARG A 24 -12.26 -25.45 44.33
N GLY A 25 -11.19 -25.91 43.65
CA GLY A 25 -9.83 -25.52 43.97
C GLY A 25 -9.73 -23.98 43.93
N TYR A 26 -10.10 -23.33 45.04
CA TYR A 26 -10.03 -21.87 45.05
C TYR A 26 -8.57 -21.43 44.99
N ILE A 27 -8.31 -20.25 44.42
CA ILE A 27 -6.95 -19.74 44.29
C ILE A 27 -6.99 -18.20 44.36
N THR A 28 -8.06 -17.65 44.94
CA THR A 28 -8.21 -16.21 45.07
C THR A 28 -7.72 -15.54 43.79
N ARG A 29 -8.32 -15.93 42.63
CA ARG A 29 -7.95 -15.35 41.35
C ARG A 29 -8.80 -14.12 41.08
N TYR A 30 -8.61 -13.51 39.89
CA TYR A 30 -9.38 -12.32 39.57
C TYR A 30 -10.05 -12.50 38.20
N PHE A 31 -11.15 -11.77 37.95
CA PHE A 31 -11.87 -11.85 36.70
C PHE A 31 -12.56 -10.52 36.42
N TYR A 32 -12.63 -10.14 35.14
CA TYR A 32 -13.28 -8.88 34.80
C TYR A 32 -14.80 -9.06 34.86
N ASN A 33 -15.45 -8.40 35.83
CA ASN A 33 -16.90 -8.51 36.00
C ASN A 33 -17.56 -7.28 35.38
N ASN A 34 -18.50 -7.50 34.45
CA ASN A 34 -19.20 -6.41 33.79
C ASN A 34 -20.07 -5.67 34.82
N GLN A 35 -20.63 -6.42 35.79
CA GLN A 35 -21.46 -5.84 36.83
C GLN A 35 -20.71 -4.68 37.48
N THR A 36 -19.37 -4.73 37.45
CA THR A 36 -18.55 -3.70 38.04
C THR A 36 -17.57 -3.17 36.99
N LYS A 37 -17.84 -3.45 35.71
CA LYS A 37 -17.00 -3.02 34.61
C LYS A 37 -15.55 -2.92 35.10
N GLN A 38 -15.12 -3.90 35.90
CA GLN A 38 -13.77 -3.94 36.43
C GLN A 38 -13.37 -5.38 36.71
N CYS A 39 -12.42 -5.58 37.65
CA CYS A 39 -11.95 -6.90 38.01
C CYS A 39 -12.41 -7.23 39.43
N GLU A 40 -13.03 -8.42 39.61
CA GLU A 40 -13.51 -8.85 40.91
C GLU A 40 -12.71 -10.07 41.37
N ARG A 41 -12.38 -10.12 42.67
CA ARG A 41 -11.62 -11.23 43.23
C ARG A 41 -12.53 -12.46 43.33
N PHE A 42 -12.17 -13.54 42.61
CA PHE A 42 -12.94 -14.76 42.61
C PHE A 42 -11.99 -15.96 42.66
N LYS A 43 -12.43 -17.06 43.32
CA LYS A 43 -11.62 -18.25 43.45
C LYS A 43 -11.66 -19.03 42.13
N TYR A 44 -10.50 -19.53 41.69
CA TYR A 44 -10.47 -20.28 40.44
C TYR A 44 -10.29 -21.77 40.74
N GLY A 45 -11.41 -22.52 40.78
CA GLY A 45 -11.36 -23.94 41.07
C GLY A 45 -10.13 -24.56 40.39
N GLY A 46 -9.90 -24.20 39.12
CA GLY A 46 -8.78 -24.71 38.36
C GLY A 46 -8.99 -26.20 38.09
N CYS A 47 -9.58 -26.52 36.93
CA CYS A 47 -9.84 -27.91 36.55
C CYS A 47 -10.19 -27.97 35.06
N LEU A 48 -11.25 -27.25 34.67
CA LEU A 48 -11.69 -27.22 33.28
C LEU A 48 -12.41 -25.90 32.99
N GLY A 49 -12.04 -24.85 33.75
CA GLY A 49 -12.64 -23.54 33.58
C GLY A 49 -12.33 -23.02 32.19
N ASN A 50 -12.22 -21.68 32.05
CA ASN A 50 -11.92 -21.05 30.77
C ASN A 50 -10.96 -19.88 30.99
N MET A 51 -10.62 -19.16 29.91
CA MET A 51 -9.72 -18.03 29.98
C MET A 51 -10.03 -17.22 31.24
N ASN A 52 -11.14 -16.47 31.21
CA ASN A 52 -11.55 -15.66 32.34
C ASN A 52 -11.03 -16.28 33.64
N ASN A 53 -9.87 -15.78 34.12
CA ASN A 53 -9.27 -16.29 35.34
C ASN A 53 -7.84 -15.75 35.46
N PHE A 54 -7.70 -14.60 36.15
CA PHE A 54 -6.40 -13.98 36.34
C PHE A 54 -5.91 -14.27 37.76
N GLU A 55 -4.64 -13.92 38.04
CA GLU A 55 -4.05 -14.13 39.35
C GLU A 55 -4.03 -12.81 40.12
N THR A 56 -3.67 -11.71 39.43
CA THR A 56 -3.61 -10.41 40.05
C THR A 56 -4.60 -9.47 39.34
N LEU A 57 -5.22 -8.55 40.11
CA LEU A 57 -6.17 -7.61 39.56
C LEU A 57 -5.53 -6.85 38.40
N GLU A 58 -4.30 -6.36 38.61
CA GLU A 58 -3.57 -5.62 37.59
C GLU A 58 -3.49 -6.47 36.33
N GLU A 59 -3.31 -7.79 36.50
CA GLU A 59 -3.21 -8.70 35.37
C GLU A 59 -4.56 -8.76 34.65
N CYS A 60 -5.65 -8.88 35.41
CA CYS A 60 -6.99 -8.95 34.85
C CYS A 60 -7.33 -7.62 34.19
N LYS A 61 -6.71 -6.52 34.69
CA LYS A 61 -6.94 -5.20 34.14
C LYS A 61 -6.10 -5.02 32.88
N ASN A 62 -4.81 -5.38 32.95
CA ASN A 62 -3.91 -5.26 31.83
C ASN A 62 -4.52 -5.96 30.60
N ILE A 63 -4.93 -7.23 30.77
CA ILE A 63 -5.52 -8.00 29.69
C ILE A 63 -6.90 -7.41 29.36
N CYS A 64 -7.76 -7.26 30.39
CA CYS A 64 -9.09 -6.72 30.20
C CYS A 64 -9.01 -5.20 30.09
N GLU A 65 -9.03 -4.52 31.25
CA GLU A 65 -8.96 -3.06 31.27
C GLU A 65 -8.07 -2.58 30.13
N ASP A 66 -7.03 -3.36 29.81
CA ASP A 66 -6.11 -3.02 28.74
C ASP A 66 -4.87 -2.34 29.34
N GLY A 67 -3.80 -2.21 28.52
CA GLY A 67 -2.57 -1.59 28.97
C GLY A 67 -1.71 -1.23 27.75
N PRO A 68 -0.90 -2.20 27.28
CA PRO A 68 -0.03 -2.02 26.13
C PRO A 68 -0.82 -2.04 24.83
N ASN A 69 -0.12 -2.21 23.70
CA ASN A 69 -0.76 -2.24 22.39
C ASN A 69 -1.57 -0.96 22.19
N GLY A 70 -2.82 -0.94 22.71
CA GLY A 70 -3.69 0.21 22.59
C GLY A 70 -5.07 -0.14 23.12
N PHE A 71 -5.53 -1.38 22.84
CA PHE A 71 -6.84 -1.84 23.29
C PHE A 71 -7.11 -1.30 24.69
N ASP A 1 -1.47 -2.14 4.93
CA ASP A 1 -1.93 -1.58 3.67
C ASP A 1 -3.31 -2.15 3.33
N TYR A 2 -4.36 -1.34 3.54
CA TYR A 2 -5.69 -1.82 3.24
C TYR A 2 -5.68 -2.57 1.90
N LYS A 3 -5.16 -1.91 0.85
CA LYS A 3 -5.10 -2.51 -0.47
C LYS A 3 -6.52 -2.84 -0.94
N ASP A 4 -7.51 -2.08 -0.44
CA ASP A 4 -8.90 -2.28 -0.81
C ASP A 4 -9.78 -1.29 -0.04
N ASP A 5 -10.30 -0.27 -0.76
CA ASP A 5 -11.15 0.73 -0.15
C ASP A 5 -12.59 0.53 -0.64
N ASP A 6 -13.37 -0.28 0.10
CA ASP A 6 -14.75 -0.54 -0.25
C ASP A 6 -14.87 -0.72 -1.76
N ASP A 7 -13.82 -1.31 -2.38
CA ASP A 7 -13.81 -1.53 -3.81
C ASP A 7 -13.91 -0.20 -4.54
N LYS A 8 -13.35 -0.12 -5.76
CA LYS A 8 -13.37 1.10 -6.55
C LYS A 8 -12.10 1.91 -6.26
N LEU A 9 -12.05 3.15 -6.80
CA LEU A 9 -10.90 4.02 -6.59
C LEU A 9 -11.37 5.33 -5.96
N LYS A 10 -10.67 5.78 -4.91
CA LYS A 10 -11.02 7.00 -4.22
C LYS A 10 -9.99 8.09 -4.56
N PRO A 11 -10.43 9.36 -4.54
CA PRO A 11 -9.59 10.50 -4.85
C PRO A 11 -8.51 10.71 -3.77
N ASP A 12 -7.27 10.33 -4.09
CA ASP A 12 -6.16 10.47 -3.16
C ASP A 12 -5.94 11.95 -2.85
N PHE A 13 -6.24 12.83 -3.84
CA PHE A 13 -6.07 14.25 -3.68
C PHE A 13 -6.86 14.72 -2.46
N CYS A 14 -7.90 13.96 -2.08
CA CYS A 14 -8.74 14.28 -0.95
C CYS A 14 -7.90 14.20 0.34
N PHE A 15 -7.03 13.17 0.42
CA PHE A 15 -6.18 12.98 1.58
C PHE A 15 -4.95 13.87 1.46
N LEU A 16 -4.91 14.70 0.41
CA LEU A 16 -3.79 15.61 0.18
C LEU A 16 -3.92 16.82 1.10
N GLU A 17 -2.78 17.32 1.60
CA GLU A 17 -2.76 18.46 2.49
C GLU A 17 -3.52 19.63 1.84
N GLU A 18 -4.08 20.52 2.67
CA GLU A 18 -4.82 21.67 2.17
C GLU A 18 -3.86 22.64 1.49
N ASP A 19 -4.32 23.30 0.41
CA ASP A 19 -3.51 24.25 -0.33
C ASP A 19 -4.35 25.47 -0.68
N PRO A 20 -4.14 26.58 0.05
CA PRO A 20 -4.86 27.83 -0.16
C PRO A 20 -4.33 28.56 -1.39
N GLY A 21 -3.15 28.15 -1.88
CA GLY A 21 -2.54 28.76 -3.05
C GLY A 21 -1.70 29.95 -2.60
N ILE A 22 -1.91 31.11 -3.24
CA ILE A 22 -1.16 32.31 -2.91
C ILE A 22 -2.14 33.47 -2.65
N CYS A 23 -2.84 33.92 -3.71
CA CYS A 23 -3.80 34.99 -3.61
C CYS A 23 -4.45 34.96 -2.21
N ARG A 24 -3.83 35.68 -1.25
CA ARG A 24 -4.33 35.73 0.11
C ARG A 24 -5.66 36.48 0.13
N GLY A 25 -6.71 35.88 -0.48
CA GLY A 25 -8.02 36.50 -0.53
C GLY A 25 -8.94 35.81 0.48
N TYR A 26 -8.66 34.53 0.78
CA TYR A 26 -9.50 33.81 1.72
C TYR A 26 -10.93 33.75 1.18
N ILE A 27 -11.35 32.56 0.74
CA ILE A 27 -12.69 32.38 0.20
C ILE A 27 -13.41 31.27 0.97
N THR A 28 -12.96 31.03 2.22
CA THR A 28 -13.56 30.01 3.06
C THR A 28 -13.85 28.77 2.22
N ARG A 29 -12.82 27.92 2.02
CA ARG A 29 -12.96 26.70 1.24
C ARG A 29 -12.91 25.49 2.19
N TYR A 30 -13.21 24.29 1.64
CA TYR A 30 -13.19 23.11 2.48
C TYR A 30 -12.21 22.09 1.90
N PHE A 31 -11.77 21.13 2.72
CA PHE A 31 -10.83 20.11 2.29
C PHE A 31 -10.93 18.90 3.21
N TYR A 32 -10.62 17.71 2.67
CA TYR A 32 -10.71 16.50 3.49
C TYR A 32 -9.42 16.36 4.31
N ASN A 33 -9.43 16.84 5.56
CA ASN A 33 -8.26 16.77 6.42
C ASN A 33 -8.22 15.39 7.09
N ASN A 34 -7.11 14.66 6.89
CA ASN A 34 -6.94 13.34 7.47
C ASN A 34 -6.78 13.47 8.99
N GLN A 35 -6.32 14.65 9.45
CA GLN A 35 -6.12 14.90 10.87
C GLN A 35 -7.38 14.51 11.63
N THR A 36 -8.56 14.83 11.07
CA THR A 36 -9.83 14.51 11.69
C THR A 36 -10.54 13.45 10.85
N LYS A 37 -10.00 13.13 9.67
CA LYS A 37 -10.58 12.15 8.78
C LYS A 37 -11.96 12.63 8.33
N GLN A 38 -12.02 13.86 7.80
CA GLN A 38 -13.27 14.45 7.33
C GLN A 38 -12.98 15.78 6.65
N CYS A 39 -14.04 16.48 6.22
CA CYS A 39 -13.91 17.77 5.56
C CYS A 39 -13.81 18.88 6.62
N GLU A 40 -12.75 19.71 6.51
CA GLU A 40 -12.54 20.80 7.45
C GLU A 40 -12.53 22.13 6.69
N ARG A 41 -13.05 23.19 7.32
CA ARG A 41 -13.09 24.51 6.70
C ARG A 41 -11.72 25.16 6.82
N PHE A 42 -11.08 25.43 5.67
CA PHE A 42 -9.77 26.05 5.64
C PHE A 42 -9.78 27.23 4.67
N LYS A 43 -8.97 28.27 4.95
CA LYS A 43 -8.89 29.44 4.11
C LYS A 43 -8.39 29.03 2.72
N TYR A 44 -8.60 29.91 1.72
CA TYR A 44 -8.15 29.58 0.38
C TYR A 44 -7.40 30.77 -0.21
N GLY A 45 -6.31 31.21 0.47
CA GLY A 45 -5.52 32.33 0.01
C GLY A 45 -4.84 31.98 -1.31
N GLY A 46 -5.64 31.84 -2.38
CA GLY A 46 -5.12 31.50 -3.69
C GLY A 46 -6.23 31.61 -4.73
N CYS A 47 -5.87 31.55 -6.02
CA CYS A 47 -6.85 31.64 -7.09
C CYS A 47 -6.99 30.27 -7.76
N LEU A 48 -6.09 29.33 -7.42
CA LEU A 48 -6.14 27.99 -7.97
C LEU A 48 -5.11 27.11 -7.25
N GLY A 49 -5.40 26.76 -5.98
CA GLY A 49 -4.50 25.93 -5.19
C GLY A 49 -4.53 24.51 -5.72
N ASN A 50 -4.59 23.52 -4.81
CA ASN A 50 -4.63 22.12 -5.20
C ASN A 50 -6.07 21.70 -5.49
N MET A 51 -6.31 20.38 -5.58
CA MET A 51 -7.63 19.86 -5.86
C MET A 51 -8.43 19.77 -4.55
N ASN A 52 -7.71 19.52 -3.43
CA ASN A 52 -8.34 19.41 -2.13
C ASN A 52 -8.67 20.81 -1.61
N ASN A 53 -9.49 21.56 -2.38
CA ASN A 53 -9.88 22.90 -2.00
C ASN A 53 -11.33 23.15 -2.42
N PHE A 54 -12.26 22.33 -1.89
CA PHE A 54 -13.67 22.46 -2.20
C PHE A 54 -14.18 23.81 -1.70
N GLU A 55 -15.43 24.16 -2.05
CA GLU A 55 -16.03 25.42 -1.64
C GLU A 55 -17.09 25.14 -0.56
N THR A 56 -17.67 23.92 -0.59
CA THR A 56 -18.68 23.54 0.38
C THR A 56 -18.27 22.22 1.05
N LEU A 57 -18.61 22.06 2.34
CA LEU A 57 -18.29 20.86 3.09
C LEU A 57 -18.91 19.65 2.39
N GLU A 58 -20.22 19.72 2.11
CA GLU A 58 -20.93 18.65 1.45
C GLU A 58 -20.19 18.25 0.17
N GLU A 59 -19.88 19.25 -0.68
CA GLU A 59 -19.17 19.02 -1.93
C GLU A 59 -17.89 18.25 -1.64
N CYS A 60 -17.14 18.67 -0.61
CA CYS A 60 -15.90 18.02 -0.24
C CYS A 60 -16.20 16.60 0.25
N LYS A 61 -17.42 16.38 0.77
CA LYS A 61 -17.83 15.08 1.28
C LYS A 61 -18.17 14.18 0.09
N ASN A 62 -19.06 14.67 -0.80
CA ASN A 62 -19.48 13.91 -1.96
C ASN A 62 -18.24 13.40 -2.71
N ILE A 63 -17.29 14.32 -2.99
CA ILE A 63 -16.07 13.97 -3.69
C ILE A 63 -15.21 13.09 -2.80
N CYS A 64 -14.89 13.58 -1.58
CA CYS A 64 -14.07 12.85 -0.64
C CYS A 64 -14.92 11.79 0.06
N GLU A 65 -15.61 12.18 1.14
CA GLU A 65 -16.46 11.27 1.89
C GLU A 65 -17.13 10.29 0.92
N ASP A 66 -17.41 10.75 -0.31
CA ASP A 66 -18.03 9.92 -1.31
C ASP A 66 -19.55 10.13 -1.27
N GLY A 67 -20.09 10.41 -0.07
CA GLY A 67 -21.51 10.62 0.10
C GLY A 67 -22.05 9.66 1.17
N PRO A 68 -23.31 9.87 1.58
CA PRO A 68 -23.97 9.05 2.59
C PRO A 68 -24.39 7.70 2.00
N ASN A 69 -23.89 6.60 2.59
CA ASN A 69 -24.20 5.26 2.12
C ASN A 69 -24.33 5.27 0.60
N GLY A 70 -23.21 5.02 -0.09
CA GLY A 70 -23.20 5.00 -1.55
C GLY A 70 -22.57 6.30 -2.07
N PHE A 71 -23.35 7.10 -2.82
CA PHE A 71 -22.88 8.35 -3.37
C PHE A 71 -24.06 9.32 -3.49
N ASP A 1 -1.47 -2.14 4.93
CA ASP A 1 -1.93 -1.58 3.67
C ASP A 1 -0.73 -0.99 2.92
N TYR A 2 -0.69 -1.21 1.59
CA TYR A 2 0.42 -0.68 0.82
C TYR A 2 0.14 -0.86 -0.67
N LYS A 3 0.92 -0.18 -1.52
CA LYS A 3 0.74 -0.27 -2.96
C LYS A 3 -0.63 0.33 -3.33
N ASP A 4 -0.75 0.80 -4.60
CA ASP A 4 -1.99 1.38 -5.07
C ASP A 4 -2.65 0.44 -6.09
N ASP A 5 -2.10 0.40 -7.31
CA ASP A 5 -2.62 -0.46 -8.37
C ASP A 5 -3.74 0.27 -9.09
N ASP A 6 -3.47 0.71 -10.34
CA ASP A 6 -4.45 1.42 -11.14
C ASP A 6 -5.73 0.58 -11.22
N ASP A 7 -5.60 -0.75 -11.09
CA ASP A 7 -6.74 -1.64 -11.14
C ASP A 7 -7.66 -1.37 -9.95
N LYS A 8 -8.51 -0.33 -10.08
CA LYS A 8 -9.44 0.04 -9.01
C LYS A 8 -10.77 0.47 -9.64
N LEU A 9 -10.92 1.77 -9.90
CA LEU A 9 -12.13 2.32 -10.49
C LEU A 9 -13.24 2.32 -9.44
N LYS A 10 -14.51 2.29 -9.90
CA LYS A 10 -15.65 2.30 -9.01
C LYS A 10 -16.70 1.30 -9.53
N PRO A 11 -17.46 0.69 -8.61
CA PRO A 11 -18.50 -0.27 -8.94
C PRO A 11 -19.68 0.41 -9.61
N ASP A 12 -19.82 0.20 -10.94
CA ASP A 12 -20.91 0.80 -11.70
C ASP A 12 -22.25 0.25 -11.19
N PHE A 13 -22.22 -0.98 -10.65
CA PHE A 13 -23.42 -1.61 -10.13
C PHE A 13 -24.03 -0.73 -9.04
N CYS A 14 -23.19 0.09 -8.40
CA CYS A 14 -23.64 0.98 -7.34
C CYS A 14 -24.60 2.02 -7.93
N PHE A 15 -24.32 2.48 -9.15
CA PHE A 15 -25.15 3.46 -9.81
C PHE A 15 -26.30 2.75 -10.54
N LEU A 16 -26.40 1.42 -10.35
CA LEU A 16 -27.43 0.63 -10.97
C LEU A 16 -28.75 0.83 -10.22
N GLU A 17 -29.80 1.28 -10.95
CA GLU A 17 -31.10 1.51 -10.35
C GLU A 17 -31.42 0.38 -9.38
N GLU A 18 -31.99 0.74 -8.21
CA GLU A 18 -32.33 -0.24 -7.19
C GLU A 18 -33.26 -1.29 -7.80
N ASP A 19 -33.17 -2.54 -7.29
CA ASP A 19 -33.98 -3.63 -7.79
C ASP A 19 -34.34 -4.56 -6.63
N PRO A 20 -35.62 -4.55 -6.21
CA PRO A 20 -36.11 -5.37 -5.12
C PRO A 20 -36.47 -6.78 -5.62
N GLY A 21 -35.72 -7.26 -6.62
CA GLY A 21 -35.95 -8.58 -7.18
C GLY A 21 -37.46 -8.82 -7.33
N ILE A 22 -37.90 -10.06 -7.07
CA ILE A 22 -39.32 -10.41 -7.18
C ILE A 22 -39.73 -11.23 -5.95
N CYS A 23 -39.78 -10.57 -4.78
CA CYS A 23 -40.15 -11.24 -3.54
C CYS A 23 -40.51 -10.19 -2.49
N ARG A 24 -41.73 -9.64 -2.58
CA ARG A 24 -42.19 -8.62 -1.64
C ARG A 24 -41.31 -8.67 -0.39
N GLY A 25 -41.18 -9.86 0.22
CA GLY A 25 -40.38 -10.03 1.42
C GLY A 25 -39.40 -8.87 1.54
N TYR A 26 -39.81 -7.80 2.23
CA TYR A 26 -38.93 -6.66 2.38
C TYR A 26 -37.84 -6.99 3.41
N ILE A 27 -36.61 -6.48 3.20
CA ILE A 27 -35.50 -6.73 4.09
C ILE A 27 -34.78 -5.42 4.38
N THR A 28 -35.48 -4.28 4.20
CA THR A 28 -34.90 -2.97 4.44
C THR A 28 -33.42 -3.00 4.07
N ARG A 29 -33.12 -2.76 2.78
CA ARG A 29 -31.74 -2.76 2.30
C ARG A 29 -31.37 -1.35 1.85
N TYR A 30 -30.11 -1.16 1.43
CA TYR A 30 -29.70 0.16 0.98
C TYR A 30 -29.09 0.07 -0.42
N PHE A 31 -29.03 1.21 -1.13
CA PHE A 31 -28.49 1.23 -2.48
C PHE A 31 -27.99 2.65 -2.80
N TYR A 32 -26.98 2.75 -3.68
CA TYR A 32 -26.46 4.07 -4.02
C TYR A 32 -27.33 4.69 -5.10
N ASN A 33 -28.38 5.43 -4.69
CA ASN A 33 -29.28 6.07 -5.62
C ASN A 33 -28.52 7.13 -6.43
N ASN A 34 -28.39 6.90 -7.76
CA ASN A 34 -27.70 7.82 -8.63
C ASN A 34 -28.44 9.16 -8.66
N GLN A 35 -29.79 9.09 -8.58
CA GLN A 35 -30.60 10.29 -8.60
C GLN A 35 -30.22 11.19 -7.41
N THR A 36 -29.60 10.59 -6.38
CA THR A 36 -29.18 11.33 -5.20
C THR A 36 -27.71 11.05 -4.93
N LYS A 37 -27.03 10.37 -5.88
CA LYS A 37 -25.62 10.06 -5.74
C LYS A 37 -25.30 9.80 -4.27
N GLN A 38 -26.15 8.98 -3.61
CA GLN A 38 -25.95 8.65 -2.20
C GLN A 38 -26.69 7.35 -1.88
N CYS A 39 -26.36 6.73 -0.73
CA CYS A 39 -26.99 5.49 -0.32
C CYS A 39 -28.36 5.80 0.29
N GLU A 40 -29.43 5.29 -0.35
CA GLU A 40 -30.78 5.52 0.12
C GLU A 40 -31.39 4.18 0.57
N ARG A 41 -32.21 4.22 1.63
CA ARG A 41 -32.85 3.03 2.15
C ARG A 41 -34.02 2.63 1.24
N PHE A 42 -33.91 1.45 0.61
CA PHE A 42 -34.95 0.96 -0.27
C PHE A 42 -35.32 -0.48 0.11
N LYS A 43 -36.58 -0.86 -0.13
CA LYS A 43 -37.06 -2.19 0.19
C LYS A 43 -36.40 -3.21 -0.75
N TYR A 44 -36.20 -4.44 -0.25
CA TYR A 44 -35.58 -5.45 -1.10
C TYR A 44 -36.53 -6.64 -1.26
N GLY A 45 -37.81 -6.36 -1.60
CA GLY A 45 -38.80 -7.39 -1.77
C GLY A 45 -38.42 -8.28 -2.97
N GLY A 46 -37.23 -8.91 -2.89
CA GLY A 46 -36.75 -9.77 -3.95
C GLY A 46 -35.88 -10.88 -3.36
N CYS A 47 -35.93 -12.08 -3.97
CA CYS A 47 -35.16 -13.21 -3.49
C CYS A 47 -33.81 -13.25 -4.22
N LEU A 48 -33.41 -12.10 -4.80
CA LEU A 48 -32.15 -11.99 -5.52
C LEU A 48 -31.88 -10.53 -5.83
N GLY A 49 -32.88 -9.83 -6.40
CA GLY A 49 -32.74 -8.43 -6.76
C GLY A 49 -31.47 -8.24 -7.60
N ASN A 50 -30.91 -7.02 -7.57
CA ASN A 50 -29.71 -6.71 -8.33
C ASN A 50 -28.51 -6.67 -7.38
N MET A 51 -27.38 -6.10 -7.86
CA MET A 51 -26.18 -6.00 -7.06
C MET A 51 -26.30 -4.81 -6.10
N ASN A 52 -26.84 -3.68 -6.61
CA ASN A 52 -27.01 -2.48 -5.82
C ASN A 52 -28.07 -2.74 -4.75
N ASN A 53 -27.80 -3.69 -3.84
CA ASN A 53 -28.72 -4.03 -2.77
C ASN A 53 -27.93 -4.36 -1.51
N PHE A 54 -27.41 -3.33 -0.83
CA PHE A 54 -26.65 -3.50 0.40
C PHE A 54 -27.60 -3.74 1.56
N GLU A 55 -27.06 -4.20 2.70
CA GLU A 55 -27.86 -4.46 3.89
C GLU A 55 -27.71 -3.30 4.87
N THR A 56 -26.56 -2.60 4.79
CA THR A 56 -26.29 -1.47 5.66
C THR A 56 -25.89 -0.25 4.82
N LEU A 57 -26.26 0.94 5.28
CA LEU A 57 -25.94 2.18 4.57
C LEU A 57 -24.43 2.29 4.43
N GLU A 58 -23.69 2.16 5.55
CA GLU A 58 -22.24 2.25 5.55
C GLU A 58 -21.69 1.28 4.49
N GLU A 59 -22.12 0.02 4.54
CA GLU A 59 -21.67 -0.99 3.61
C GLU A 59 -21.88 -0.49 2.18
N CYS A 60 -23.04 0.14 1.92
CA CYS A 60 -23.35 0.67 0.61
C CYS A 60 -22.43 1.85 0.31
N LYS A 61 -21.98 2.55 1.36
CA LYS A 61 -21.10 3.69 1.20
C LYS A 61 -19.66 3.21 0.98
N ASN A 62 -19.17 2.33 1.87
CA ASN A 62 -17.83 1.79 1.78
C ASN A 62 -17.63 1.21 0.37
N ILE A 63 -18.65 0.52 -0.15
CA ILE A 63 -18.59 -0.09 -1.47
C ILE A 63 -18.77 0.99 -2.53
N CYS A 64 -19.89 1.75 -2.44
CA CYS A 64 -20.17 2.81 -3.39
C CYS A 64 -19.35 4.05 -3.02
N GLU A 65 -19.92 4.91 -2.15
CA GLU A 65 -19.25 6.13 -1.73
C GLU A 65 -17.74 5.89 -1.69
N ASP A 66 -17.34 4.66 -1.30
CA ASP A 66 -15.94 4.31 -1.23
C ASP A 66 -15.18 5.39 -0.47
N GLY A 67 -14.97 5.19 0.83
CA GLY A 67 -14.26 6.14 1.67
C GLY A 67 -13.04 6.68 0.90
N PRO A 68 -12.49 7.81 1.36
CA PRO A 68 -11.34 8.46 0.75
C PRO A 68 -10.06 7.70 1.08
N ASN A 69 -10.07 6.93 2.19
CA ASN A 69 -8.92 6.16 2.62
C ASN A 69 -8.32 5.44 1.41
N GLY A 70 -9.16 5.12 0.42
CA GLY A 70 -8.71 4.44 -0.78
C GLY A 70 -9.30 3.02 -0.80
N PHE A 71 -10.00 2.69 -1.90
CA PHE A 71 -10.62 1.37 -2.04
C PHE A 71 -10.89 1.10 -3.51
N ASP A 1 -1.47 -2.14 4.93
CA ASP A 1 -1.93 -1.58 3.67
C ASP A 1 -0.72 -1.31 2.78
N TYR A 2 -0.59 -2.09 1.69
CA TYR A 2 0.54 -1.90 0.80
C TYR A 2 0.06 -1.17 -0.47
N LYS A 3 0.85 -0.20 -0.95
CA LYS A 3 0.49 0.56 -2.14
C LYS A 3 0.41 -0.38 -3.34
N ASP A 4 1.53 -1.06 -3.65
CA ASP A 4 1.58 -1.99 -4.77
C ASP A 4 1.44 -3.42 -4.25
N ASP A 5 0.45 -4.17 -4.77
CA ASP A 5 0.21 -5.53 -4.36
C ASP A 5 -1.08 -6.05 -5.00
N ASP A 6 -1.26 -7.37 -5.03
CA ASP A 6 -2.44 -7.98 -5.61
C ASP A 6 -2.87 -9.17 -4.76
N ASP A 7 -3.78 -10.00 -5.28
CA ASP A 7 -4.28 -11.17 -4.58
C ASP A 7 -3.13 -12.17 -4.38
N LYS A 8 -2.20 -11.84 -3.47
CA LYS A 8 -1.06 -12.70 -3.19
C LYS A 8 -1.18 -13.28 -1.78
N LEU A 9 -2.44 -13.42 -1.29
CA LEU A 9 -2.69 -13.94 0.04
C LEU A 9 -2.77 -15.47 -0.03
N LYS A 10 -2.44 -16.14 1.09
CA LYS A 10 -2.48 -17.59 1.16
C LYS A 10 -3.55 -18.02 2.16
N PRO A 11 -4.40 -18.98 1.76
CA PRO A 11 -5.47 -19.51 2.59
C PRO A 11 -4.92 -20.00 3.94
N ASP A 12 -5.25 -19.27 5.02
CA ASP A 12 -4.79 -19.63 6.36
C ASP A 12 -5.38 -20.99 6.74
N PHE A 13 -6.56 -21.32 6.17
CA PHE A 13 -7.22 -22.59 6.45
C PHE A 13 -6.27 -23.74 6.12
N CYS A 14 -5.33 -23.49 5.19
CA CYS A 14 -4.37 -24.50 4.78
C CYS A 14 -3.43 -24.81 5.95
N PHE A 15 -3.13 -23.78 6.76
CA PHE A 15 -2.25 -23.92 7.90
C PHE A 15 -3.05 -24.43 9.10
N LEU A 16 -4.30 -24.84 8.85
CA LEU A 16 -5.16 -25.34 9.90
C LEU A 16 -5.03 -26.86 9.99
N GLU A 17 -4.70 -27.36 11.20
CA GLU A 17 -4.53 -28.79 11.42
C GLU A 17 -5.66 -29.54 10.72
N GLU A 18 -5.37 -30.75 10.22
CA GLU A 18 -6.35 -31.57 9.53
C GLU A 18 -7.64 -31.62 10.38
N ASP A 19 -8.79 -31.59 9.69
CA ASP A 19 -10.08 -31.62 10.37
C ASP A 19 -11.01 -32.61 9.64
N PRO A 20 -11.03 -33.87 10.09
CA PRO A 20 -11.85 -34.92 9.51
C PRO A 20 -13.31 -34.74 9.89
N GLY A 21 -13.60 -33.72 10.72
CA GLY A 21 -14.96 -33.44 11.16
C GLY A 21 -15.25 -34.23 12.43
N ILE A 22 -16.11 -35.26 12.32
CA ILE A 22 -16.47 -36.09 13.46
C ILE A 22 -16.81 -37.50 12.97
N CYS A 23 -18.10 -37.76 12.74
CA CYS A 23 -18.56 -39.07 12.27
C CYS A 23 -17.34 -39.94 11.98
N ARG A 24 -17.22 -40.40 10.71
CA ARG A 24 -16.12 -41.25 10.30
C ARG A 24 -16.17 -41.45 8.78
N GLY A 25 -16.60 -40.40 8.05
CA GLY A 25 -16.70 -40.46 6.60
C GLY A 25 -15.48 -41.18 6.04
N TYR A 26 -14.29 -40.58 6.24
CA TYR A 26 -13.08 -41.21 5.73
C TYR A 26 -13.15 -41.26 4.20
N ILE A 27 -12.17 -40.62 3.53
CA ILE A 27 -12.13 -40.58 2.07
C ILE A 27 -10.69 -40.41 1.61
N THR A 28 -9.73 -40.85 2.45
CA THR A 28 -8.31 -40.74 2.13
C THR A 28 -8.05 -39.39 1.45
N ARG A 29 -8.49 -38.30 2.09
CA ARG A 29 -8.30 -36.96 1.55
C ARG A 29 -6.90 -36.46 1.91
N TYR A 30 -6.58 -35.22 1.50
CA TYR A 30 -5.26 -34.70 1.81
C TYR A 30 -5.41 -33.33 2.50
N PHE A 31 -4.38 -32.92 3.25
CA PHE A 31 -4.41 -31.65 3.96
C PHE A 31 -2.99 -31.10 4.07
N TYR A 32 -2.87 -29.77 4.26
CA TYR A 32 -1.54 -29.18 4.37
C TYR A 32 -1.11 -29.20 5.84
N ASN A 33 -0.17 -30.10 6.18
CA ASN A 33 0.32 -30.22 7.54
C ASN A 33 1.47 -29.23 7.76
N ASN A 34 1.35 -28.39 8.80
CA ASN A 34 2.35 -27.40 9.12
C ASN A 34 3.59 -28.09 9.69
N GLN A 35 3.36 -29.21 10.41
CA GLN A 35 4.45 -29.97 11.01
C GLN A 35 5.35 -30.52 9.91
N THR A 36 4.82 -30.59 8.68
CA THR A 36 5.58 -31.09 7.54
C THR A 36 5.57 -30.05 6.42
N LYS A 37 5.04 -28.86 6.72
CA LYS A 37 4.97 -27.77 5.75
C LYS A 37 4.71 -28.37 4.36
N GLN A 38 3.77 -29.33 4.28
CA GLN A 38 3.43 -29.97 3.02
C GLN A 38 2.02 -30.54 3.10
N CYS A 39 1.67 -31.43 2.16
CA CYS A 39 0.36 -32.06 2.13
C CYS A 39 0.47 -33.51 2.60
N GLU A 40 -0.25 -33.85 3.68
CA GLU A 40 -0.22 -35.20 4.22
C GLU A 40 -1.59 -35.85 4.03
N ARG A 41 -1.59 -37.17 3.76
CA ARG A 41 -2.82 -37.91 3.55
C ARG A 41 -3.56 -38.07 4.89
N PHE A 42 -4.91 -38.13 4.83
CA PHE A 42 -5.72 -38.28 6.03
C PHE A 42 -7.17 -38.52 5.62
N LYS A 43 -7.97 -39.06 6.56
CA LYS A 43 -9.37 -39.34 6.30
C LYS A 43 -10.20 -38.08 6.57
N TYR A 44 -11.37 -37.99 5.93
CA TYR A 44 -12.21 -36.82 6.13
C TYR A 44 -13.57 -37.25 6.67
N GLY A 45 -13.66 -37.46 8.00
CA GLY A 45 -14.90 -37.89 8.63
C GLY A 45 -16.08 -37.28 7.88
N GLY A 46 -15.92 -36.03 7.41
CA GLY A 46 -16.97 -35.34 6.67
C GLY A 46 -18.22 -35.26 7.54
N CYS A 47 -18.34 -34.18 8.33
CA CYS A 47 -19.47 -33.98 9.21
C CYS A 47 -19.42 -32.58 9.81
N LEU A 48 -18.21 -32.16 10.25
CA LEU A 48 -18.02 -30.85 10.84
C LEU A 48 -16.52 -30.53 10.88
N GLY A 49 -15.81 -30.79 9.77
CA GLY A 49 -14.39 -30.53 9.67
C GLY A 49 -14.16 -29.06 9.34
N ASN A 50 -13.16 -28.78 8.48
CA ASN A 50 -12.85 -27.42 8.08
C ASN A 50 -12.54 -27.39 6.59
N MET A 51 -11.95 -26.27 6.11
CA MET A 51 -11.61 -26.12 4.71
C MET A 51 -10.16 -26.57 4.49
N ASN A 52 -9.69 -27.51 5.32
CA ASN A 52 -8.34 -28.03 5.22
C ASN A 52 -8.39 -29.49 4.77
N ASN A 53 -9.31 -29.80 3.85
CA ASN A 53 -9.46 -31.15 3.33
C ASN A 53 -9.47 -31.12 1.80
N PHE A 54 -8.52 -31.85 1.18
CA PHE A 54 -8.42 -31.89 -0.27
C PHE A 54 -8.63 -33.33 -0.75
N GLU A 55 -8.94 -33.50 -2.05
CA GLU A 55 -9.16 -34.81 -2.62
C GLU A 55 -7.84 -35.37 -3.17
N THR A 56 -7.08 -34.52 -3.87
CA THR A 56 -5.81 -34.92 -4.45
C THR A 56 -4.68 -34.14 -3.76
N LEU A 57 -3.51 -34.77 -3.60
CA LEU A 57 -2.37 -34.14 -2.98
C LEU A 57 -2.03 -32.84 -3.72
N GLU A 58 -1.89 -32.93 -5.06
CA GLU A 58 -1.58 -31.77 -5.87
C GLU A 58 -2.57 -30.65 -5.57
N GLU A 59 -3.88 -30.99 -5.55
CA GLU A 59 -4.92 -30.02 -5.27
C GLU A 59 -4.61 -29.30 -3.97
N CYS A 60 -4.19 -30.07 -2.94
CA CYS A 60 -3.87 -29.51 -1.64
C CYS A 60 -2.63 -28.62 -1.77
N LYS A 61 -1.76 -28.93 -2.75
CA LYS A 61 -0.55 -28.16 -2.99
C LYS A 61 -0.90 -26.88 -3.75
N ASN A 62 -1.60 -27.03 -4.89
CA ASN A 62 -2.00 -25.90 -5.71
C ASN A 62 -2.71 -24.86 -4.83
N ILE A 63 -3.58 -25.34 -3.93
CA ILE A 63 -4.32 -24.46 -3.03
C ILE A 63 -3.39 -23.95 -1.93
N CYS A 64 -2.69 -24.88 -1.25
CA CYS A 64 -1.78 -24.52 -0.18
C CYS A 64 -0.42 -24.17 -0.78
N GLU A 65 0.39 -25.21 -1.08
CA GLU A 65 1.70 -25.01 -1.67
C GLU A 65 1.67 -23.79 -2.60
N ASP A 66 0.52 -23.58 -3.27
CA ASP A 66 0.37 -22.47 -4.18
C ASP A 66 1.41 -22.57 -5.30
N GLY A 67 1.11 -21.95 -6.46
CA GLY A 67 2.01 -21.97 -7.59
C GLY A 67 2.71 -20.62 -7.72
N PRO A 68 3.51 -20.45 -8.79
CA PRO A 68 4.24 -19.22 -9.06
C PRO A 68 3.31 -18.12 -9.55
N ASN A 69 2.90 -18.21 -10.83
CA ASN A 69 2.01 -17.23 -11.42
C ASN A 69 0.78 -17.03 -10.52
N GLY A 70 0.32 -15.78 -10.39
CA GLY A 70 -0.82 -15.45 -9.56
C GLY A 70 -0.73 -16.24 -8.25
N PHE A 71 -1.43 -17.40 -8.20
CA PHE A 71 -1.43 -18.24 -7.02
C PHE A 71 -1.65 -19.70 -7.43
#